data_6MVU
#
_entry.id   6MVU
#
_cell.length_a   79.383
_cell.length_b   119.623
_cell.length_c   158.670
_cell.angle_alpha   90.000
_cell.angle_beta   90.000
_cell.angle_gamma   90.000
#
_symmetry.space_group_name_H-M   'P 21 21 21'
#
loop_
_entity.id
_entity.type
_entity.pdbx_description
1 polymer 'Aldehyde dehydrogenase'
2 non-polymer '4-nitrophenyl acetate'
3 non-polymer GLYCEROL
4 non-polymer 'SULFATE ION'
5 water water
#
_entity_poly.entity_id   1
_entity_poly.type   'polypeptide(L)'
_entity_poly.pdbx_seq_one_letter_code
;SMTVKEIFETMDYGPAPESAKEAYAWLAEKGDFGHFIGGAWTAPGDLFATVNPATGQTLAQVSQATQADVDAAVKAARKA
QPAWAKDGAARARVLYALARLLQKHARLFAVLETLDNGKPIREARDIDVPLAQRHFYHHAGYAQLMGTEMPDRAPLGVCG
QVIPWNFPLLMLAWKIAPALAMGNTVVLKPAEWTPLTALLFADICGQAGVPAGVVNIVTGDGAVGEMIVTAQVDKVAFTG
STAVGRRIREATAGTGKALSLELGGKGPYVVCDDADIDSAVEGLVDAIWFNQGQVACAGSRLLVQEGIADVFHAKLRARM
DSLRIGDPLDKCIDIGAMVHPDQLARVRDMVAANTDGEVYQTAVPAGCYYPPTLISGLAPASPLMQQEIFGPVLVSTTFR
TPAEAVEIANNTAYGLAASVWSENVNLALDLAPKLVAGIVWINGTNMMDAAAPFGGVRESGFGREGGWEGLAGYTRPAIA
TKSPAAVAAYTGDGAADGLDRTAKLYIGGKQTRPDGGYSRAVYGPKGKLLGHASLSNRKDLRNAVEAMNAASGWSRTTGH
LRAQILYFIGENLSARADEFANRIKDMTGKDGKAEVAASIDRLFSAAAWADKYDGQVKGVPLRGVALAMKEPVGKIGILC
PDAAPLLGLVSLMAPAIAMGNRVTLAASEAFPLAATDFYQVLDTSDVPAGVVNILTGAHADLAEPMARHLDLDAVWGLSG
HAQVIEAASAGNLKRSWTGPFDPAHDHTRDILSHATEVKTIWVPYGA
;
_entity_poly.pdbx_strand_id   A,B
#
# COMPACT_ATOMS: atom_id res chain seq x y z
N ALA A 16 -42.79 19.77 -7.82
CA ALA A 16 -42.88 20.50 -6.56
C ALA A 16 -41.60 20.33 -5.75
N PRO A 17 -41.07 21.45 -5.24
CA PRO A 17 -39.82 21.39 -4.47
C PRO A 17 -39.99 20.63 -3.17
N GLU A 18 -38.85 20.29 -2.56
CA GLU A 18 -38.84 19.59 -1.29
C GLU A 18 -39.41 20.48 -0.19
N SER A 19 -40.08 19.84 0.77
CA SER A 19 -40.64 20.56 1.90
C SER A 19 -39.52 20.95 2.87
N ALA A 20 -39.53 22.22 3.26
CA ALA A 20 -38.59 22.70 4.27
C ALA A 20 -39.24 22.78 5.65
N LYS A 21 -40.41 22.15 5.83
CA LYS A 21 -41.17 22.35 7.05
C LYS A 21 -40.41 21.88 8.28
N GLU A 22 -39.75 20.73 8.19
CA GLU A 22 -39.00 20.24 9.34
C GLU A 22 -37.77 21.10 9.61
N ALA A 23 -37.12 21.59 8.55
CA ALA A 23 -35.99 22.49 8.75
C ALA A 23 -36.44 23.76 9.46
N TYR A 24 -37.55 24.34 9.01
CA TYR A 24 -38.07 25.54 9.67
C TYR A 24 -38.45 25.24 11.11
N ALA A 25 -39.03 24.06 11.37
CA ALA A 25 -39.39 23.71 12.74
C ALA A 25 -38.16 23.66 13.63
N TRP A 26 -37.07 23.05 13.15
CA TRP A 26 -35.86 22.99 13.94
C TRP A 26 -35.31 24.39 14.21
N LEU A 27 -35.27 25.24 13.17
CA LEU A 27 -34.77 26.59 13.35
C LEU A 27 -35.60 27.34 14.39
N ALA A 28 -36.93 27.14 14.36
CA ALA A 28 -37.82 27.80 15.30
C ALA A 28 -37.56 27.33 16.73
N GLU A 29 -37.32 26.03 16.91
CA GLU A 29 -37.00 25.51 18.23
C GLU A 29 -35.70 26.10 18.75
N LYS A 30 -34.70 26.22 17.88
CA LYS A 30 -33.41 26.72 18.31
C LYS A 30 -33.44 28.22 18.57
N GLY A 31 -34.38 28.94 17.95
CA GLY A 31 -34.46 30.38 18.14
C GLY A 31 -33.15 31.04 17.74
N ASP A 32 -32.90 32.19 18.36
CA ASP A 32 -31.60 32.85 18.18
C ASP A 32 -30.51 31.95 18.76
N PHE A 33 -29.43 31.79 18.01
CA PHE A 33 -28.36 30.89 18.40
C PHE A 33 -27.30 31.61 19.22
N GLY A 34 -26.87 30.97 20.30
CA GLY A 34 -25.57 31.22 20.87
C GLY A 34 -24.58 30.21 20.30
N HIS A 35 -23.65 29.74 21.12
CA HIS A 35 -22.62 28.80 20.70
C HIS A 35 -22.79 27.47 21.43
N PHE A 36 -22.13 26.45 20.90
CA PHE A 36 -22.15 25.11 21.50
C PHE A 36 -20.78 24.92 22.17
N ILE A 37 -20.75 25.07 23.49
CA ILE A 37 -19.52 25.09 24.27
C ILE A 37 -19.71 24.21 25.50
N GLY A 38 -18.78 23.30 25.74
CA GLY A 38 -18.86 22.46 26.91
C GLY A 38 -20.09 21.58 26.94
N GLY A 39 -20.59 21.19 25.77
CA GLY A 39 -21.74 20.33 25.70
C GLY A 39 -23.09 21.02 25.82
N ALA A 40 -23.11 22.34 25.96
CA ALA A 40 -24.35 23.08 26.19
C ALA A 40 -24.45 24.26 25.24
N TRP A 41 -25.67 24.76 25.07
CA TRP A 41 -25.92 25.92 24.24
C TRP A 41 -25.85 27.19 25.09
N THR A 42 -25.02 28.13 24.68
CA THR A 42 -24.87 29.37 25.43
C THR A 42 -25.93 30.39 25.02
N ALA A 43 -26.08 31.42 25.85
CA ALA A 43 -27.05 32.46 25.57
C ALA A 43 -26.72 33.14 24.24
N PRO A 44 -27.71 33.49 23.43
CA PRO A 44 -27.43 34.29 22.24
C PRO A 44 -26.80 35.62 22.61
N GLY A 45 -25.86 36.07 21.78
CA GLY A 45 -25.14 37.29 22.10
C GLY A 45 -25.37 38.37 21.08
N ASP A 46 -24.29 38.78 20.42
CA ASP A 46 -24.29 39.83 19.41
C ASP A 46 -24.80 39.20 18.11
N LEU A 47 -26.10 39.35 17.86
CA LEU A 47 -26.76 38.58 16.82
C LEU A 47 -26.69 39.25 15.45
N PHE A 48 -26.62 38.42 14.41
CA PHE A 48 -26.72 38.86 13.02
C PHE A 48 -27.52 37.83 12.23
N ALA A 49 -28.34 38.31 11.31
CA ALA A 49 -29.19 37.42 10.53
C ALA A 49 -28.35 36.58 9.58
N THR A 50 -28.69 35.30 9.48
CA THR A 50 -28.22 34.46 8.39
C THR A 50 -29.37 34.26 7.42
N VAL A 51 -29.09 34.46 6.14
CA VAL A 51 -30.11 34.69 5.13
C VAL A 51 -30.11 33.55 4.11
N ASN A 52 -31.29 33.15 3.70
CA ASN A 52 -31.42 32.20 2.58
C ASN A 52 -31.07 32.96 1.31
N PRO A 53 -29.99 32.58 0.60
CA PRO A 53 -29.63 33.34 -0.60
C PRO A 53 -30.64 33.26 -1.72
N ALA A 54 -31.47 32.20 -1.78
CA ALA A 54 -32.42 32.08 -2.87
C ALA A 54 -33.62 33.00 -2.68
N THR A 55 -33.95 33.34 -1.44
CA THR A 55 -35.16 34.11 -1.14
C THR A 55 -34.91 35.44 -0.47
N GLY A 56 -33.71 35.68 0.06
CA GLY A 56 -33.46 36.87 0.84
C GLY A 56 -34.07 36.87 2.22
N GLN A 57 -34.77 35.81 2.61
CA GLN A 57 -35.42 35.76 3.91
C GLN A 57 -34.44 35.33 5.00
N THR A 58 -34.62 35.88 6.19
CA THR A 58 -33.78 35.51 7.30
C THR A 58 -34.18 34.13 7.81
N LEU A 59 -33.20 33.25 7.92
CA LEU A 59 -33.42 31.90 8.42
C LEU A 59 -33.33 31.84 9.94
N ALA A 60 -32.37 32.58 10.50
CA ALA A 60 -32.15 32.60 11.94
C ALA A 60 -31.19 33.73 12.27
N GLN A 61 -31.14 34.09 13.55
CA GLN A 61 -30.13 34.97 14.09
C GLN A 61 -29.04 34.13 14.72
N VAL A 62 -27.79 34.45 14.37
CA VAL A 62 -26.60 33.72 14.82
C VAL A 62 -25.65 34.73 15.45
N SER A 63 -24.90 34.28 16.46
CA SER A 63 -24.04 35.16 17.25
C SER A 63 -22.66 35.33 16.61
N GLN A 64 -22.09 36.53 16.81
CA GLN A 64 -20.69 36.80 16.51
C GLN A 64 -19.91 36.55 17.80
N ALA A 65 -19.12 35.48 17.83
CA ALA A 65 -18.46 35.10 19.07
C ALA A 65 -17.50 36.19 19.54
N THR A 66 -17.36 36.29 20.85
CA THR A 66 -16.40 37.18 21.48
C THR A 66 -15.10 36.43 21.75
N GLN A 67 -14.05 37.20 22.06
CA GLN A 67 -12.81 36.56 22.54
C GLN A 67 -13.10 35.66 23.73
N ALA A 68 -14.01 36.08 24.61
CA ALA A 68 -14.33 35.27 25.79
C ALA A 68 -14.98 33.94 25.41
N ASP A 69 -15.82 33.96 24.36
CA ASP A 69 -16.44 32.73 23.87
C ASP A 69 -15.40 31.76 23.35
N VAL A 70 -14.43 32.26 22.58
CA VAL A 70 -13.38 31.39 22.06
C VAL A 70 -12.54 30.83 23.19
N ASP A 71 -12.17 31.68 24.15
CA ASP A 71 -11.42 31.22 25.31
C ASP A 71 -12.16 30.08 26.01
N ALA A 72 -13.47 30.23 26.21
CA ALA A 72 -14.24 29.23 26.93
C ALA A 72 -14.36 27.95 26.11
N ALA A 73 -14.53 28.08 24.79
CA ALA A 73 -14.59 26.91 23.93
C ALA A 73 -13.29 26.12 24.01
N VAL A 74 -12.16 26.82 23.97
CA VAL A 74 -10.87 26.14 24.02
C VAL A 74 -10.64 25.53 25.39
N LYS A 75 -11.05 26.23 26.46
CA LYS A 75 -10.90 25.69 27.81
C LYS A 75 -11.73 24.42 27.98
N ALA A 76 -12.94 24.39 27.40
CA ALA A 76 -13.79 23.22 27.50
C ALA A 76 -13.23 22.05 26.71
N ALA A 77 -12.70 22.33 25.52
CA ALA A 77 -12.05 21.28 24.73
C ALA A 77 -10.84 20.72 25.47
N ARG A 78 -10.06 21.58 26.14
CA ARG A 78 -8.90 21.13 26.88
C ARG A 78 -9.28 20.28 28.08
N LYS A 79 -10.34 20.69 28.79
CA LYS A 79 -10.80 19.94 29.96
C LYS A 79 -11.28 18.55 29.58
N ALA A 80 -11.99 18.42 28.45
CA ALA A 80 -12.56 17.16 28.03
C ALA A 80 -11.56 16.20 27.39
N GLN A 81 -10.39 16.71 26.95
CA GLN A 81 -9.53 15.90 26.09
C GLN A 81 -8.91 14.69 26.80
N PRO A 82 -8.37 14.79 28.02
CA PRO A 82 -7.73 13.60 28.60
C PRO A 82 -8.64 12.39 28.72
N ALA A 83 -9.89 12.57 29.17
CA ALA A 83 -10.78 11.41 29.29
C ALA A 83 -11.24 10.91 27.93
N TRP A 84 -11.35 11.81 26.96
CA TRP A 84 -11.74 11.40 25.61
C TRP A 84 -10.64 10.56 24.97
N ALA A 85 -9.38 10.91 25.23
CA ALA A 85 -8.24 10.22 24.63
C ALA A 85 -8.08 8.79 25.14
N LYS A 86 -8.64 8.47 26.30
CA LYS A 86 -8.21 7.26 27.00
C LYS A 86 -8.76 5.97 26.41
N ASP A 87 -9.85 6.03 25.63
CA ASP A 87 -10.52 4.80 25.21
C ASP A 87 -10.93 4.95 23.75
N GLY A 88 -10.15 4.37 22.85
CA GLY A 88 -10.44 4.49 21.43
C GLY A 88 -11.69 3.74 21.01
N ALA A 89 -11.95 2.57 21.62
CA ALA A 89 -13.18 1.86 21.30
C ALA A 89 -14.40 2.71 21.64
N ALA A 90 -14.35 3.43 22.76
CA ALA A 90 -15.44 4.32 23.15
C ALA A 90 -15.61 5.45 22.14
N ARG A 91 -14.52 5.99 21.63
CA ARG A 91 -14.63 7.03 20.60
C ARG A 91 -15.26 6.45 19.34
N ALA A 92 -14.90 5.22 19.00
CA ALA A 92 -15.47 4.59 17.80
C ALA A 92 -16.98 4.49 17.88
N ARG A 93 -17.51 4.12 19.05
CA ARG A 93 -18.96 4.02 19.20
C ARG A 93 -19.61 5.39 19.01
N VAL A 94 -18.97 6.45 19.48
CA VAL A 94 -19.51 7.80 19.32
C VAL A 94 -19.48 8.23 17.86
N LEU A 95 -18.37 7.99 17.17
CA LEU A 95 -18.29 8.36 15.76
C LEU A 95 -19.33 7.57 14.95
N TYR A 96 -19.51 6.29 15.28
CA TYR A 96 -20.53 5.50 14.61
C TYR A 96 -21.92 6.07 14.88
N ALA A 97 -22.18 6.48 16.13
CA ALA A 97 -23.48 7.06 16.45
C ALA A 97 -23.73 8.34 15.68
N LEU A 98 -22.70 9.19 15.55
CA LEU A 98 -22.83 10.41 14.75
C LEU A 98 -23.20 10.08 13.31
N ALA A 99 -22.49 9.10 12.72
CA ALA A 99 -22.83 8.69 11.36
C ALA A 99 -24.27 8.20 11.27
N ARG A 100 -24.72 7.42 12.25
CA ARG A 100 -26.11 6.94 12.24
C ARG A 100 -27.08 8.11 12.32
N LEU A 101 -26.74 9.15 13.09
CA LEU A 101 -27.64 10.29 13.23
C LEU A 101 -27.67 11.14 11.97
N LEU A 102 -26.52 11.27 11.29
CA LEU A 102 -26.51 11.95 10.00
C LEU A 102 -27.38 11.22 9.00
N GLN A 103 -27.32 9.88 9.02
CA GLN A 103 -28.17 9.09 8.13
C GLN A 103 -29.64 9.19 8.51
N LYS A 104 -29.95 9.06 9.80
CA LYS A 104 -31.34 9.16 10.24
C LYS A 104 -31.94 10.50 9.87
N HIS A 105 -31.19 11.59 10.06
CA HIS A 105 -31.65 12.95 9.79
C HIS A 105 -31.15 13.47 8.45
N ALA A 106 -30.84 12.60 7.50
CA ALA A 106 -30.20 13.03 6.26
C ALA A 106 -31.05 14.05 5.50
N ARG A 107 -32.36 13.84 5.44
CA ARG A 107 -33.21 14.76 4.70
C ARG A 107 -33.23 16.13 5.34
N LEU A 108 -33.21 16.19 6.67
CA LEU A 108 -33.13 17.47 7.37
C LEU A 108 -31.80 18.17 7.11
N PHE A 109 -30.68 17.45 7.27
CA PHE A 109 -29.38 18.04 6.96
C PHE A 109 -29.32 18.57 5.53
N ALA A 110 -29.87 17.80 4.58
CA ALA A 110 -29.80 18.21 3.18
C ALA A 110 -30.63 19.47 2.91
N VAL A 111 -31.87 19.49 3.40
CA VAL A 111 -32.70 20.69 3.21
C VAL A 111 -32.06 21.89 3.88
N LEU A 112 -31.54 21.71 5.09
CA LEU A 112 -30.94 22.85 5.78
C LEU A 112 -29.72 23.38 5.03
N GLU A 113 -28.92 22.48 4.45
CA GLU A 113 -27.77 22.91 3.66
C GLU A 113 -28.19 23.72 2.45
N THR A 114 -29.25 23.29 1.76
CA THR A 114 -29.76 24.04 0.63
C THR A 114 -30.30 25.40 1.05
N LEU A 115 -31.05 25.45 2.15
CA LEU A 115 -31.61 26.73 2.60
C LEU A 115 -30.49 27.72 2.94
N ASP A 116 -29.43 27.24 3.59
CA ASP A 116 -28.37 28.09 4.13
C ASP A 116 -27.37 28.50 3.05
N ASN A 117 -27.06 27.60 2.12
CA ASN A 117 -25.97 27.82 1.16
C ASN A 117 -26.45 28.12 -0.25
N GLY A 118 -27.63 27.65 -0.66
CA GLY A 118 -28.16 27.88 -1.98
C GLY A 118 -27.98 26.73 -2.96
N LYS A 119 -27.27 25.69 -2.58
CA LYS A 119 -26.96 24.62 -3.52
C LYS A 119 -28.21 23.79 -3.82
N PRO A 120 -28.28 23.20 -5.00
CA PRO A 120 -29.43 22.34 -5.35
C PRO A 120 -29.59 21.21 -4.34
N ILE A 121 -30.84 20.99 -3.92
CA ILE A 121 -31.15 19.93 -2.96
C ILE A 121 -30.70 18.58 -3.48
N ARG A 122 -30.69 18.39 -4.81
CA ARG A 122 -30.22 17.11 -5.33
C ARG A 122 -28.76 16.87 -5.00
N GLU A 123 -27.92 17.90 -5.07
CA GLU A 123 -26.53 17.71 -4.66
C GLU A 123 -26.43 17.43 -3.18
N ALA A 124 -27.15 18.21 -2.37
CA ALA A 124 -27.07 18.06 -0.92
C ALA A 124 -27.48 16.64 -0.51
N ARG A 125 -28.54 16.11 -1.13
CA ARG A 125 -29.03 14.77 -0.75
C ARG A 125 -28.14 13.66 -1.30
N ASP A 126 -27.62 13.81 -2.52
CA ASP A 126 -26.93 12.70 -3.17
C ASP A 126 -25.44 12.68 -2.91
N ILE A 127 -24.85 13.82 -2.58
CA ILE A 127 -23.39 13.92 -2.45
CA ILE A 127 -23.40 13.95 -2.47
C ILE A 127 -22.98 14.40 -1.07
N ASP A 128 -23.36 15.63 -0.70
CA ASP A 128 -22.90 16.24 0.55
C ASP A 128 -23.18 15.39 1.78
N VAL A 129 -24.45 15.05 2.01
CA VAL A 129 -24.80 14.32 3.22
C VAL A 129 -24.29 12.89 3.21
N PRO A 130 -24.46 12.12 2.12
CA PRO A 130 -23.88 10.77 2.09
C PRO A 130 -22.38 10.75 2.32
N LEU A 131 -21.61 11.68 1.75
CA LEU A 131 -20.18 11.69 1.98
C LEU A 131 -19.85 12.04 3.43
N ALA A 132 -20.64 12.92 4.05
CA ALA A 132 -20.44 13.24 5.46
C ALA A 132 -20.69 12.02 6.33
N GLN A 133 -21.81 11.31 6.08
CA GLN A 133 -22.10 10.08 6.81
C GLN A 133 -20.95 9.11 6.68
N ARG A 134 -20.53 8.83 5.44
CA ARG A 134 -19.47 7.85 5.24
C ARG A 134 -18.18 8.28 5.90
N HIS A 135 -17.90 9.58 5.96
CA HIS A 135 -16.66 10.01 6.61
C HIS A 135 -16.66 9.61 8.07
N PHE A 136 -17.79 9.78 8.76
CA PHE A 136 -17.87 9.38 10.16
C PHE A 136 -17.88 7.86 10.30
N TYR A 137 -18.67 7.16 9.49
CA TYR A 137 -18.68 5.69 9.54
C TYR A 137 -17.27 5.15 9.40
N HIS A 138 -16.55 5.62 8.38
CA HIS A 138 -15.21 5.10 8.10
C HIS A 138 -14.22 5.46 9.19
N HIS A 139 -14.26 6.70 9.70
CA HIS A 139 -13.28 7.11 10.70
C HIS A 139 -13.52 6.49 12.07
N ALA A 140 -14.73 6.01 12.36
CA ALA A 140 -14.97 5.29 13.60
C ALA A 140 -13.98 4.15 13.74
N GLY A 141 -13.70 3.47 12.63
CA GLY A 141 -12.79 2.34 12.67
C GLY A 141 -11.37 2.71 12.99
N TYR A 142 -10.93 3.91 12.63
CA TYR A 142 -9.59 4.34 13.01
C TYR A 142 -9.49 4.52 14.52
N ALA A 143 -10.55 5.00 15.16
CA ALA A 143 -10.55 5.10 16.62
C ALA A 143 -10.44 3.71 17.24
N GLN A 144 -11.18 2.75 16.70
CA GLN A 144 -11.14 1.38 17.19
C GLN A 144 -9.75 0.77 17.08
N LEU A 145 -9.03 1.07 16.01
CA LEU A 145 -7.75 0.44 15.70
C LEU A 145 -6.54 1.26 16.12
N MET A 146 -6.73 2.47 16.68
CA MET A 146 -5.57 3.33 16.95
C MET A 146 -4.62 2.68 17.93
N GLY A 147 -5.15 2.05 18.98
CA GLY A 147 -4.27 1.52 20.02
C GLY A 147 -3.38 0.40 19.53
N THR A 148 -3.91 -0.48 18.68
CA THR A 148 -3.17 -1.65 18.21
C THR A 148 -2.38 -1.36 16.95
N GLU A 149 -2.92 -0.55 16.04
CA GLU A 149 -2.27 -0.30 14.76
C GLU A 149 -1.41 0.94 14.74
N MET A 150 -1.60 1.86 15.70
CA MET A 150 -0.77 3.06 15.78
C MET A 150 -0.23 3.24 17.21
N PRO A 151 0.40 2.21 17.77
CA PRO A 151 0.76 2.28 19.19
C PRO A 151 1.84 3.31 19.48
N ASP A 152 2.62 3.70 18.49
CA ASP A 152 3.67 4.70 18.63
C ASP A 152 3.12 6.13 18.51
N ARG A 153 1.80 6.30 18.43
CA ARG A 153 1.18 7.60 18.21
C ARG A 153 0.24 7.93 19.35
N ALA A 154 0.09 9.22 19.61
CA ALA A 154 -0.82 9.73 20.63
C ALA A 154 -1.54 10.95 20.09
N PRO A 155 -2.61 11.38 20.74
CA PRO A 155 -3.33 12.56 20.26
C PRO A 155 -2.49 13.83 20.38
N LEU A 156 -2.80 14.80 19.53
CA LEU A 156 -2.18 16.12 19.67
C LEU A 156 -2.79 16.91 20.83
N GLY A 157 -4.11 16.84 20.99
CA GLY A 157 -4.77 17.58 22.05
C GLY A 157 -6.04 18.27 21.59
N VAL A 158 -5.99 19.61 21.49
CA VAL A 158 -7.14 20.42 21.06
C VAL A 158 -6.86 20.94 19.66
N CYS A 159 -7.86 20.85 18.79
CA CYS A 159 -7.71 21.30 17.40
C CYS A 159 -8.62 22.49 17.17
N GLY A 160 -8.05 23.56 16.60
CA GLY A 160 -8.82 24.69 16.14
C GLY A 160 -9.03 24.57 14.66
N GLN A 161 -10.31 24.58 14.23
CA GLN A 161 -10.65 24.22 12.86
C GLN A 161 -11.54 25.29 12.22
N VAL A 162 -11.20 25.66 10.98
CA VAL A 162 -11.89 26.73 10.25
C VAL A 162 -12.18 26.24 8.84
N ILE A 163 -13.43 26.41 8.39
CA ILE A 163 -13.90 25.79 7.15
C ILE A 163 -14.65 26.81 6.31
N PRO A 164 -14.73 26.57 4.98
CA PRO A 164 -15.40 27.51 4.07
C PRO A 164 -16.89 27.22 3.89
N TRP A 165 -17.53 28.01 3.03
CA TRP A 165 -18.98 28.02 2.89
C TRP A 165 -19.49 27.14 1.76
N ASN A 166 -18.59 26.56 0.96
CA ASN A 166 -19.04 25.88 -0.25
C ASN A 166 -19.68 24.54 0.05
N PHE A 167 -19.14 23.79 1.01
CA PHE A 167 -19.65 22.48 1.41
C PHE A 167 -19.69 22.43 2.92
N PRO A 168 -20.62 23.17 3.54
CA PRO A 168 -20.55 23.37 5.00
C PRO A 168 -20.51 22.10 5.84
N LEU A 169 -21.48 21.20 5.67
CA LEU A 169 -21.49 19.97 6.47
C LEU A 169 -20.33 19.05 6.10
N LEU A 170 -20.03 18.90 4.81
CA LEU A 170 -18.99 17.97 4.40
C LEU A 170 -17.61 18.46 4.85
N MET A 171 -17.36 19.77 4.74
CA MET A 171 -16.12 20.33 5.27
C MET A 171 -16.02 20.08 6.76
N LEU A 172 -17.15 20.20 7.48
CA LEU A 172 -17.15 19.91 8.91
C LEU A 172 -16.74 18.46 9.16
N ALA A 173 -17.33 17.52 8.41
CA ALA A 173 -16.98 16.11 8.58
C ALA A 173 -15.49 15.86 8.34
N TRP A 174 -14.94 16.49 7.29
CA TRP A 174 -13.54 16.29 6.95
C TRP A 174 -12.62 16.77 8.06
N LYS A 175 -13.07 17.73 8.86
CA LYS A 175 -12.31 18.22 10.00
C LYS A 175 -12.56 17.41 11.27
N ILE A 176 -13.83 17.20 11.62
CA ILE A 176 -14.15 16.67 12.94
C ILE A 176 -13.87 15.16 13.03
N ALA A 177 -14.22 14.40 11.99
CA ALA A 177 -14.09 12.94 12.08
C ALA A 177 -12.68 12.47 12.39
N PRO A 178 -11.63 12.88 11.65
CA PRO A 178 -10.29 12.38 12.00
C PRO A 178 -9.80 12.93 13.33
N ALA A 179 -10.11 14.19 13.65
CA ALA A 179 -9.64 14.75 14.91
C ALA A 179 -10.16 13.94 16.08
N LEU A 180 -11.48 13.66 16.08
CA LEU A 180 -12.06 12.85 17.14
C LEU A 180 -11.54 11.43 17.13
N ALA A 181 -11.37 10.84 15.94
CA ALA A 181 -10.91 9.45 15.90
C ALA A 181 -9.58 9.29 16.61
N MET A 182 -8.70 10.27 16.47
CA MET A 182 -7.35 10.20 17.04
C MET A 182 -7.28 10.73 18.46
N GLY A 183 -8.43 10.93 19.12
CA GLY A 183 -8.45 11.28 20.53
C GLY A 183 -8.27 12.75 20.81
N ASN A 184 -8.48 13.61 19.82
CA ASN A 184 -8.45 15.05 20.02
C ASN A 184 -9.86 15.59 20.25
N THR A 185 -9.93 16.78 20.84
CA THR A 185 -11.17 17.52 20.91
C THR A 185 -11.06 18.72 19.96
N VAL A 186 -12.19 19.34 19.65
CA VAL A 186 -12.22 20.36 18.60
C VAL A 186 -12.94 21.63 19.03
N VAL A 187 -12.48 22.74 18.48
CA VAL A 187 -13.20 24.01 18.42
C VAL A 187 -13.26 24.38 16.95
N LEU A 188 -14.46 24.38 16.38
CA LEU A 188 -14.62 24.56 14.94
C LEU A 188 -15.55 25.76 14.70
N LYS A 189 -15.17 26.59 13.73
CA LYS A 189 -16.03 27.69 13.29
C LYS A 189 -16.50 27.44 11.87
N PRO A 190 -17.81 27.35 11.62
CA PRO A 190 -18.28 27.30 10.23
C PRO A 190 -18.08 28.66 9.58
N ALA A 191 -18.15 28.67 8.26
CA ALA A 191 -18.04 29.93 7.54
C ALA A 191 -19.14 30.89 7.99
N GLU A 192 -18.81 32.19 8.04
CA GLU A 192 -19.77 33.19 8.47
C GLU A 192 -21.10 33.08 7.72
N TRP A 193 -21.03 32.78 6.42
CA TRP A 193 -22.24 32.78 5.61
C TRP A 193 -23.10 31.53 5.79
N THR A 194 -22.55 30.43 6.31
CA THR A 194 -23.23 29.13 6.32
C THR A 194 -23.05 28.41 7.65
N PRO A 195 -23.68 28.91 8.72
CA PRO A 195 -23.50 28.28 10.04
C PRO A 195 -24.47 27.15 10.36
N LEU A 196 -25.54 26.97 9.58
CA LEU A 196 -26.69 26.23 10.09
C LEU A 196 -26.43 24.73 10.24
N THR A 197 -25.85 24.06 9.23
CA THR A 197 -25.64 22.62 9.40
C THR A 197 -24.61 22.31 10.49
N ALA A 198 -23.64 23.20 10.74
CA ALA A 198 -22.73 23.00 11.86
C ALA A 198 -23.47 23.12 13.19
N LEU A 199 -24.45 24.02 13.26
CA LEU A 199 -25.24 24.14 14.47
C LEU A 199 -26.17 22.94 14.66
N LEU A 200 -26.71 22.39 13.56
CA LEU A 200 -27.48 21.15 13.69
C LEU A 200 -26.58 19.99 14.10
N PHE A 201 -25.36 19.94 13.55
CA PHE A 201 -24.40 18.93 13.98
C PHE A 201 -24.13 19.05 15.48
N ALA A 202 -23.89 20.28 15.95
CA ALA A 202 -23.74 20.48 17.39
C ALA A 202 -24.94 19.91 18.14
N ASP A 203 -26.15 20.11 17.60
CA ASP A 203 -27.38 19.76 18.30
C ASP A 203 -27.61 18.26 18.39
N ILE A 204 -26.94 17.45 17.54
CA ILE A 204 -27.04 16.00 17.63
C ILE A 204 -25.91 15.38 18.42
N CYS A 205 -24.93 16.17 18.89
CA CYS A 205 -23.78 15.58 19.55
C CYS A 205 -24.18 14.92 20.87
N GLY A 206 -25.11 15.52 21.61
CA GLY A 206 -25.56 14.91 22.85
C GLY A 206 -26.19 13.55 22.62
N GLN A 207 -27.08 13.46 21.63
CA GLN A 207 -27.73 12.18 21.34
C GLN A 207 -26.73 11.12 20.91
N ALA A 208 -25.65 11.53 20.24
CA ALA A 208 -24.63 10.59 19.82
C ALA A 208 -23.70 10.17 20.95
N GLY A 209 -23.85 10.78 22.13
CA GLY A 209 -22.95 10.47 23.21
C GLY A 209 -21.62 11.19 23.19
N VAL A 210 -21.49 12.28 22.44
CA VAL A 210 -20.29 13.10 22.47
C VAL A 210 -20.16 13.68 23.88
N PRO A 211 -19.12 13.33 24.63
CA PRO A 211 -18.96 13.88 25.98
C PRO A 211 -18.84 15.40 25.92
N ALA A 212 -19.34 16.05 26.98
CA ALA A 212 -19.37 17.51 27.01
C ALA A 212 -17.98 18.09 26.77
N GLY A 213 -17.91 19.01 25.80
CA GLY A 213 -16.67 19.69 25.50
C GLY A 213 -15.79 19.01 24.48
N VAL A 214 -16.14 17.80 24.03
CA VAL A 214 -15.34 17.15 23.00
C VAL A 214 -15.52 17.83 21.65
N VAL A 215 -16.73 18.34 21.37
CA VAL A 215 -17.01 19.13 20.19
C VAL A 215 -17.53 20.48 20.66
N ASN A 216 -16.91 21.56 20.18
CA ASN A 216 -17.36 22.92 20.45
C ASN A 216 -17.47 23.66 19.12
N ILE A 217 -18.60 24.31 18.90
CA ILE A 217 -18.88 25.04 17.66
C ILE A 217 -19.17 26.48 18.02
N VAL A 218 -18.39 27.41 17.49
CA VAL A 218 -18.59 28.83 17.69
C VAL A 218 -18.76 29.48 16.32
N THR A 219 -19.59 30.51 16.25
CA THR A 219 -19.89 31.17 15.00
C THR A 219 -19.30 32.57 14.96
N GLY A 220 -19.00 33.05 13.76
CA GLY A 220 -18.53 34.42 13.61
C GLY A 220 -17.83 34.62 12.29
N ASP A 221 -17.24 35.82 12.17
CA ASP A 221 -16.53 36.22 10.95
C ASP A 221 -15.06 35.79 11.02
N GLY A 222 -14.25 36.35 10.12
CA GLY A 222 -12.83 36.00 10.09
C GLY A 222 -12.08 36.38 11.35
N ALA A 223 -12.53 37.42 12.06
CA ALA A 223 -11.90 37.78 13.32
C ALA A 223 -11.99 36.64 14.32
N VAL A 224 -13.13 35.94 14.34
CA VAL A 224 -13.29 34.80 15.24
C VAL A 224 -12.43 33.64 14.77
N GLY A 225 -12.33 33.45 13.46
CA GLY A 225 -11.40 32.45 12.94
C GLY A 225 -9.98 32.71 13.40
N GLU A 226 -9.56 33.98 13.37
CA GLU A 226 -8.21 34.31 13.84
C GLU A 226 -8.05 34.07 15.32
N MET A 227 -9.09 34.34 16.12
CA MET A 227 -9.05 34.02 17.55
C MET A 227 -8.80 32.53 17.76
N ILE A 228 -9.49 31.70 17.00
CA ILE A 228 -9.33 30.25 17.16
C ILE A 228 -7.91 29.84 16.77
N VAL A 229 -7.42 30.35 15.64
CA VAL A 229 -6.10 29.95 15.15
C VAL A 229 -5.01 30.30 16.15
N THR A 230 -5.14 31.45 16.82
CA THR A 230 -4.14 31.94 17.76
C THR A 230 -4.40 31.53 19.20
N ALA A 231 -5.41 30.70 19.45
CA ALA A 231 -5.75 30.23 20.78
C ALA A 231 -4.78 29.12 21.21
N GLN A 232 -4.93 28.64 22.46
CA GLN A 232 -4.05 27.60 22.98
C GLN A 232 -4.52 26.23 22.48
N VAL A 233 -4.32 26.03 21.19
CA VAL A 233 -4.65 24.77 20.52
C VAL A 233 -3.36 24.12 20.05
N ASP A 234 -3.40 22.80 19.92
CA ASP A 234 -2.22 22.04 19.54
C ASP A 234 -2.14 21.84 18.04
N LYS A 235 -3.25 22.03 17.35
CA LYS A 235 -3.35 21.78 15.93
C LYS A 235 -4.30 22.83 15.36
N VAL A 236 -3.93 23.37 14.19
CA VAL A 236 -4.82 24.23 13.41
C VAL A 236 -5.03 23.55 12.07
N ALA A 237 -6.30 23.40 11.69
CA ALA A 237 -6.65 22.83 10.39
C ALA A 237 -7.58 23.81 9.69
N PHE A 238 -7.20 24.23 8.49
CA PHE A 238 -7.93 25.27 7.76
C PHE A 238 -8.11 24.85 6.31
N THR A 239 -9.31 25.08 5.79
CA THR A 239 -9.55 25.03 4.36
C THR A 239 -10.12 26.39 3.96
N GLY A 240 -9.59 26.96 2.88
CA GLY A 240 -9.99 28.29 2.46
C GLY A 240 -8.95 28.88 1.53
N SER A 241 -9.00 30.20 1.37
CA SER A 241 -8.16 30.85 0.38
C SER A 241 -6.67 30.76 0.73
N THR A 242 -5.85 30.75 -0.32
CA THR A 242 -4.41 30.76 -0.12
C THR A 242 -3.96 31.99 0.67
N ALA A 243 -4.56 33.14 0.39
CA ALA A 243 -4.17 34.36 1.09
C ALA A 243 -4.37 34.22 2.59
N VAL A 244 -5.50 33.62 3.02
CA VAL A 244 -5.72 33.44 4.44
C VAL A 244 -4.79 32.37 5.00
N GLY A 245 -4.51 31.33 4.22
CA GLY A 245 -3.55 30.33 4.65
C GLY A 245 -2.19 30.91 4.96
N ARG A 246 -1.73 31.86 4.13
CA ARG A 246 -0.47 32.55 4.43
C ARG A 246 -0.54 33.25 5.78
N ARG A 247 -1.62 34.00 6.01
CA ARG A 247 -1.77 34.71 7.28
C ARG A 247 -1.80 33.75 8.45
N ILE A 248 -2.42 32.58 8.28
CA ILE A 248 -2.47 31.59 9.35
C ILE A 248 -1.08 31.01 9.61
N ARG A 249 -0.32 30.74 8.55
CA ARG A 249 1.06 30.27 8.75
C ARG A 249 1.88 31.30 9.52
N GLU A 250 1.70 32.59 9.20
CA GLU A 250 2.43 33.62 9.93
C GLU A 250 1.97 33.72 11.38
N ALA A 251 0.65 33.67 11.60
CA ALA A 251 0.11 33.87 12.94
C ALA A 251 0.41 32.70 13.86
N THR A 252 0.77 31.54 13.32
CA THR A 252 1.14 30.37 14.13
C THR A 252 2.63 30.11 14.15
N ALA A 253 3.44 30.93 13.49
CA ALA A 253 4.87 30.67 13.40
C ALA A 253 5.50 30.65 14.79
N GLY A 254 6.29 29.61 15.04
CA GLY A 254 7.06 29.52 16.28
C GLY A 254 6.30 29.00 17.47
N THR A 255 5.05 28.58 17.29
CA THR A 255 4.20 28.19 18.42
C THR A 255 4.26 26.70 18.72
N GLY A 256 4.90 25.90 17.87
CA GLY A 256 4.85 24.47 18.03
C GLY A 256 3.55 23.83 17.61
N LYS A 257 2.63 24.60 17.04
CA LYS A 257 1.36 24.07 16.57
C LYS A 257 1.54 23.23 15.32
N ALA A 258 0.80 22.13 15.25
CA ALA A 258 0.66 21.39 14.02
C ALA A 258 -0.30 22.16 13.13
N LEU A 259 -0.01 22.20 11.83
CA LEU A 259 -0.77 23.02 10.90
C LEU A 259 -1.01 22.26 9.60
N SER A 260 -2.27 22.24 9.17
CA SER A 260 -2.61 21.72 7.85
C SER A 260 -3.47 22.75 7.13
N LEU A 261 -3.24 22.86 5.83
CA LEU A 261 -3.88 23.88 4.99
C LEU A 261 -4.32 23.26 3.68
N GLU A 262 -5.61 23.36 3.38
CA GLU A 262 -6.19 22.95 2.09
C GLU A 262 -6.63 24.24 1.42
N LEU A 263 -5.91 24.67 0.38
CA LEU A 263 -6.04 26.04 -0.12
C LEU A 263 -6.62 26.06 -1.54
N GLY A 264 -6.19 27.04 -2.35
CA GLY A 264 -6.76 27.22 -3.66
C GLY A 264 -6.20 26.28 -4.71
N GLY A 265 -6.61 26.51 -5.94
CA GLY A 265 -6.16 25.70 -7.06
C GLY A 265 -7.22 24.81 -7.68
N LYS A 266 -8.32 25.41 -8.15
CA LYS A 266 -9.31 24.67 -8.91
C LYS A 266 -8.63 24.04 -10.12
N GLY A 267 -8.93 22.76 -10.34
CA GLY A 267 -8.03 21.91 -11.06
C GLY A 267 -8.20 21.88 -12.55
N PRO A 268 -7.10 21.60 -13.24
CA PRO A 268 -7.16 21.42 -14.69
C PRO A 268 -7.80 20.10 -15.07
N TYR A 269 -8.37 20.08 -16.26
CA TYR A 269 -9.21 19.00 -16.75
C TYR A 269 -8.72 18.76 -18.17
N VAL A 270 -7.91 17.71 -18.35
CA VAL A 270 -7.19 17.45 -19.60
C VAL A 270 -7.99 16.45 -20.41
N VAL A 271 -8.38 16.83 -21.63
CA VAL A 271 -9.15 15.96 -22.50
C VAL A 271 -8.30 15.64 -23.73
N CYS A 272 -7.82 14.41 -23.83
CA CYS A 272 -6.99 14.02 -24.96
C CYS A 272 -7.86 13.67 -26.17
N ASP A 273 -7.21 13.63 -27.35
CA ASP A 273 -7.91 13.32 -28.59
C ASP A 273 -8.71 12.03 -28.52
N ASP A 274 -8.22 11.05 -27.77
CA ASP A 274 -8.88 9.74 -27.70
C ASP A 274 -9.74 9.55 -26.46
N ALA A 275 -10.13 10.66 -25.82
CA ALA A 275 -11.06 10.57 -24.70
C ALA A 275 -12.42 10.08 -25.15
N ASP A 276 -13.17 9.53 -24.20
CA ASP A 276 -14.59 9.34 -24.36
C ASP A 276 -15.22 10.72 -24.27
N ILE A 277 -15.47 11.33 -25.43
CA ILE A 277 -15.85 12.74 -25.47
C ILE A 277 -17.13 13.00 -24.68
N ASP A 278 -18.17 12.21 -24.95
CA ASP A 278 -19.46 12.45 -24.29
C ASP A 278 -19.37 12.29 -22.78
N SER A 279 -18.57 11.33 -22.30
CA SER A 279 -18.41 11.18 -20.86
C SER A 279 -17.59 12.32 -20.27
N ALA A 280 -16.55 12.75 -20.97
CA ALA A 280 -15.76 13.89 -20.51
C ALA A 280 -16.61 15.15 -20.46
N VAL A 281 -17.47 15.35 -21.45
CA VAL A 281 -18.38 16.49 -21.44
C VAL A 281 -19.32 16.39 -20.25
N GLU A 282 -19.90 15.20 -20.04
CA GLU A 282 -20.88 15.06 -18.97
C GLU A 282 -20.26 15.30 -17.61
N GLY A 283 -19.05 14.79 -17.38
CA GLY A 283 -18.39 15.03 -16.11
C GLY A 283 -18.08 16.49 -15.88
N LEU A 284 -17.82 17.22 -16.95
CA LEU A 284 -17.52 18.64 -16.83
C LEU A 284 -18.79 19.43 -16.51
N VAL A 285 -19.85 19.21 -17.28
CA VAL A 285 -21.11 19.89 -17.03
C VAL A 285 -21.62 19.58 -15.63
N ASP A 286 -21.49 18.33 -15.20
CA ASP A 286 -21.91 17.95 -13.86
C ASP A 286 -21.07 18.58 -12.77
N ALA A 287 -19.94 19.21 -13.10
CA ALA A 287 -19.04 19.81 -12.13
C ALA A 287 -19.11 21.34 -12.07
N ILE A 288 -19.87 21.97 -12.97
CA ILE A 288 -19.88 23.43 -13.03
C ILE A 288 -20.36 24.03 -11.72
N TRP A 289 -21.43 23.47 -11.14
CA TRP A 289 -21.90 23.99 -9.88
C TRP A 289 -20.97 23.61 -8.74
N PHE A 290 -20.43 22.38 -8.77
CA PHE A 290 -19.62 21.87 -7.67
C PHE A 290 -18.35 22.68 -7.46
N ASN A 291 -17.72 23.14 -8.54
CA ASN A 291 -16.36 23.69 -8.49
C ASN A 291 -16.36 25.16 -8.04
N GLN A 292 -16.82 25.38 -6.81
CA GLN A 292 -16.87 26.71 -6.25
C GLN A 292 -16.19 26.74 -4.89
N GLY A 293 -15.60 27.89 -4.58
CA GLY A 293 -14.83 28.06 -3.36
C GLY A 293 -13.56 27.25 -3.41
N GLN A 294 -13.01 26.97 -2.24
CA GLN A 294 -11.76 26.21 -2.12
C GLN A 294 -12.14 24.77 -1.80
N VAL A 295 -11.96 23.90 -2.77
CA VAL A 295 -12.21 22.48 -2.60
C VAL A 295 -11.33 21.76 -3.61
N ALA A 296 -10.97 20.52 -3.30
CA ALA A 296 -10.13 19.76 -4.23
C ALA A 296 -11.02 19.27 -5.37
N CYS A 297 -11.01 20.00 -6.48
CA CYS A 297 -11.89 19.72 -7.60
C CYS A 297 -11.14 19.91 -8.90
N ALA A 298 -11.76 19.47 -10.00
CA ALA A 298 -11.16 19.66 -11.32
C ALA A 298 -12.25 19.88 -12.35
N GLY A 299 -11.93 20.71 -13.35
CA GLY A 299 -12.87 21.04 -14.40
C GLY A 299 -12.94 22.52 -14.69
N SER A 300 -12.48 23.34 -13.75
CA SER A 300 -12.58 24.78 -13.93
C SER A 300 -11.64 25.27 -15.02
N ARG A 301 -10.51 24.60 -15.21
CA ARG A 301 -9.52 24.94 -16.23
C ARG A 301 -9.49 23.80 -17.23
N LEU A 302 -10.10 24.03 -18.38
CA LEU A 302 -10.30 22.99 -19.38
C LEU A 302 -9.15 23.07 -20.39
N LEU A 303 -8.47 21.94 -20.59
CA LEU A 303 -7.39 21.80 -21.56
C LEU A 303 -7.81 20.72 -22.54
N VAL A 304 -8.14 21.09 -23.78
CA VAL A 304 -8.67 20.16 -24.77
CA VAL A 304 -8.66 20.15 -24.77
C VAL A 304 -7.69 20.07 -25.94
N GLN A 305 -7.38 18.84 -26.36
CA GLN A 305 -6.48 18.68 -27.49
C GLN A 305 -7.10 19.25 -28.77
N GLU A 306 -6.25 19.82 -29.64
CA GLU A 306 -6.72 20.61 -30.78
C GLU A 306 -7.67 19.81 -31.66
N GLY A 307 -7.34 18.54 -31.91
CA GLY A 307 -8.11 17.75 -32.85
C GLY A 307 -9.58 17.63 -32.50
N ILE A 308 -9.91 17.67 -31.22
CA ILE A 308 -11.28 17.48 -30.77
C ILE A 308 -11.90 18.75 -30.19
N ALA A 309 -11.17 19.87 -30.20
CA ALA A 309 -11.62 21.05 -29.44
C ALA A 309 -12.96 21.58 -29.94
N ASP A 310 -13.14 21.68 -31.26
CA ASP A 310 -14.38 22.27 -31.76
C ASP A 310 -15.59 21.41 -31.42
N VAL A 311 -15.48 20.09 -31.62
CA VAL A 311 -16.59 19.19 -31.30
C VAL A 311 -16.85 19.17 -29.80
N PHE A 312 -15.79 19.18 -29.00
CA PHE A 312 -15.94 19.17 -27.54
C PHE A 312 -16.69 20.41 -27.07
N HIS A 313 -16.28 21.59 -27.56
CA HIS A 313 -16.92 22.83 -27.13
C HIS A 313 -18.37 22.88 -27.58
N ALA A 314 -18.67 22.40 -28.79
CA ALA A 314 -20.04 22.35 -29.25
C ALA A 314 -20.90 21.47 -28.35
N LYS A 315 -20.39 20.30 -27.99
CA LYS A 315 -21.12 19.41 -27.09
C LYS A 315 -21.25 20.04 -25.70
N LEU A 316 -20.19 20.70 -25.23
CA LEU A 316 -20.23 21.31 -23.91
C LEU A 316 -21.26 22.42 -23.85
N ARG A 317 -21.30 23.28 -24.87
CA ARG A 317 -22.32 24.33 -24.87
C ARG A 317 -23.73 23.75 -24.90
N ALA A 318 -23.95 22.70 -25.69
CA ALA A 318 -25.28 22.09 -25.76
C ALA A 318 -25.66 21.49 -24.41
N ARG A 319 -24.72 20.80 -23.75
CA ARG A 319 -25.00 20.26 -22.44
C ARG A 319 -25.19 21.36 -21.40
N MET A 320 -24.43 22.45 -21.52
CA MET A 320 -24.63 23.58 -20.60
C MET A 320 -26.04 24.14 -20.73
N ASP A 321 -26.57 24.21 -21.96
CA ASP A 321 -27.90 24.76 -22.19
C ASP A 321 -28.97 23.95 -21.48
N SER A 322 -28.73 22.66 -21.25
CA SER A 322 -29.72 21.81 -20.61
C SER A 322 -29.72 21.93 -19.09
N LEU A 323 -28.72 22.59 -18.50
CA LEU A 323 -28.70 22.76 -17.05
C LEU A 323 -29.87 23.64 -16.61
N ARG A 324 -30.58 23.21 -15.59
CA ARG A 324 -31.75 23.94 -15.10
C ARG A 324 -31.35 24.82 -13.94
N ILE A 325 -31.68 26.11 -14.03
CA ILE A 325 -31.33 27.11 -13.04
C ILE A 325 -32.59 27.51 -12.29
N GLY A 326 -32.53 27.54 -10.95
CA GLY A 326 -33.71 28.03 -10.25
C GLY A 326 -33.73 27.60 -8.79
N ASP A 327 -34.95 27.52 -8.26
CA ASP A 327 -35.27 27.22 -6.86
C ASP A 327 -34.48 26.00 -6.40
N PRO A 328 -33.51 26.18 -5.49
CA PRO A 328 -32.66 25.04 -5.10
C PRO A 328 -33.42 23.94 -4.38
N LEU A 329 -34.60 24.22 -3.84
CA LEU A 329 -35.39 23.18 -3.18
C LEU A 329 -36.08 22.24 -4.17
N ASP A 330 -36.02 22.53 -5.46
CA ASP A 330 -36.59 21.68 -6.49
C ASP A 330 -35.54 20.66 -6.91
N LYS A 331 -35.85 19.37 -6.76
CA LYS A 331 -34.81 18.37 -7.03
C LYS A 331 -34.47 18.21 -8.51
N CYS A 332 -35.17 18.92 -9.41
CA CYS A 332 -34.78 18.93 -10.81
C CYS A 332 -33.75 20.00 -11.15
N ILE A 333 -33.44 20.89 -10.21
CA ILE A 333 -32.55 22.02 -10.46
C ILE A 333 -31.10 21.57 -10.41
N ASP A 334 -30.29 22.10 -11.35
CA ASP A 334 -28.86 21.81 -11.44
C ASP A 334 -28.00 22.96 -10.95
N ILE A 335 -28.49 24.19 -11.11
CA ILE A 335 -27.74 25.40 -10.79
C ILE A 335 -28.58 26.17 -9.78
N GLY A 336 -28.04 26.36 -8.60
CA GLY A 336 -28.75 27.00 -7.51
C GLY A 336 -28.43 28.47 -7.39
N ALA A 337 -28.66 29.00 -6.19
CA ALA A 337 -28.41 30.41 -5.92
C ALA A 337 -26.97 30.61 -5.47
N MET A 338 -26.35 31.69 -5.94
CA MET A 338 -25.04 32.05 -5.43
C MET A 338 -25.12 32.28 -3.93
N VAL A 339 -24.02 31.94 -3.24
CA VAL A 339 -24.05 31.80 -1.78
C VAL A 339 -24.37 33.12 -1.09
N HIS A 340 -23.99 34.24 -1.69
CA HIS A 340 -24.09 35.53 -1.02
C HIS A 340 -23.90 36.61 -2.08
N PRO A 341 -24.51 37.78 -1.90
CA PRO A 341 -24.29 38.86 -2.87
C PRO A 341 -22.82 39.23 -3.07
N ASP A 342 -21.97 39.07 -2.04
CA ASP A 342 -20.56 39.35 -2.23
C ASP A 342 -19.93 38.38 -3.22
N GLN A 343 -20.43 37.15 -3.27
CA GLN A 343 -19.90 36.17 -4.20
C GLN A 343 -20.41 36.42 -5.60
N LEU A 344 -21.66 36.86 -5.73
CA LEU A 344 -22.16 37.31 -7.02
C LEU A 344 -21.32 38.46 -7.55
N ALA A 345 -20.98 39.44 -6.69
CA ALA A 345 -20.16 40.54 -7.13
C ALA A 345 -18.79 40.07 -7.59
N ARG A 346 -18.21 39.10 -6.88
CA ARG A 346 -16.93 38.53 -7.28
C ARG A 346 -16.98 37.97 -8.70
N VAL A 347 -18.01 37.17 -9.01
CA VAL A 347 -18.07 36.60 -10.35
C VAL A 347 -18.33 37.68 -11.40
N ARG A 348 -19.26 38.60 -11.14
CA ARG A 348 -19.50 39.68 -12.08
CA ARG A 348 -19.52 39.69 -12.07
C ARG A 348 -18.24 40.49 -12.33
N ASP A 349 -17.51 40.82 -11.27
CA ASP A 349 -16.32 41.64 -11.42
C ASP A 349 -15.23 40.89 -12.19
N MET A 350 -15.08 39.58 -11.94
CA MET A 350 -14.10 38.79 -12.67
C MET A 350 -14.40 38.82 -14.16
N VAL A 351 -15.67 38.63 -14.52
CA VAL A 351 -16.07 38.68 -15.92
C VAL A 351 -15.81 40.06 -16.50
N ALA A 352 -16.15 41.12 -15.75
CA ALA A 352 -15.98 42.47 -16.25
C ALA A 352 -14.51 42.84 -16.44
N ALA A 353 -13.63 42.25 -15.64
CA ALA A 353 -12.20 42.55 -15.74
C ALA A 353 -11.52 41.75 -16.84
N ASN A 354 -12.13 40.66 -17.32
CA ASN A 354 -11.53 39.86 -18.37
C ASN A 354 -11.83 40.44 -19.75
N THR A 355 -10.81 40.49 -20.61
CA THR A 355 -11.00 40.93 -21.98
C THR A 355 -10.59 39.87 -23.00
N ASP A 356 -10.19 38.69 -22.56
CA ASP A 356 -9.69 37.66 -23.46
C ASP A 356 -10.74 36.58 -23.69
N GLY A 357 -10.68 35.97 -24.87
CA GLY A 357 -11.50 34.81 -25.16
C GLY A 357 -12.90 35.16 -25.62
N GLU A 358 -13.73 34.13 -25.67
CA GLU A 358 -15.12 34.23 -26.07
C GLU A 358 -15.98 33.74 -24.92
N VAL A 359 -16.98 34.53 -24.54
CA VAL A 359 -17.81 34.26 -23.37
C VAL A 359 -19.16 33.72 -23.82
N TYR A 360 -19.55 32.57 -23.26
CA TYR A 360 -20.84 31.97 -23.55
C TYR A 360 -21.58 31.74 -22.25
N GLN A 361 -22.79 32.27 -22.15
CA GLN A 361 -23.61 32.08 -20.95
C GLN A 361 -24.99 31.57 -21.36
N THR A 362 -25.51 30.63 -20.57
CA THR A 362 -26.76 29.94 -20.93
C THR A 362 -28.00 30.76 -20.60
N ALA A 363 -27.86 31.82 -19.82
CA ALA A 363 -29.00 32.64 -19.41
C ALA A 363 -28.48 34.02 -19.07
N VAL A 364 -29.42 34.96 -18.94
CA VAL A 364 -29.08 36.29 -18.44
C VAL A 364 -29.02 36.23 -16.91
N PRO A 365 -27.96 36.74 -16.29
CA PRO A 365 -27.91 36.78 -14.82
C PRO A 365 -29.12 37.51 -14.26
N ALA A 366 -29.73 36.92 -13.23
CA ALA A 366 -30.97 37.45 -12.66
C ALA A 366 -30.98 37.18 -11.17
N GLY A 367 -31.00 38.25 -10.36
CA GLY A 367 -31.04 38.08 -8.92
C GLY A 367 -29.84 37.30 -8.41
N CYS A 368 -30.11 36.35 -7.52
CA CYS A 368 -29.06 35.51 -6.95
C CYS A 368 -28.54 34.45 -7.91
N TYR A 369 -29.08 34.35 -9.13
CA TYR A 369 -28.80 33.24 -10.04
C TYR A 369 -27.82 33.70 -11.12
N TYR A 370 -26.57 33.20 -11.04
CA TYR A 370 -25.59 33.45 -12.09
C TYR A 370 -25.51 32.22 -12.99
N PRO A 371 -25.45 32.39 -14.31
CA PRO A 371 -25.61 31.25 -15.23
C PRO A 371 -24.29 30.52 -15.46
N PRO A 372 -24.34 29.24 -15.81
CA PRO A 372 -23.15 28.56 -16.30
C PRO A 372 -22.49 29.36 -17.41
N THR A 373 -21.18 29.54 -17.29
CA THR A 373 -20.41 30.42 -18.15
C THR A 373 -19.18 29.66 -18.62
N LEU A 374 -18.90 29.72 -19.92
CA LEU A 374 -17.70 29.14 -20.50
C LEU A 374 -16.93 30.27 -21.19
N ILE A 375 -15.67 30.45 -20.80
CA ILE A 375 -14.79 31.40 -21.46
C ILE A 375 -13.75 30.60 -22.24
N SER A 376 -13.88 30.57 -23.55
CA SER A 376 -13.05 29.70 -24.38
C SER A 376 -12.15 30.54 -25.28
N GLY A 377 -11.28 29.86 -26.02
CA GLY A 377 -10.39 30.56 -26.93
C GLY A 377 -9.27 31.30 -26.26
N LEU A 378 -8.93 30.93 -25.03
CA LEU A 378 -7.81 31.57 -24.33
C LEU A 378 -6.50 30.95 -24.77
N ALA A 379 -5.44 31.74 -24.70
CA ALA A 379 -4.11 31.21 -24.99
C ALA A 379 -3.56 30.52 -23.76
N PRO A 380 -2.65 29.55 -23.94
CA PRO A 380 -2.09 28.83 -22.78
C PRO A 380 -1.49 29.73 -21.71
N ALA A 381 -1.10 30.95 -22.08
CA ALA A 381 -0.49 31.90 -21.15
C ALA A 381 -1.42 33.02 -20.75
N SER A 382 -2.71 32.92 -21.09
CA SER A 382 -3.67 33.95 -20.72
C SER A 382 -3.74 34.08 -19.20
N PRO A 383 -4.12 35.25 -18.69
CA PRO A 383 -4.26 35.39 -17.23
C PRO A 383 -5.32 34.49 -16.64
N LEU A 384 -6.42 34.27 -17.36
CA LEU A 384 -7.56 33.57 -16.76
C LEU A 384 -7.28 32.08 -16.58
N MET A 385 -6.38 31.51 -17.38
CA MET A 385 -6.02 30.11 -17.18
C MET A 385 -5.37 29.90 -15.82
N GLN A 386 -4.70 30.92 -15.30
CA GLN A 386 -3.99 30.83 -14.02
C GLN A 386 -4.59 31.70 -12.93
N GLN A 387 -5.53 32.59 -13.25
CA GLN A 387 -6.10 33.46 -12.24
C GLN A 387 -7.18 32.74 -11.43
N GLU A 388 -7.53 33.33 -10.30
CA GLU A 388 -8.56 32.77 -9.44
C GLU A 388 -9.91 32.82 -10.16
N ILE A 389 -10.71 31.78 -9.99
CA ILE A 389 -12.00 31.66 -10.65
C ILE A 389 -13.11 31.71 -9.61
N PHE A 390 -14.14 32.48 -9.91
CA PHE A 390 -15.31 32.56 -9.05
C PHE A 390 -16.54 32.16 -9.87
N GLY A 391 -17.54 31.60 -9.17
CA GLY A 391 -18.82 31.32 -9.77
C GLY A 391 -18.81 30.06 -10.59
N PRO A 392 -19.95 29.78 -11.24
CA PRO A 392 -20.10 28.61 -12.13
C PRO A 392 -19.49 28.86 -13.50
N VAL A 393 -18.17 29.05 -13.53
CA VAL A 393 -17.45 29.51 -14.71
C VAL A 393 -16.31 28.54 -15.00
N LEU A 394 -16.18 28.16 -16.27
CA LEU A 394 -15.07 27.34 -16.77
C LEU A 394 -14.31 28.18 -17.78
N VAL A 395 -12.98 28.05 -17.79
CA VAL A 395 -12.12 28.68 -18.79
C VAL A 395 -11.38 27.59 -19.54
N SER A 396 -11.15 27.79 -20.84
CA SER A 396 -10.62 26.71 -21.66
C SER A 396 -9.54 27.20 -22.62
N THR A 397 -8.58 26.32 -22.87
CA THR A 397 -7.54 26.50 -23.87
C THR A 397 -7.30 25.16 -24.56
N THR A 398 -6.45 25.14 -25.58
CA THR A 398 -6.14 23.92 -26.31
C THR A 398 -4.66 23.55 -26.17
N PHE A 399 -4.36 22.31 -26.53
CA PHE A 399 -2.98 21.84 -26.55
C PHE A 399 -2.78 20.94 -27.76
N ARG A 400 -1.53 20.87 -28.21
CA ARG A 400 -1.18 20.08 -29.38
C ARG A 400 -0.77 18.66 -29.01
N THR A 401 0.12 18.52 -28.04
CA THR A 401 0.65 17.24 -27.63
C THR A 401 0.42 17.02 -26.14
N PRO A 402 0.36 15.77 -25.69
CA PRO A 402 0.29 15.51 -24.24
C PRO A 402 1.34 16.22 -23.43
N ALA A 403 2.58 16.30 -23.93
CA ALA A 403 3.63 17.02 -23.22
C ALA A 403 3.25 18.49 -23.03
N GLU A 404 2.58 19.08 -24.01
CA GLU A 404 2.18 20.48 -23.86
C GLU A 404 1.05 20.61 -22.83
N ALA A 405 0.15 19.63 -22.80
CA ALA A 405 -0.92 19.64 -21.80
C ALA A 405 -0.34 19.66 -20.38
N VAL A 406 0.62 18.78 -20.12
CA VAL A 406 1.29 18.74 -18.81
C VAL A 406 1.89 20.10 -18.48
N GLU A 407 2.56 20.72 -19.46
CA GLU A 407 3.20 22.01 -19.27
C GLU A 407 2.18 23.07 -18.88
N ILE A 408 1.06 23.15 -19.62
CA ILE A 408 0.02 24.10 -19.29
C ILE A 408 -0.57 23.81 -17.92
N ALA A 409 -0.93 22.54 -17.67
CA ALA A 409 -1.57 22.17 -16.42
C ALA A 409 -0.72 22.56 -15.23
N ASN A 410 0.60 22.45 -15.36
CA ASN A 410 1.53 22.71 -14.28
C ASN A 410 2.03 24.15 -14.23
N ASN A 411 1.59 24.99 -15.17
CA ASN A 411 2.05 26.37 -15.23
C ASN A 411 1.25 27.24 -14.28
N THR A 412 1.34 26.89 -13.00
CA THR A 412 0.60 27.60 -11.97
C THR A 412 1.34 27.45 -10.65
N ALA A 413 1.00 28.34 -9.72
CA ALA A 413 1.50 28.24 -8.36
C ALA A 413 0.79 27.16 -7.55
N TYR A 414 -0.25 26.53 -8.11
CA TYR A 414 -1.09 25.62 -7.36
C TYR A 414 -0.77 24.16 -7.70
N GLY A 415 -1.40 23.27 -6.95
CA GLY A 415 -1.27 21.85 -7.18
C GLY A 415 -2.18 21.08 -6.25
N LEU A 416 -3.45 20.96 -6.60
CA LEU A 416 -4.41 20.28 -5.72
C LEU A 416 -4.98 19.06 -6.43
N ALA A 417 -6.12 19.19 -7.12
CA ALA A 417 -6.65 18.09 -7.90
C ALA A 417 -6.57 18.39 -9.40
N ALA A 418 -6.64 17.31 -10.19
CA ALA A 418 -6.60 17.39 -11.64
C ALA A 418 -7.28 16.16 -12.21
N SER A 419 -7.72 16.27 -13.46
CA SER A 419 -8.43 15.19 -14.14
C SER A 419 -7.83 15.01 -15.53
N VAL A 420 -7.68 13.74 -15.94
CA VAL A 420 -7.12 13.38 -17.25
C VAL A 420 -8.08 12.41 -17.91
N TRP A 421 -8.43 12.68 -19.17
CA TRP A 421 -9.36 11.85 -19.94
C TRP A 421 -8.66 11.27 -21.16
N SER A 422 -8.60 9.95 -21.21
CA SER A 422 -8.12 9.24 -22.38
C SER A 422 -8.62 7.81 -22.25
N GLU A 423 -9.00 7.20 -23.37
CA GLU A 423 -9.39 5.80 -23.34
C GLU A 423 -8.21 4.86 -23.37
N ASN A 424 -7.01 5.36 -23.66
CA ASN A 424 -5.84 4.51 -23.81
C ASN A 424 -5.22 4.27 -22.44
N VAL A 425 -5.12 3.01 -22.04
CA VAL A 425 -4.60 2.68 -20.71
C VAL A 425 -3.18 3.16 -20.53
N ASN A 426 -2.40 3.21 -21.60
CA ASN A 426 -1.00 3.62 -21.49
C ASN A 426 -0.87 5.13 -21.36
N LEU A 427 -1.63 5.89 -22.16
CA LEU A 427 -1.52 7.35 -22.12
C LEU A 427 -2.06 7.92 -20.82
N ALA A 428 -3.22 7.41 -20.35
CA ALA A 428 -3.80 7.93 -19.11
C ALA A 428 -2.85 7.75 -17.94
N LEU A 429 -2.24 6.57 -17.82
CA LEU A 429 -1.33 6.29 -16.71
C LEU A 429 0.04 6.92 -16.90
N ASP A 430 0.38 7.37 -18.11
CA ASP A 430 1.60 8.12 -18.28
C ASP A 430 1.43 9.58 -17.90
N LEU A 431 0.26 10.17 -18.24
CA LEU A 431 0.02 11.57 -17.97
C LEU A 431 -0.20 11.84 -16.48
N ALA A 432 -0.99 11.00 -15.82
CA ALA A 432 -1.39 11.26 -14.43
C ALA A 432 -0.22 11.58 -13.49
N PRO A 433 0.86 10.78 -13.43
CA PRO A 433 1.92 11.09 -12.47
C PRO A 433 2.74 12.34 -12.80
N LYS A 434 2.67 12.85 -14.03
CA LYS A 434 3.41 14.04 -14.41
C LYS A 434 2.70 15.34 -14.04
N LEU A 435 1.44 15.27 -13.63
CA LEU A 435 0.74 16.46 -13.18
C LEU A 435 1.12 16.78 -11.74
N VAL A 436 1.35 18.06 -11.49
CA VAL A 436 1.67 18.53 -10.14
C VAL A 436 0.35 18.65 -9.39
N ALA A 437 0.13 17.75 -8.43
CA ALA A 437 -1.19 17.62 -7.83
C ALA A 437 -1.08 16.65 -6.66
N GLY A 438 -2.05 16.76 -5.75
CA GLY A 438 -2.22 15.75 -4.72
C GLY A 438 -3.26 14.70 -5.07
N ILE A 439 -4.12 14.97 -6.05
CA ILE A 439 -5.16 14.05 -6.50
C ILE A 439 -5.22 14.14 -8.01
N VAL A 440 -5.21 12.99 -8.69
CA VAL A 440 -5.47 12.92 -10.13
C VAL A 440 -6.53 11.87 -10.38
N TRP A 441 -7.61 12.26 -11.06
CA TRP A 441 -8.68 11.34 -11.45
C TRP A 441 -8.53 10.99 -12.92
N ILE A 442 -8.45 9.70 -13.23
CA ILE A 442 -8.45 9.25 -14.61
C ILE A 442 -9.89 8.97 -15.04
N ASN A 443 -10.34 9.64 -16.09
CA ASN A 443 -11.68 9.43 -16.65
C ASN A 443 -12.77 9.67 -15.60
N GLY A 444 -12.58 10.71 -14.81
CA GLY A 444 -13.58 11.11 -13.83
C GLY A 444 -13.17 12.45 -13.28
N THR A 445 -14.03 12.99 -12.42
CA THR A 445 -13.63 14.18 -11.68
C THR A 445 -14.41 14.24 -10.38
N ASN A 446 -13.80 14.94 -9.40
CA ASN A 446 -14.46 15.20 -8.12
C ASN A 446 -14.89 13.92 -7.42
N MET A 447 -14.10 12.86 -7.56
CA MET A 447 -14.39 11.60 -6.89
C MET A 447 -13.81 11.67 -5.48
N MET A 448 -14.64 11.36 -4.47
CA MET A 448 -14.23 11.55 -3.09
C MET A 448 -14.63 10.34 -2.27
N ASP A 449 -13.73 9.93 -1.37
CA ASP A 449 -14.06 8.87 -0.43
C ASP A 449 -13.25 9.03 0.85
N ALA A 450 -13.83 8.53 1.94
CA ALA A 450 -13.23 8.71 3.26
C ALA A 450 -11.88 8.02 3.38
N ALA A 451 -11.64 6.98 2.57
CA ALA A 451 -10.39 6.24 2.63
C ALA A 451 -9.30 6.83 1.73
N ALA A 452 -9.65 7.76 0.84
CA ALA A 452 -8.73 8.26 -0.16
C ALA A 452 -8.25 9.66 0.23
N PRO A 453 -6.97 9.84 0.55
CA PRO A 453 -6.51 11.15 1.02
C PRO A 453 -6.55 12.22 -0.06
N PHE A 454 -6.76 13.45 0.38
CA PHE A 454 -6.71 14.59 -0.54
C PHE A 454 -5.99 15.77 0.11
N GLY A 455 -5.27 16.52 -0.70
CA GLY A 455 -4.54 17.67 -0.19
C GLY A 455 -3.61 18.19 -1.26
N GLY A 456 -2.97 19.31 -0.92
CA GLY A 456 -2.25 20.10 -1.89
C GLY A 456 -0.74 19.96 -1.81
N VAL A 457 -0.10 20.43 -2.87
CA VAL A 457 1.32 20.76 -2.90
C VAL A 457 1.45 22.20 -3.37
N ARG A 458 2.70 22.69 -3.43
CA ARG A 458 2.92 24.09 -3.81
C ARG A 458 2.04 25.01 -2.96
N GLU A 459 1.42 26.01 -3.58
CA GLU A 459 0.60 26.99 -2.87
C GLU A 459 -0.81 26.50 -2.60
N SER A 460 -1.13 25.25 -2.94
CA SER A 460 -2.40 24.68 -2.53
C SER A 460 -2.38 24.18 -1.10
N GLY A 461 -1.24 24.29 -0.43
CA GLY A 461 -1.15 23.97 0.99
C GLY A 461 -0.35 22.70 1.29
N PHE A 462 -0.67 22.07 2.41
CA PHE A 462 0.04 20.86 2.83
C PHE A 462 -0.82 20.10 3.83
N GLY A 463 -0.48 18.84 4.02
CA GLY A 463 -1.31 17.94 4.78
C GLY A 463 -2.31 17.21 3.90
N ARG A 464 -2.86 16.13 4.44
CA ARG A 464 -3.81 15.32 3.70
C ARG A 464 -4.97 14.98 4.62
N GLU A 465 -6.17 15.01 4.05
CA GLU A 465 -7.39 14.64 4.76
C GLU A 465 -7.97 13.37 4.16
N GLY A 466 -8.27 12.40 5.01
CA GLY A 466 -8.81 11.12 4.62
C GLY A 466 -7.78 10.00 4.70
N GLY A 467 -8.27 8.78 4.90
CA GLY A 467 -7.43 7.60 4.89
C GLY A 467 -6.53 7.47 6.10
N TRP A 468 -5.79 6.36 6.14
CA TRP A 468 -4.72 6.21 7.12
C TRP A 468 -3.78 7.40 7.05
N GLU A 469 -3.55 7.91 5.84
CA GLU A 469 -2.57 8.97 5.61
C GLU A 469 -2.97 10.27 6.31
N GLY A 470 -4.27 10.52 6.47
CA GLY A 470 -4.73 11.71 7.17
C GLY A 470 -4.57 11.67 8.66
N LEU A 471 -4.31 10.50 9.25
CA LEU A 471 -4.28 10.41 10.72
C LEU A 471 -2.97 10.95 11.30
N ALA A 472 -1.86 10.85 10.56
CA ALA A 472 -0.59 11.33 11.09
C ALA A 472 -0.69 12.79 11.53
N GLY A 473 -1.39 13.61 10.75
CA GLY A 473 -1.53 15.01 11.05
C GLY A 473 -2.40 15.33 12.24
N TYR A 474 -3.05 14.32 12.84
CA TYR A 474 -3.84 14.50 14.05
C TYR A 474 -3.20 13.79 15.24
N THR A 475 -1.92 13.43 15.12
CA THR A 475 -1.22 12.70 16.17
C THR A 475 0.17 13.26 16.34
N ARG A 476 0.81 12.84 17.44
CA ARG A 476 2.19 13.12 17.78
C ARG A 476 2.80 11.79 18.18
N PRO A 477 4.13 11.68 18.18
CA PRO A 477 4.76 10.46 18.70
C PRO A 477 4.38 10.24 20.16
N ALA A 478 4.11 8.97 20.49
CA ALA A 478 3.73 8.63 21.85
C ALA A 478 4.87 8.91 22.83
N ILE A 479 6.10 8.70 22.40
CA ILE A 479 7.29 8.99 23.21
C ILE A 479 7.90 10.28 22.69
N ALA A 480 7.94 11.30 23.54
CA ALA A 480 8.41 12.60 23.09
C ALA A 480 9.94 12.57 22.95
N THR A 481 10.44 13.15 21.86
CA THR A 481 11.88 13.39 21.77
C THR A 481 12.18 14.85 22.02
N LYS A 482 13.44 15.13 22.36
CA LYS A 482 13.86 16.49 22.68
C LYS A 482 15.10 16.82 21.86
N SER A 483 15.08 17.97 21.20
CA SER A 483 16.23 18.41 20.44
C SER A 483 17.37 18.74 21.39
N PRO A 484 18.60 18.32 21.10
CA PRO A 484 19.73 18.70 21.96
C PRO A 484 19.84 20.22 22.03
N ALA A 485 20.33 20.71 23.18
CA ALA A 485 20.57 22.13 23.32
C ALA A 485 21.64 22.57 22.34
N ALA A 486 21.59 23.86 21.97
CA ALA A 486 22.62 24.43 21.12
C ALA A 486 23.97 24.34 21.80
N VAL A 487 25.04 24.30 21.01
CA VAL A 487 26.40 24.25 21.52
C VAL A 487 27.19 25.42 20.92
N ALA A 488 27.80 26.22 21.79
CA ALA A 488 28.63 27.31 21.31
C ALA A 488 29.97 26.76 20.82
N ALA A 489 30.42 27.26 19.68
CA ALA A 489 31.72 26.85 19.16
C ALA A 489 32.82 27.15 20.17
N TYR A 490 33.85 26.31 20.18
CA TYR A 490 34.98 26.57 21.03
C TYR A 490 35.77 27.77 20.54
N THR A 491 36.31 28.52 21.49
CA THR A 491 37.22 29.62 21.21
C THR A 491 38.66 29.13 21.35
N GLY A 492 39.60 29.97 20.91
CA GLY A 492 40.99 29.56 20.94
C GLY A 492 41.91 30.72 20.60
N ASP A 493 43.21 30.42 20.62
CA ASP A 493 44.25 31.44 20.55
C ASP A 493 44.08 32.37 19.35
N GLY A 494 44.20 31.84 18.15
CA GLY A 494 44.11 32.63 16.94
C GLY A 494 45.40 32.84 16.19
N ALA A 495 46.42 32.04 16.46
CA ALA A 495 47.68 32.15 15.74
C ALA A 495 47.49 31.78 14.27
N ALA A 496 48.38 32.31 13.44
CA ALA A 496 48.32 32.04 12.01
C ALA A 496 48.49 30.54 11.74
N ASP A 497 48.00 30.12 10.58
CA ASP A 497 48.12 28.73 10.13
C ASP A 497 48.94 28.73 8.84
N GLY A 498 50.17 28.20 8.93
CA GLY A 498 51.04 28.07 7.77
C GLY A 498 50.69 26.94 6.84
N LEU A 499 49.79 26.05 7.26
CA LEU A 499 49.29 24.96 6.43
C LEU A 499 47.94 25.34 5.84
N ASP A 500 47.57 24.65 4.76
CA ASP A 500 46.30 24.90 4.08
C ASP A 500 45.25 23.97 4.68
N ARG A 501 44.50 24.49 5.65
CA ARG A 501 43.47 23.69 6.33
C ARG A 501 42.12 24.41 6.33
N THR A 502 41.82 25.12 5.25
CA THR A 502 40.58 25.89 5.13
C THR A 502 39.59 25.08 4.29
N ALA A 503 38.53 24.59 4.91
CA ALA A 503 37.50 23.85 4.19
C ALA A 503 36.60 24.80 3.40
N LYS A 504 35.98 24.25 2.34
CA LYS A 504 35.16 24.98 1.38
C LYS A 504 33.70 24.53 1.50
N LEU A 505 32.91 24.85 0.49
CA LEU A 505 31.53 24.39 0.39
C LEU A 505 31.46 23.29 -0.67
N TYR A 506 30.36 22.55 -0.69
CA TYR A 506 30.16 21.50 -1.68
C TYR A 506 28.83 21.75 -2.38
N ILE A 507 28.91 22.18 -3.64
CA ILE A 507 27.75 22.61 -4.40
C ILE A 507 27.86 22.05 -5.81
N GLY A 508 26.82 21.36 -6.27
CA GLY A 508 26.78 20.93 -7.65
C GLY A 508 27.89 19.97 -8.01
N GLY A 509 28.22 19.06 -7.11
CA GLY A 509 29.21 18.04 -7.39
C GLY A 509 30.66 18.46 -7.28
N LYS A 510 30.94 19.67 -6.78
CA LYS A 510 32.33 20.07 -6.62
C LYS A 510 32.47 21.03 -5.45
N GLN A 511 33.70 21.12 -4.93
CA GLN A 511 33.95 22.09 -3.89
C GLN A 511 33.96 23.49 -4.46
N THR A 512 33.53 24.46 -3.66
CA THR A 512 33.51 25.85 -4.12
C THR A 512 33.81 26.77 -2.95
N ARG A 513 34.49 27.87 -3.27
CA ARG A 513 34.79 28.88 -2.27
C ARG A 513 33.50 29.61 -1.89
N PRO A 514 33.39 30.05 -0.65
CA PRO A 514 32.21 30.83 -0.26
C PRO A 514 32.19 32.16 -1.02
N ASP A 515 31.00 32.54 -1.48
CA ASP A 515 30.87 33.76 -2.27
C ASP A 515 31.38 34.98 -1.51
N GLY A 516 31.14 35.03 -0.20
CA GLY A 516 31.59 36.15 0.60
C GLY A 516 33.06 36.13 0.97
N GLY A 517 33.74 35.00 0.75
CA GLY A 517 35.19 34.93 0.92
C GLY A 517 35.68 34.67 2.33
N TYR A 518 34.78 34.59 3.32
CA TYR A 518 35.18 34.52 4.72
C TYR A 518 35.14 33.09 5.25
N SER A 519 36.08 32.80 6.14
CA SER A 519 36.05 31.57 6.90
C SER A 519 36.37 31.90 8.35
N ARG A 520 35.91 31.04 9.26
CA ARG A 520 36.25 31.20 10.67
C ARG A 520 37.19 30.10 11.12
N ALA A 521 38.02 30.42 12.10
CA ALA A 521 38.87 29.39 12.71
C ALA A 521 37.99 28.42 13.51
N VAL A 522 38.33 27.14 13.46
CA VAL A 522 37.66 26.11 14.26
C VAL A 522 38.66 25.59 15.29
N TYR A 523 38.26 25.62 16.56
CA TYR A 523 39.12 25.21 17.66
C TYR A 523 38.54 24.00 18.35
N GLY A 524 39.42 23.17 18.93
CA GLY A 524 38.98 22.07 19.77
C GLY A 524 38.72 22.53 21.19
N PRO A 525 38.33 21.57 22.03
CA PRO A 525 37.88 21.90 23.40
C PRO A 525 38.95 22.52 24.28
N LYS A 526 40.24 22.35 23.96
CA LYS A 526 41.32 22.96 24.71
C LYS A 526 41.86 24.22 24.07
N GLY A 527 41.29 24.65 22.93
CA GLY A 527 41.74 25.85 22.27
C GLY A 527 42.67 25.64 21.10
N LYS A 528 42.96 24.39 20.73
CA LYS A 528 43.85 24.11 19.62
C LYS A 528 43.16 24.42 18.29
N LEU A 529 43.88 25.11 17.40
CA LEU A 529 43.37 25.40 16.08
C LEU A 529 43.32 24.12 15.26
N LEU A 530 42.13 23.78 14.75
CA LEU A 530 41.96 22.58 13.95
C LEU A 530 41.93 22.84 12.46
N GLY A 531 41.62 24.06 12.04
CA GLY A 531 41.40 24.38 10.65
C GLY A 531 40.47 25.57 10.55
N HIS A 532 40.01 25.83 9.33
CA HIS A 532 39.06 26.91 9.09
C HIS A 532 37.88 26.38 8.30
N ALA A 533 36.71 26.99 8.51
CA ALA A 533 35.49 26.58 7.82
C ALA A 533 34.83 27.79 7.18
N SER A 534 34.35 27.62 5.95
CA SER A 534 33.75 28.72 5.21
C SER A 534 32.46 29.22 5.89
N LEU A 535 32.20 30.52 5.72
CA LEU A 535 30.95 31.14 6.17
C LEU A 535 30.10 31.39 4.93
N SER A 536 29.09 30.55 4.72
CA SER A 536 28.24 30.63 3.53
CA SER A 536 28.28 30.65 3.51
C SER A 536 27.30 31.83 3.62
N ASN A 537 26.79 32.24 2.46
CA ASN A 537 25.91 33.40 2.37
C ASN A 537 24.73 33.08 1.46
N ARG A 538 23.89 34.09 1.24
CA ARG A 538 22.68 33.86 0.45
C ARG A 538 23.02 33.53 -1.00
N LYS A 539 24.08 34.12 -1.54
CA LYS A 539 24.53 33.76 -2.89
C LYS A 539 24.92 32.29 -2.98
N ASP A 540 25.63 31.76 -1.97
CA ASP A 540 25.96 30.33 -1.96
C ASP A 540 24.70 29.47 -1.98
N LEU A 541 23.70 29.85 -1.18
CA LEU A 541 22.43 29.14 -1.19
C LEU A 541 21.78 29.20 -2.57
N ARG A 542 21.80 30.38 -3.20
CA ARG A 542 21.24 30.51 -4.54
C ARG A 542 21.93 29.55 -5.50
N ASN A 543 23.26 29.48 -5.42
CA ASN A 543 24.01 28.55 -6.26
C ASN A 543 23.62 27.11 -5.98
N ALA A 544 23.39 26.76 -4.71
CA ALA A 544 23.00 25.39 -4.38
C ALA A 544 21.62 25.07 -4.92
N VAL A 545 20.69 26.03 -4.87
CA VAL A 545 19.37 25.78 -5.42
C VAL A 545 19.44 25.61 -6.93
N GLU A 546 20.28 26.40 -7.60
CA GLU A 546 20.51 26.19 -9.02
C GLU A 546 21.03 24.79 -9.30
N ALA A 547 21.97 24.32 -8.47
CA ALA A 547 22.50 22.98 -8.66
C ALA A 547 21.42 21.93 -8.43
N MET A 548 20.54 22.14 -7.46
CA MET A 548 19.44 21.20 -7.24
C MET A 548 18.46 21.21 -8.41
N ASN A 549 18.21 22.39 -9.01
CA ASN A 549 17.37 22.43 -10.19
C ASN A 549 17.98 21.62 -11.33
N ALA A 550 19.30 21.69 -11.50
CA ALA A 550 19.94 20.92 -12.56
C ALA A 550 19.87 19.43 -12.28
N ALA A 551 19.72 19.02 -11.03
CA ALA A 551 19.63 17.61 -10.65
C ALA A 551 18.19 17.11 -10.56
N SER A 552 17.25 17.75 -11.27
CA SER A 552 15.85 17.32 -11.17
C SER A 552 15.65 15.86 -11.61
N GLY A 553 16.53 15.33 -12.45
CA GLY A 553 16.41 13.95 -12.84
C GLY A 553 16.52 12.96 -11.70
N TRP A 554 17.19 13.35 -10.61
CA TRP A 554 17.27 12.46 -9.45
C TRP A 554 15.89 12.13 -8.92
N SER A 555 14.93 13.07 -9.03
CA SER A 555 13.59 12.84 -8.51
C SER A 555 12.78 11.88 -9.40
N ARG A 556 13.37 11.41 -10.51
CA ARG A 556 12.75 10.44 -11.40
C ARG A 556 13.52 9.13 -11.46
N THR A 557 14.55 8.94 -10.64
CA THR A 557 15.32 7.70 -10.63
C THR A 557 14.50 6.58 -10.00
N THR A 558 14.97 5.34 -10.18
CA THR A 558 14.38 4.20 -9.50
C THR A 558 14.84 4.14 -8.05
N GLY A 559 14.01 3.51 -7.21
CA GLY A 559 14.45 3.25 -5.84
C GLY A 559 15.69 2.37 -5.79
N HIS A 560 15.78 1.41 -6.72
CA HIS A 560 16.97 0.56 -6.78
C HIS A 560 18.24 1.39 -6.96
N LEU A 561 18.20 2.36 -7.87
CA LEU A 561 19.39 3.20 -8.10
C LEU A 561 19.72 4.01 -6.86
N ARG A 562 18.72 4.62 -6.24
CA ARG A 562 18.99 5.44 -5.07
C ARG A 562 19.54 4.59 -3.93
N ALA A 563 19.01 3.37 -3.78
CA ALA A 563 19.55 2.46 -2.76
C ALA A 563 21.03 2.16 -3.02
N GLN A 564 21.39 1.92 -4.29
CA GLN A 564 22.77 1.62 -4.62
C GLN A 564 23.70 2.76 -4.20
N ILE A 565 23.29 4.00 -4.47
CA ILE A 565 24.12 5.15 -4.12
C ILE A 565 24.29 5.24 -2.61
N LEU A 566 23.20 5.08 -1.86
CA LEU A 566 23.28 5.15 -0.41
C LEU A 566 24.14 4.04 0.17
N TYR A 567 24.06 2.84 -0.43
CA TYR A 567 24.95 1.77 -0.01
C TYR A 567 26.42 2.16 -0.23
N PHE A 568 26.73 2.76 -1.38
CA PHE A 568 28.09 3.24 -1.62
C PHE A 568 28.51 4.26 -0.57
N ILE A 569 27.62 5.20 -0.24
CA ILE A 569 27.96 6.22 0.76
C ILE A 569 28.27 5.54 2.10
N GLY A 570 27.45 4.58 2.50
CA GLY A 570 27.71 3.86 3.74
C GLY A 570 29.02 3.10 3.71
N GLU A 571 29.29 2.39 2.60
CA GLU A 571 30.53 1.63 2.50
C GLU A 571 31.74 2.57 2.52
N ASN A 572 31.64 3.71 1.87
CA ASN A 572 32.78 4.63 1.79
C ASN A 572 33.01 5.36 3.10
N LEU A 573 31.97 5.69 3.84
CA LEU A 573 32.17 6.22 5.18
C LEU A 573 32.80 5.17 6.07
N SER A 574 32.32 3.92 5.94
CA SER A 574 32.89 2.82 6.72
CA SER A 574 32.88 2.83 6.73
C SER A 574 34.37 2.67 6.48
N ALA A 575 34.81 2.84 5.23
CA ALA A 575 36.23 2.72 4.92
C ALA A 575 37.06 3.81 5.59
N ARG A 576 36.46 4.95 5.94
CA ARG A 576 37.16 6.02 6.63
C ARG A 576 36.70 6.18 8.08
N ALA A 577 36.17 5.11 8.68
CA ALA A 577 35.49 5.25 9.97
C ALA A 577 36.42 5.78 11.05
N ASP A 578 37.66 5.28 11.12
CA ASP A 578 38.59 5.74 12.15
C ASP A 578 38.85 7.23 12.01
N GLU A 579 39.05 7.68 10.77
CA GLU A 579 39.36 9.08 10.50
C GLU A 579 38.21 9.97 10.94
N PHE A 580 36.97 9.57 10.65
CA PHE A 580 35.83 10.40 11.04
C PHE A 580 35.66 10.43 12.55
N ALA A 581 35.90 9.30 13.23
CA ALA A 581 35.84 9.31 14.70
C ALA A 581 36.88 10.26 15.27
N ASN A 582 38.09 10.27 14.68
CA ASN A 582 39.15 11.16 15.16
C ASN A 582 38.78 12.62 14.96
N ARG A 583 38.16 12.95 13.82
CA ARG A 583 37.76 14.34 13.59
C ARG A 583 36.70 14.77 14.59
N ILE A 584 35.74 13.89 14.87
CA ILE A 584 34.73 14.19 15.88
C ILE A 584 35.37 14.40 17.25
N LYS A 585 36.32 13.53 17.63
CA LYS A 585 36.94 13.70 18.93
C LYS A 585 37.80 14.97 18.97
N ASP A 586 38.48 15.30 17.87
CA ASP A 586 39.23 16.56 17.81
C ASP A 586 38.31 17.74 18.09
N MET A 587 37.09 17.73 17.56
CA MET A 587 36.21 18.88 17.67
C MET A 587 35.49 18.95 19.02
N THR A 588 35.06 17.80 19.55
CA THR A 588 34.18 17.76 20.71
C THR A 588 34.86 17.26 21.98
N GLY A 589 36.02 16.63 21.87
CA GLY A 589 36.68 16.04 23.02
C GLY A 589 36.13 14.71 23.46
N LYS A 590 35.11 14.18 22.77
CA LYS A 590 34.50 12.91 23.11
C LYS A 590 34.74 11.91 21.99
N ASP A 591 34.93 10.65 22.37
CA ASP A 591 35.18 9.60 21.39
C ASP A 591 34.05 9.57 20.36
N GLY A 592 34.43 9.41 19.09
CA GLY A 592 33.45 9.51 18.01
C GLY A 592 33.09 8.19 17.34
N LYS A 593 33.64 7.08 17.84
CA LYS A 593 33.36 5.79 17.21
C LYS A 593 31.86 5.47 17.18
N ALA A 594 31.15 5.68 18.29
CA ALA A 594 29.73 5.35 18.32
C ALA A 594 28.93 6.23 17.37
N GLU A 595 29.28 7.51 17.25
CA GLU A 595 28.56 8.39 16.32
C GLU A 595 28.80 7.96 14.87
N VAL A 596 30.02 7.53 14.55
CA VAL A 596 30.31 7.07 13.20
C VAL A 596 29.55 5.78 12.91
N ALA A 597 29.50 4.85 13.87
CA ALA A 597 28.77 3.62 13.66
C ALA A 597 27.29 3.89 13.43
N ALA A 598 26.73 4.81 14.22
CA ALA A 598 25.32 5.18 14.05
C ALA A 598 25.09 5.82 12.69
N SER A 599 26.05 6.64 12.23
CA SER A 599 25.90 7.31 10.93
C SER A 599 25.88 6.29 9.80
N ILE A 600 26.79 5.32 9.86
CA ILE A 600 26.79 4.23 8.88
C ILE A 600 25.46 3.49 8.93
N ASP A 601 24.96 3.22 10.13
CA ASP A 601 23.68 2.53 10.26
C ASP A 601 22.54 3.34 9.64
N ARG A 602 22.53 4.66 9.83
CA ARG A 602 21.49 5.49 9.22
C ARG A 602 21.54 5.41 7.71
N LEU A 603 22.76 5.39 7.15
CA LEU A 603 22.89 5.28 5.71
C LEU A 603 22.33 3.95 5.20
N PHE A 604 22.62 2.87 5.91
CA PHE A 604 22.16 1.57 5.47
C PHE A 604 20.67 1.39 5.67
N SER A 605 20.09 2.05 6.68
CA SER A 605 18.64 2.03 6.83
C SER A 605 17.96 2.84 5.74
N ALA A 606 18.55 3.98 5.36
CA ALA A 606 17.99 4.77 4.26
C ALA A 606 18.12 4.01 2.94
N ALA A 607 19.26 3.37 2.71
CA ALA A 607 19.40 2.53 1.51
C ALA A 607 18.33 1.47 1.50
N ALA A 608 18.10 0.82 2.64
CA ALA A 608 17.07 -0.21 2.74
C ALA A 608 15.71 0.32 2.32
N TRP A 609 15.37 1.53 2.77
CA TRP A 609 14.03 2.08 2.55
C TRP A 609 13.82 2.64 1.16
N ALA A 610 14.92 2.91 0.42
CA ALA A 610 14.80 3.65 -0.84
C ALA A 610 13.83 2.99 -1.82
N ASP A 611 13.71 1.65 -1.78
CA ASP A 611 12.80 0.95 -2.68
C ASP A 611 11.74 0.15 -1.93
N LYS A 612 11.38 0.58 -0.71
CA LYS A 612 10.44 -0.16 0.12
C LYS A 612 9.36 0.69 0.77
N TYR A 613 9.28 1.98 0.44
CA TYR A 613 8.30 2.88 1.08
C TYR A 613 7.09 2.92 0.17
N ASP A 614 6.20 1.95 0.36
CA ASP A 614 5.16 1.66 -0.63
C ASP A 614 3.98 2.61 -0.55
N GLY A 615 3.41 2.93 -1.72
CA GLY A 615 2.09 3.55 -1.77
C GLY A 615 1.02 2.56 -1.35
N GLN A 616 -0.20 3.06 -1.17
CA GLN A 616 -1.28 2.26 -0.60
C GLN A 616 -2.48 2.27 -1.54
N VAL A 617 -3.03 1.08 -1.83
CA VAL A 617 -4.19 0.92 -2.71
C VAL A 617 -5.44 0.99 -1.85
N LYS A 618 -6.34 1.89 -2.18
CA LYS A 618 -7.59 2.08 -1.44
C LYS A 618 -8.72 1.46 -2.22
N GLY A 619 -9.40 0.49 -1.62
CA GLY A 619 -10.71 0.13 -2.11
C GLY A 619 -11.66 1.27 -1.82
N VAL A 620 -12.47 1.63 -2.80
CA VAL A 620 -13.46 2.67 -2.59
C VAL A 620 -14.81 2.11 -3.02
N PRO A 621 -15.92 2.59 -2.46
CA PRO A 621 -17.23 2.18 -2.94
C PRO A 621 -17.66 2.86 -4.23
N LEU A 622 -16.74 3.55 -4.89
CA LEU A 622 -16.98 4.18 -6.19
C LEU A 622 -16.31 3.32 -7.26
N ARG A 623 -16.23 3.86 -8.47
CA ARG A 623 -15.59 3.14 -9.57
C ARG A 623 -14.11 2.96 -9.28
N GLY A 624 -13.64 1.72 -9.30
CA GLY A 624 -12.21 1.51 -9.37
C GLY A 624 -11.51 1.51 -8.02
N VAL A 625 -10.26 1.97 -8.04
CA VAL A 625 -9.41 2.04 -6.86
C VAL A 625 -8.72 3.40 -6.84
N ALA A 626 -8.30 3.81 -5.64
CA ALA A 626 -7.53 5.02 -5.45
C ALA A 626 -6.13 4.63 -5.00
N LEU A 627 -5.12 5.04 -5.76
CA LEU A 627 -3.74 4.67 -5.48
C LEU A 627 -3.08 5.84 -4.79
N ALA A 628 -2.86 5.70 -3.49
CA ALA A 628 -2.23 6.75 -2.70
C ALA A 628 -0.72 6.55 -2.80
N MET A 629 -0.13 7.14 -3.83
N MET A 629 -0.13 7.16 -3.84
CA MET A 629 1.29 6.88 -4.09
CA MET A 629 1.28 7.00 -4.17
C MET A 629 2.19 7.87 -3.38
C MET A 629 2.17 7.86 -3.29
N LYS A 630 3.43 7.44 -3.16
CA LYS A 630 4.45 8.25 -2.52
C LYS A 630 5.30 8.90 -3.62
N GLU A 631 5.51 10.21 -3.52
CA GLU A 631 6.32 10.97 -4.45
CA GLU A 631 6.36 10.93 -4.45
C GLU A 631 7.30 11.82 -3.65
N PRO A 632 8.40 12.26 -4.26
CA PRO A 632 9.32 13.15 -3.56
C PRO A 632 8.69 14.51 -3.30
N VAL A 633 9.16 15.17 -2.24
CA VAL A 633 8.82 16.57 -2.02
C VAL A 633 9.50 17.45 -3.05
N GLY A 634 10.75 17.14 -3.40
CA GLY A 634 11.45 17.90 -4.41
C GLY A 634 12.80 18.39 -3.89
N LYS A 635 12.88 19.69 -3.59
CA LYS A 635 14.11 20.31 -3.10
C LYS A 635 13.91 20.73 -1.65
N ILE A 636 14.79 20.27 -0.77
CA ILE A 636 14.67 20.50 0.67
C ILE A 636 15.92 21.23 1.17
N GLY A 637 15.73 22.35 1.85
CA GLY A 637 16.80 23.00 2.58
C GLY A 637 16.76 22.58 4.03
N ILE A 638 17.91 22.20 4.58
CA ILE A 638 17.99 21.56 5.89
C ILE A 638 19.04 22.26 6.73
N LEU A 639 18.67 22.61 7.96
CA LEU A 639 19.63 23.16 8.92
C LEU A 639 19.86 22.15 10.04
N CYS A 640 21.14 21.70 10.19
CA CYS A 640 21.50 20.61 11.09
C CYS A 640 21.81 21.14 12.49
N PRO A 641 21.60 20.33 13.54
CA PRO A 641 21.91 20.77 14.89
C PRO A 641 23.41 20.89 15.12
N ASP A 642 23.77 21.64 16.16
CA ASP A 642 25.18 21.72 16.56
C ASP A 642 25.70 20.34 16.96
N ALA A 643 24.97 19.64 17.82
CA ALA A 643 25.40 18.34 18.30
C ALA A 643 25.36 17.33 17.16
N ALA A 644 26.11 16.24 17.35
CA ALA A 644 26.17 15.17 16.34
C ALA A 644 26.68 15.72 15.01
N PRO A 645 27.94 16.16 14.95
CA PRO A 645 28.43 16.87 13.76
C PRO A 645 28.39 16.04 12.49
N LEU A 646 28.49 14.72 12.58
CA LEU A 646 28.32 13.85 11.43
C LEU A 646 26.95 13.21 11.41
N LEU A 647 26.51 12.66 12.55
CA LEU A 647 25.27 11.90 12.56
C LEU A 647 24.06 12.78 12.28
N GLY A 648 24.06 14.01 12.77
CA GLY A 648 22.94 14.90 12.49
C GLY A 648 22.79 15.16 11.00
N LEU A 649 23.91 15.44 10.33
CA LEU A 649 23.88 15.67 8.89
C LEU A 649 23.43 14.43 8.13
N VAL A 650 24.04 13.28 8.42
CA VAL A 650 23.76 12.06 7.69
C VAL A 650 22.32 11.58 7.93
N SER A 651 21.85 11.71 9.18
CA SER A 651 20.49 11.28 9.53
C SER A 651 19.43 12.05 8.78
N LEU A 652 19.70 13.30 8.41
CA LEU A 652 18.70 14.09 7.70
C LEU A 652 18.88 13.94 6.20
N MET A 653 20.13 13.93 5.74
CA MET A 653 20.41 13.78 4.32
C MET A 653 19.90 12.45 3.78
N ALA A 654 20.21 11.35 4.50
CA ALA A 654 20.04 10.02 3.92
C ALA A 654 18.59 9.66 3.64
N PRO A 655 17.64 9.79 4.58
CA PRO A 655 16.24 9.49 4.22
C PRO A 655 15.71 10.42 3.16
N ALA A 656 16.14 11.68 3.18
CA ALA A 656 15.66 12.64 2.20
C ALA A 656 16.05 12.23 0.78
N ILE A 657 17.33 11.92 0.55
CA ILE A 657 17.71 11.50 -0.81
C ILE A 657 17.20 10.11 -1.14
N ALA A 658 17.01 9.24 -0.13
CA ALA A 658 16.44 7.93 -0.39
C ALA A 658 15.07 8.04 -1.04
N MET A 659 14.32 9.07 -0.68
CA MET A 659 12.97 9.26 -1.20
C MET A 659 12.95 10.07 -2.48
N GLY A 660 14.10 10.38 -3.08
CA GLY A 660 14.11 11.05 -4.35
C GLY A 660 14.20 12.55 -4.32
N ASN A 661 14.46 13.15 -3.15
CA ASN A 661 14.67 14.58 -3.03
C ASN A 661 16.12 14.95 -3.27
N ARG A 662 16.33 16.21 -3.64
CA ARG A 662 17.65 16.83 -3.61
C ARG A 662 17.69 17.76 -2.40
N VAL A 663 18.86 17.86 -1.78
CA VAL A 663 18.97 18.55 -0.49
C VAL A 663 20.16 19.50 -0.49
N THR A 664 20.00 20.59 0.26
CA THR A 664 21.10 21.46 0.66
C THR A 664 21.07 21.54 2.17
N LEU A 665 22.17 21.14 2.81
CA LEU A 665 22.26 21.08 4.26
C LEU A 665 23.22 22.13 4.77
N ALA A 666 22.79 22.89 5.77
CA ALA A 666 23.70 23.70 6.55
C ALA A 666 24.19 22.82 7.70
N ALA A 667 25.46 22.43 7.64
CA ALA A 667 26.08 21.54 8.61
C ALA A 667 26.14 22.21 9.98
N SER A 668 26.39 21.39 11.01
CA SER A 668 26.60 21.87 12.38
C SER A 668 27.40 23.17 12.40
N GLU A 669 26.79 24.23 12.95
CA GLU A 669 27.48 25.51 13.04
C GLU A 669 28.69 25.41 13.94
N ALA A 670 28.55 24.71 15.08
CA ALA A 670 29.64 24.64 16.05
C ALA A 670 30.78 23.75 15.56
N PHE A 671 30.46 22.68 14.84
CA PHE A 671 31.41 21.59 14.55
C PHE A 671 31.33 21.22 13.08
N PRO A 672 31.84 22.08 12.19
CA PRO A 672 31.58 21.87 10.75
C PRO A 672 32.48 20.88 10.04
N LEU A 673 33.60 20.45 10.64
CA LEU A 673 34.64 19.78 9.85
C LEU A 673 34.37 18.30 9.59
N ALA A 674 33.43 17.67 10.31
CA ALA A 674 33.04 16.32 9.92
C ALA A 674 32.29 16.35 8.60
N ALA A 675 31.42 17.35 8.43
CA ALA A 675 30.67 17.46 7.18
C ALA A 675 31.59 17.82 6.02
N THR A 676 32.61 18.64 6.27
CA THR A 676 33.51 18.96 5.17
C THR A 676 34.39 17.77 4.80
N ASP A 677 34.79 16.96 5.79
CA ASP A 677 35.45 15.70 5.45
C ASP A 677 34.54 14.78 4.65
N PHE A 678 33.22 14.97 4.80
CA PHE A 678 32.25 14.10 4.13
C PHE A 678 32.18 14.37 2.63
N TYR A 679 32.68 15.53 2.17
CA TYR A 679 32.64 15.83 0.74
C TYR A 679 33.30 14.71 -0.07
N GLN A 680 34.45 14.22 0.39
CA GLN A 680 35.13 13.17 -0.35
C GLN A 680 34.32 11.89 -0.38
N VAL A 681 33.55 11.62 0.68
CA VAL A 681 32.69 10.45 0.66
C VAL A 681 31.64 10.57 -0.43
N LEU A 682 31.04 11.76 -0.57
CA LEU A 682 30.05 11.97 -1.62
C LEU A 682 30.67 11.79 -2.99
N ASP A 683 31.87 12.32 -3.20
CA ASP A 683 32.55 12.22 -4.49
CA ASP A 683 32.56 12.22 -4.49
C ASP A 683 32.88 10.76 -4.82
N THR A 684 33.44 10.04 -3.85
CA THR A 684 33.81 8.64 -4.07
C THR A 684 32.60 7.78 -4.36
N SER A 685 31.43 8.16 -3.82
CA SER A 685 30.20 7.38 -3.96
C SER A 685 29.40 7.73 -5.20
N ASP A 686 29.93 8.57 -6.09
CA ASP A 686 29.25 8.95 -7.33
C ASP A 686 27.86 9.52 -7.07
N VAL A 687 27.72 10.32 -6.02
CA VAL A 687 26.45 11.03 -5.80
C VAL A 687 26.30 12.04 -6.92
N PRO A 688 25.22 12.00 -7.69
CA PRO A 688 25.10 12.91 -8.84
C PRO A 688 25.13 14.37 -8.39
N ALA A 689 25.73 15.20 -9.23
CA ALA A 689 25.92 16.62 -8.90
C ALA A 689 24.58 17.27 -8.58
N GLY A 690 24.55 18.04 -7.49
CA GLY A 690 23.37 18.77 -7.10
C GLY A 690 22.39 18.01 -6.24
N VAL A 691 22.59 16.69 -6.05
CA VAL A 691 21.67 15.92 -5.21
C VAL A 691 21.94 16.19 -3.73
N VAL A 692 23.20 16.36 -3.37
CA VAL A 692 23.60 16.71 -2.00
C VAL A 692 24.51 17.92 -2.09
N ASN A 693 24.09 19.03 -1.48
CA ASN A 693 24.90 20.21 -1.37
C ASN A 693 25.05 20.55 0.10
N ILE A 694 26.24 20.99 0.49
CA ILE A 694 26.53 21.26 1.90
C ILE A 694 27.08 22.67 2.05
N LEU A 695 26.47 23.44 2.94
CA LEU A 695 26.93 24.77 3.32
C LEU A 695 27.41 24.71 4.77
N THR A 696 28.45 25.46 5.09
CA THR A 696 28.86 25.64 6.47
C THR A 696 28.72 27.10 6.85
N GLY A 697 28.66 27.35 8.17
CA GLY A 697 28.69 28.70 8.69
C GLY A 697 27.55 28.98 9.65
N ALA A 698 27.19 30.27 9.73
CA ALA A 698 26.30 30.75 10.77
C ALA A 698 24.85 30.54 10.35
N HIS A 699 24.09 29.80 11.15
CA HIS A 699 22.69 29.57 10.80
C HIS A 699 21.84 30.84 10.89
N ALA A 700 22.25 31.84 11.68
CA ALA A 700 21.56 33.11 11.64
C ALA A 700 21.64 33.78 10.27
N ASP A 701 22.70 33.49 9.51
CA ASP A 701 22.81 34.02 8.15
C ASP A 701 21.94 33.24 7.17
N LEU A 702 21.62 31.99 7.47
CA LEU A 702 21.07 31.09 6.47
C LEU A 702 19.62 30.70 6.71
N ALA A 703 19.13 30.77 7.95
CA ALA A 703 17.81 30.23 8.25
C ALA A 703 16.72 30.94 7.48
N GLU A 704 16.64 32.27 7.59
CA GLU A 704 15.62 33.00 6.85
C GLU A 704 15.76 32.87 5.33
N PRO A 705 16.95 32.99 4.74
CA PRO A 705 17.05 32.77 3.29
C PRO A 705 16.55 31.42 2.85
N MET A 706 16.87 30.36 3.59
CA MET A 706 16.41 29.03 3.21
C MET A 706 14.89 28.89 3.35
N ALA A 707 14.32 29.40 4.45
CA ALA A 707 12.87 29.29 4.64
C ALA A 707 12.13 30.17 3.65
N ARG A 708 12.72 31.28 3.23
CA ARG A 708 12.05 32.19 2.32
C ARG A 708 12.09 31.70 0.88
N HIS A 709 13.15 30.99 0.49
CA HIS A 709 13.45 30.74 -0.91
C HIS A 709 12.23 30.19 -1.66
N LEU A 710 11.84 30.91 -2.72
CA LEU A 710 10.65 30.54 -3.48
C LEU A 710 10.83 29.31 -4.35
N ASP A 711 12.06 28.83 -4.51
CA ASP A 711 12.33 27.65 -5.32
C ASP A 711 12.69 26.43 -4.48
N LEU A 712 12.45 26.48 -3.16
CA LEU A 712 12.58 25.31 -2.30
C LEU A 712 11.18 24.81 -1.93
N ASP A 713 11.03 23.49 -1.89
CA ASP A 713 9.74 22.88 -1.62
C ASP A 713 9.51 22.58 -0.14
N ALA A 714 10.58 22.57 0.66
CA ALA A 714 10.46 22.29 2.08
C ALA A 714 11.70 22.85 2.76
N VAL A 715 11.54 23.23 4.03
CA VAL A 715 12.63 23.65 4.90
C VAL A 715 12.54 22.87 6.20
N TRP A 716 13.65 22.27 6.58
CA TRP A 716 13.77 21.54 7.85
C TRP A 716 14.77 22.33 8.69
N GLY A 717 14.28 22.94 9.76
CA GLY A 717 15.13 23.73 10.62
C GLY A 717 15.30 23.03 11.95
N LEU A 718 16.38 22.27 12.10
CA LEU A 718 16.61 21.50 13.32
C LEU A 718 17.64 22.15 14.23
N SER A 719 17.92 23.44 14.02
CA SER A 719 18.85 24.21 14.84
C SER A 719 18.22 25.44 15.47
N GLY A 720 16.89 25.48 15.58
CA GLY A 720 16.22 26.66 16.11
C GLY A 720 15.75 27.59 15.01
N HIS A 721 15.54 28.86 15.38
CA HIS A 721 15.00 29.86 14.48
C HIS A 721 13.59 29.49 13.98
N ALA A 722 12.80 28.79 14.81
CA ALA A 722 11.54 28.23 14.33
C ALA A 722 10.57 29.31 13.90
N GLN A 723 10.45 30.40 14.67
CA GLN A 723 9.49 31.44 14.31
C GLN A 723 9.85 32.07 12.97
N VAL A 724 11.11 32.44 12.79
CA VAL A 724 11.57 33.06 11.54
C VAL A 724 11.37 32.09 10.38
N ILE A 725 11.69 30.82 10.57
CA ILE A 725 11.58 29.84 9.49
C ILE A 725 10.12 29.65 9.11
N GLU A 726 9.26 29.42 10.11
CA GLU A 726 7.86 29.16 9.80
C GLU A 726 7.16 30.37 9.21
N ALA A 727 7.49 31.58 9.68
CA ALA A 727 6.91 32.79 9.10
C ALA A 727 7.37 32.98 7.65
N ALA A 728 8.67 32.81 7.40
CA ALA A 728 9.19 33.03 6.05
C ALA A 728 8.67 31.98 5.08
N SER A 729 8.34 30.80 5.59
CA SER A 729 7.85 29.73 4.73
C SER A 729 6.53 30.08 4.07
N ALA A 730 5.82 31.09 4.59
CA ALA A 730 4.53 31.48 4.02
C ALA A 730 4.67 32.08 2.63
N GLY A 731 5.86 32.52 2.24
CA GLY A 731 6.07 33.05 0.90
C GLY A 731 5.54 32.14 -0.19
N ASN A 732 6.01 30.90 -0.24
CA ASN A 732 5.50 29.93 -1.19
C ASN A 732 4.79 28.77 -0.51
N LEU A 733 4.54 28.86 0.79
CA LEU A 733 3.82 27.83 1.54
C LEU A 733 4.51 26.48 1.47
N LYS A 734 5.83 26.50 1.34
CA LYS A 734 6.61 25.27 1.43
C LYS A 734 6.32 24.53 2.73
N ARG A 735 6.50 23.23 2.71
CA ARG A 735 6.42 22.48 3.94
C ARG A 735 7.57 22.90 4.87
N SER A 736 7.32 22.81 6.16
CA SER A 736 8.35 23.13 7.14
C SER A 736 8.31 22.11 8.26
N TRP A 737 9.48 21.80 8.78
CA TRP A 737 9.62 20.97 9.97
C TRP A 737 10.69 21.61 10.84
N THR A 738 10.35 21.93 12.08
CA THR A 738 11.29 22.57 12.98
C THR A 738 11.54 21.73 14.22
N GLY A 739 11.37 20.41 14.10
CA GLY A 739 11.70 19.50 15.17
C GLY A 739 10.48 19.14 15.99
N PRO A 740 10.71 18.47 17.14
CA PRO A 740 12.01 18.11 17.69
C PRO A 740 12.76 17.06 16.87
N PHE A 741 14.08 17.09 16.99
CA PHE A 741 14.94 16.12 16.31
C PHE A 741 16.10 15.81 17.22
N ASP A 742 16.19 14.54 17.63
CA ASP A 742 17.29 14.06 18.45
C ASP A 742 18.11 13.09 17.62
N PRO A 743 19.31 13.48 17.16
CA PRO A 743 20.09 12.60 16.29
C PRO A 743 20.47 11.27 16.92
N ALA A 744 20.54 11.20 18.24
CA ALA A 744 20.88 9.94 18.90
C ALA A 744 19.81 8.87 18.71
N HIS A 745 18.60 9.27 18.30
CA HIS A 745 17.45 8.38 18.14
C HIS A 745 17.26 8.13 16.65
N ASP A 746 16.83 6.91 16.29
CA ASP A 746 16.61 6.58 14.88
C ASP A 746 15.24 7.09 14.47
N HIS A 747 15.21 8.21 13.74
CA HIS A 747 13.99 8.84 13.25
C HIS A 747 13.69 8.48 11.80
N THR A 748 14.38 7.48 11.21
CA THR A 748 14.33 7.28 9.77
C THR A 748 12.90 7.24 9.24
N ARG A 749 12.06 6.38 9.80
CA ARG A 749 10.71 6.22 9.24
C ARG A 749 9.92 7.52 9.31
N ASP A 750 10.01 8.24 10.43
CA ASP A 750 9.31 9.52 10.53
C ASP A 750 9.82 10.51 9.50
N ILE A 751 11.13 10.52 9.26
CA ILE A 751 11.70 11.43 8.27
C ILE A 751 11.22 11.10 6.86
N LEU A 752 10.97 9.82 6.56
CA LEU A 752 10.44 9.49 5.24
C LEU A 752 9.13 10.20 4.96
N SER A 753 8.31 10.41 5.99
CA SER A 753 7.06 11.13 5.80
C SER A 753 7.31 12.63 5.56
N HIS A 754 8.27 13.22 6.26
CA HIS A 754 8.63 14.61 5.97
C HIS A 754 9.17 14.74 4.55
N ALA A 755 9.74 13.66 4.01
CA ALA A 755 10.45 13.67 2.74
C ALA A 755 9.59 13.26 1.55
N THR A 756 8.29 13.02 1.75
CA THR A 756 7.44 12.57 0.64
C THR A 756 6.12 13.32 0.66
N GLU A 757 5.46 13.32 -0.50
CA GLU A 757 4.07 13.76 -0.64
C GLU A 757 3.22 12.57 -1.04
N VAL A 758 1.95 12.60 -0.68
CA VAL A 758 1.01 11.57 -1.13
C VAL A 758 0.25 12.12 -2.32
N LYS A 759 0.31 11.40 -3.44
CA LYS A 759 -0.47 11.74 -4.63
C LYS A 759 -1.41 10.58 -4.89
N THR A 760 -2.71 10.84 -4.82
CA THR A 760 -3.74 9.82 -4.97
C THR A 760 -4.26 9.85 -6.40
N ILE A 761 -4.06 8.74 -7.13
CA ILE A 761 -4.47 8.57 -8.52
C ILE A 761 -5.65 7.62 -8.53
N TRP A 762 -6.77 8.05 -9.07
CA TRP A 762 -7.96 7.22 -9.14
C TRP A 762 -8.01 6.57 -10.50
N VAL A 763 -8.03 5.24 -10.53
CA VAL A 763 -7.97 4.50 -11.78
C VAL A 763 -9.17 3.55 -11.88
N PRO A 764 -9.64 3.25 -13.09
CA PRO A 764 -10.66 2.21 -13.24
C PRO A 764 -10.13 0.87 -12.73
N TYR A 765 -11.02 0.06 -12.18
CA TYR A 765 -10.63 -1.27 -11.71
C TYR A 765 -11.87 -2.13 -11.56
N GLY A 766 -11.82 -3.32 -12.15
CA GLY A 766 -12.99 -4.19 -12.21
C GLY A 766 -13.38 -4.87 -10.91
N ALA A 767 -12.75 -4.50 -9.80
CA ALA A 767 -13.11 -5.05 -8.49
C ALA A 767 -13.57 -3.95 -7.52
N ALA B 16 30.93 -15.35 -33.06
CA ALA B 16 31.88 -15.88 -32.10
C ALA B 16 31.25 -16.07 -30.72
N PRO B 17 31.16 -17.31 -30.27
CA PRO B 17 30.49 -17.58 -29.00
C PRO B 17 31.31 -17.09 -27.82
N GLU B 18 30.61 -16.86 -26.71
CA GLU B 18 31.26 -16.40 -25.49
C GLU B 18 32.26 -17.43 -25.00
N SER B 19 33.33 -16.93 -24.38
CA SER B 19 34.37 -17.81 -23.86
C SER B 19 33.90 -18.48 -22.58
N ALA B 20 34.09 -19.79 -22.50
CA ALA B 20 33.83 -20.54 -21.28
C ALA B 20 35.10 -20.90 -20.52
N LYS B 21 36.23 -20.28 -20.87
CA LYS B 21 37.51 -20.64 -20.29
C LYS B 21 37.51 -20.51 -18.77
N GLU B 22 37.01 -19.37 -18.26
CA GLU B 22 37.01 -19.19 -16.81
C GLU B 22 36.07 -20.19 -16.13
N ALA B 23 34.93 -20.48 -16.75
CA ALA B 23 34.01 -21.45 -16.17
C ALA B 23 34.65 -22.83 -16.14
N TYR B 24 35.29 -23.24 -17.24
CA TYR B 24 35.98 -24.52 -17.25
C TYR B 24 37.11 -24.54 -16.23
N ALA B 25 37.78 -23.41 -16.00
CA ALA B 25 38.85 -23.38 -15.01
C ALA B 25 38.29 -23.55 -13.60
N TRP B 26 37.17 -22.89 -13.31
CA TRP B 26 36.54 -23.09 -12.01
C TRP B 26 36.13 -24.54 -11.82
N LEU B 27 35.50 -25.14 -12.84
CA LEU B 27 35.09 -26.54 -12.72
C LEU B 27 36.30 -27.46 -12.51
N ALA B 28 37.42 -27.16 -13.20
CA ALA B 28 38.63 -27.97 -13.02
C ALA B 28 39.20 -27.80 -11.63
N GLU B 29 39.08 -26.61 -11.04
CA GLU B 29 39.60 -26.40 -9.70
C GLU B 29 38.79 -27.18 -8.68
N LYS B 30 37.46 -27.10 -8.78
CA LYS B 30 36.62 -27.76 -7.81
C LYS B 30 36.58 -29.27 -7.98
N GLY B 31 37.07 -29.78 -9.10
CA GLY B 31 37.12 -31.20 -9.40
C GLY B 31 35.78 -31.85 -9.12
N ASP B 32 35.84 -33.10 -8.68
CA ASP B 32 34.64 -33.78 -8.23
C ASP B 32 34.09 -33.07 -7.00
N PHE B 33 32.78 -32.86 -6.97
CA PHE B 33 32.15 -32.10 -5.90
C PHE B 33 31.63 -33.00 -4.80
N GLY B 34 31.90 -32.61 -3.56
CA GLY B 34 31.10 -33.01 -2.41
C GLY B 34 30.00 -32.00 -2.17
N HIS B 35 29.66 -31.80 -0.91
CA HIS B 35 28.61 -30.85 -0.52
C HIS B 35 29.24 -29.70 0.24
N PHE B 36 28.47 -28.62 0.38
CA PHE B 36 28.89 -27.42 1.13
C PHE B 36 28.11 -27.45 2.44
N ILE B 37 28.79 -27.86 3.52
CA ILE B 37 28.14 -28.08 4.81
C ILE B 37 29.01 -27.46 5.90
N GLY B 38 28.37 -26.71 6.79
CA GLY B 38 29.10 -26.09 7.88
C GLY B 38 30.21 -25.16 7.43
N GLY B 39 30.03 -24.50 6.28
CA GLY B 39 31.02 -23.58 5.77
C GLY B 39 32.16 -24.21 5.00
N ALA B 40 32.18 -25.54 4.84
CA ALA B 40 33.30 -26.22 4.21
C ALA B 40 32.82 -27.19 3.14
N TRP B 41 33.74 -27.57 2.26
CA TRP B 41 33.45 -28.54 1.21
C TRP B 41 33.75 -29.95 1.71
N THR B 42 32.78 -30.84 1.60
CA THR B 42 32.97 -32.20 2.08
C THR B 42 33.54 -33.08 0.98
N ALA B 43 34.04 -34.24 1.38
CA ALA B 43 34.67 -35.13 0.42
C ALA B 43 33.67 -35.56 -0.65
N PRO B 44 34.09 -35.68 -1.90
CA PRO B 44 33.19 -36.22 -2.92
C PRO B 44 32.76 -37.63 -2.54
N GLY B 45 31.53 -37.97 -2.87
CA GLY B 45 30.98 -39.25 -2.48
C GLY B 45 30.58 -40.13 -3.65
N ASP B 46 29.30 -40.46 -3.71
CA ASP B 46 28.69 -41.28 -4.76
C ASP B 46 28.50 -40.36 -5.96
N LEU B 47 29.41 -40.41 -6.92
CA LEU B 47 29.50 -39.40 -7.96
C LEU B 47 28.71 -39.77 -9.21
N PHE B 48 28.13 -38.74 -9.83
CA PHE B 48 27.46 -38.89 -11.11
C PHE B 48 27.78 -37.68 -11.97
N ALA B 49 28.02 -37.92 -13.26
CA ALA B 49 28.37 -36.85 -14.17
C ALA B 49 27.20 -35.89 -14.33
N THR B 50 27.51 -34.59 -14.39
CA THR B 50 26.55 -33.59 -14.84
C THR B 50 27.01 -33.08 -16.20
N VAL B 51 26.07 -32.99 -17.14
CA VAL B 51 26.40 -32.97 -18.57
C VAL B 51 25.88 -31.69 -19.20
N ASN B 52 26.71 -31.08 -20.05
CA ASN B 52 26.28 -29.94 -20.84
C ASN B 52 25.30 -30.43 -21.89
N PRO B 53 24.03 -30.03 -21.85
CA PRO B 53 23.07 -30.59 -22.82
C PRO B 53 23.34 -30.17 -24.25
N ALA B 54 24.04 -29.06 -24.47
CA ALA B 54 24.30 -28.63 -25.84
C ALA B 54 25.38 -29.50 -26.52
N THR B 55 26.36 -29.97 -25.75
CA THR B 55 27.49 -30.70 -26.32
C THR B 55 27.54 -32.16 -25.93
N GLY B 56 26.81 -32.55 -24.89
CA GLY B 56 26.87 -33.90 -24.38
C GLY B 56 28.09 -34.20 -23.54
N GLN B 57 28.96 -33.21 -23.30
CA GLN B 57 30.17 -33.43 -22.54
C GLN B 57 29.91 -33.33 -21.05
N THR B 58 30.63 -34.14 -20.27
CA THR B 58 30.59 -34.04 -18.82
C THR B 58 31.26 -32.75 -18.37
N LEU B 59 30.56 -31.98 -17.55
CA LEU B 59 31.11 -30.75 -17.00
C LEU B 59 31.84 -30.99 -15.68
N ALA B 60 31.31 -31.88 -14.86
CA ALA B 60 31.87 -32.18 -13.55
C ALA B 60 31.17 -33.41 -13.02
N GLN B 61 31.76 -34.01 -11.98
CA GLN B 61 31.13 -35.07 -11.21
C GLN B 61 30.56 -34.47 -9.94
N VAL B 62 29.31 -34.83 -9.64
CA VAL B 62 28.57 -34.26 -8.51
C VAL B 62 28.01 -35.40 -7.68
N SER B 63 27.99 -35.23 -6.36
CA SER B 63 27.65 -36.31 -5.44
C SER B 63 26.14 -36.44 -5.27
N GLN B 64 25.69 -37.68 -5.07
CA GLN B 64 24.35 -37.97 -4.60
C GLN B 64 24.41 -38.02 -3.08
N ALA B 65 23.81 -37.03 -2.43
CA ALA B 65 23.91 -36.93 -0.98
C ALA B 65 23.31 -38.15 -0.32
N THR B 66 23.87 -38.52 0.83
CA THR B 66 23.33 -39.57 1.67
C THR B 66 22.46 -38.96 2.74
N GLN B 67 21.69 -39.81 3.41
CA GLN B 67 20.94 -39.37 4.58
C GLN B 67 21.86 -38.72 5.59
N ALA B 68 23.06 -39.27 5.78
CA ALA B 68 24.01 -38.69 6.73
C ALA B 68 24.40 -37.27 6.32
N ASP B 69 24.56 -37.03 5.02
CA ASP B 69 24.89 -35.69 4.53
C ASP B 69 23.76 -34.71 4.83
N VAL B 70 22.52 -35.11 4.62
CA VAL B 70 21.40 -34.23 4.90
C VAL B 70 21.31 -33.92 6.38
N ASP B 71 21.45 -34.96 7.23
CA ASP B 71 21.45 -34.77 8.68
C ASP B 71 22.52 -33.78 9.09
N ALA B 72 23.74 -33.93 8.55
CA ALA B 72 24.83 -33.04 8.92
C ALA B 72 24.59 -31.61 8.44
N ALA B 73 24.00 -31.46 7.26
CA ALA B 73 23.70 -30.11 6.79
C ALA B 73 22.67 -29.44 7.70
N VAL B 74 21.62 -30.16 8.05
CA VAL B 74 20.60 -29.60 8.94
C VAL B 74 21.18 -29.29 10.31
N LYS B 75 22.06 -30.17 10.82
CA LYS B 75 22.68 -29.93 12.11
C LYS B 75 23.56 -28.68 12.09
N ALA B 76 24.30 -28.47 11.00
CA ALA B 76 25.12 -27.26 10.88
C ALA B 76 24.26 -26.01 10.77
N ALA B 77 23.18 -26.10 9.99
CA ALA B 77 22.26 -24.97 9.88
C ALA B 77 21.65 -24.63 11.23
N ARG B 78 21.29 -25.66 12.01
CA ARG B 78 20.72 -25.42 13.34
C ARG B 78 21.74 -24.78 14.26
N LYS B 79 22.98 -25.27 14.23
CA LYS B 79 24.01 -24.74 15.12
C LYS B 79 24.29 -23.27 14.84
N ALA B 80 24.26 -22.88 13.56
CA ALA B 80 24.61 -21.51 13.18
C ALA B 80 23.48 -20.50 13.40
N GLN B 81 22.25 -20.96 13.60
CA GLN B 81 21.10 -20.07 13.48
C GLN B 81 20.95 -19.06 14.61
N PRO B 82 21.15 -19.43 15.90
CA PRO B 82 20.94 -18.42 16.96
C PRO B 82 21.84 -17.20 16.86
N ALA B 83 23.13 -17.38 16.59
CA ALA B 83 24.01 -16.23 16.43
C ALA B 83 23.61 -15.40 15.21
N TRP B 84 23.24 -16.09 14.12
CA TRP B 84 22.85 -15.39 12.89
C TRP B 84 21.59 -14.57 13.09
N ALA B 85 20.66 -15.05 13.92
CA ALA B 85 19.42 -14.32 14.17
C ALA B 85 19.63 -13.02 14.94
N LYS B 86 20.73 -12.91 15.70
CA LYS B 86 20.84 -11.83 16.70
C LYS B 86 20.98 -10.45 16.07
N ASP B 87 21.65 -10.35 14.91
CA ASP B 87 22.08 -9.04 14.41
C ASP B 87 21.63 -8.89 12.95
N GLY B 88 20.48 -8.23 12.76
CA GLY B 88 19.97 -8.02 11.41
C GLY B 88 20.86 -7.15 10.56
N ALA B 89 21.46 -6.12 11.17
CA ALA B 89 22.39 -5.26 10.42
C ALA B 89 23.54 -6.06 9.86
N ALA B 90 24.06 -7.02 10.64
CA ALA B 90 25.15 -7.85 10.14
C ALA B 90 24.69 -8.75 9.01
N ARG B 91 23.47 -9.29 9.09
CA ARG B 91 22.96 -10.08 7.97
C ARG B 91 22.82 -9.23 6.72
N ALA B 92 22.40 -7.96 6.88
CA ALA B 92 22.27 -7.09 5.72
C ALA B 92 23.59 -6.90 5.02
N ARG B 93 24.69 -6.76 5.79
CA ARG B 93 26.01 -6.61 5.17
C ARG B 93 26.39 -7.85 4.38
N VAL B 94 26.02 -9.03 4.90
CA VAL B 94 26.36 -10.28 4.20
C VAL B 94 25.54 -10.41 2.92
N LEU B 95 24.24 -10.10 2.99
CA LEU B 95 23.39 -10.17 1.80
C LEU B 95 23.86 -9.18 0.75
N TYR B 96 24.23 -7.97 1.16
CA TYR B 96 24.78 -7.00 0.22
C TYR B 96 26.08 -7.51 -0.41
N ALA B 97 26.94 -8.15 0.39
CA ALA B 97 28.19 -8.68 -0.14
C ALA B 97 27.96 -9.81 -1.14
N LEU B 98 26.96 -10.66 -0.88
CA LEU B 98 26.56 -11.69 -1.84
C LEU B 98 26.12 -11.06 -3.15
N ALA B 99 25.29 -10.03 -3.08
CA ALA B 99 24.87 -9.32 -4.30
C ALA B 99 26.08 -8.74 -5.04
N ARG B 100 27.01 -8.11 -4.33
CA ARG B 100 28.19 -7.55 -4.98
C ARG B 100 29.03 -8.64 -5.65
N LEU B 101 29.09 -9.82 -5.03
CA LEU B 101 29.86 -10.93 -5.60
C LEU B 101 29.17 -11.51 -6.84
N LEU B 102 27.84 -11.60 -6.81
CA LEU B 102 27.13 -12.03 -8.01
C LEU B 102 27.36 -11.05 -9.15
N GLN B 103 27.39 -9.76 -8.83
CA GLN B 103 27.64 -8.75 -9.86
C GLN B 103 29.08 -8.80 -10.36
N LYS B 104 30.05 -8.86 -9.44
CA LYS B 104 31.45 -8.91 -9.85
C LYS B 104 31.73 -10.13 -10.73
N HIS B 105 31.12 -11.27 -10.40
CA HIS B 105 31.34 -12.53 -11.11
C HIS B 105 30.20 -12.84 -12.06
N ALA B 106 29.45 -11.82 -12.49
CA ALA B 106 28.24 -12.05 -13.27
C ALA B 106 28.52 -12.86 -14.54
N ARG B 107 29.61 -12.53 -15.25
CA ARG B 107 29.90 -13.23 -16.49
C ARG B 107 30.17 -14.71 -16.24
N LEU B 108 30.85 -15.03 -15.13
CA LEU B 108 31.09 -16.42 -14.79
C LEU B 108 29.77 -17.15 -14.46
N PHE B 109 28.94 -16.54 -13.62
CA PHE B 109 27.64 -17.14 -13.29
C PHE B 109 26.80 -17.37 -14.54
N ALA B 110 26.81 -16.40 -15.48
CA ALA B 110 25.98 -16.52 -16.67
C ALA B 110 26.47 -17.65 -17.57
N VAL B 111 27.78 -17.72 -17.82
CA VAL B 111 28.33 -18.78 -18.66
C VAL B 111 28.08 -20.15 -18.02
N LEU B 112 28.32 -20.27 -16.73
CA LEU B 112 28.10 -21.54 -16.05
C LEU B 112 26.64 -21.97 -16.13
N GLU B 113 25.72 -21.00 -16.01
CA GLU B 113 24.31 -21.33 -16.14
C GLU B 113 23.98 -21.86 -17.54
N THR B 114 24.55 -21.21 -18.57
CA THR B 114 24.32 -21.68 -19.93
C THR B 114 24.90 -23.08 -20.14
N LEU B 115 26.13 -23.31 -19.68
CA LEU B 115 26.76 -24.62 -19.82
C LEU B 115 25.92 -25.70 -19.14
N ASP B 116 25.43 -25.42 -17.92
CA ASP B 116 24.77 -26.42 -17.11
C ASP B 116 23.35 -26.71 -17.57
N ASN B 117 22.61 -25.67 -17.97
CA ASN B 117 21.18 -25.75 -18.23
C ASN B 117 20.82 -25.73 -19.70
N GLY B 118 21.62 -25.07 -20.54
CA GLY B 118 21.38 -25.01 -21.97
C GLY B 118 20.76 -23.72 -22.46
N LYS B 119 20.42 -22.80 -21.56
CA LYS B 119 19.73 -21.59 -21.97
C LYS B 119 20.68 -20.65 -22.70
N PRO B 120 20.16 -19.83 -23.62
CA PRO B 120 21.00 -18.86 -24.31
C PRO B 120 21.72 -17.95 -23.33
N ILE B 121 23.00 -17.70 -23.61
CA ILE B 121 23.82 -16.82 -22.78
C ILE B 121 23.21 -15.44 -22.69
N ARG B 122 22.51 -14.99 -23.74
CA ARG B 122 21.89 -13.67 -23.67
C ARG B 122 20.86 -13.60 -22.55
N GLU B 123 20.05 -14.66 -22.39
CA GLU B 123 19.10 -14.67 -21.28
C GLU B 123 19.81 -14.73 -19.94
N ALA B 124 20.83 -15.60 -19.84
CA ALA B 124 21.56 -15.72 -18.58
C ALA B 124 22.18 -14.38 -18.17
N ARG B 125 22.73 -13.64 -19.13
CA ARG B 125 23.41 -12.38 -18.80
C ARG B 125 22.43 -11.25 -18.57
N ASP B 126 21.34 -11.18 -19.33
CA ASP B 126 20.46 -10.02 -19.28
C ASP B 126 19.36 -10.15 -18.25
N ILE B 127 18.95 -11.38 -17.93
CA ILE B 127 17.79 -11.64 -17.07
C ILE B 127 18.18 -12.39 -15.79
N ASP B 128 18.69 -13.62 -15.93
CA ASP B 128 18.87 -14.50 -14.78
C ASP B 128 19.80 -13.89 -13.74
N VAL B 129 21.02 -13.55 -14.13
CA VAL B 129 22.00 -13.04 -13.18
C VAL B 129 21.61 -11.66 -12.64
N PRO B 130 21.19 -10.70 -13.48
CA PRO B 130 20.73 -9.41 -12.92
C PRO B 130 19.59 -9.56 -11.93
N LEU B 131 18.61 -10.42 -12.20
CA LEU B 131 17.52 -10.56 -11.24
C LEU B 131 18.01 -11.21 -9.95
N ALA B 132 18.95 -12.15 -10.03
CA ALA B 132 19.49 -12.74 -8.81
C ALA B 132 20.25 -11.71 -7.98
N GLN B 133 21.09 -10.88 -8.62
CA GLN B 133 21.77 -9.80 -7.90
C GLN B 133 20.77 -8.90 -7.21
N ARG B 134 19.78 -8.43 -7.98
CA ARG B 134 18.78 -7.53 -7.44
C ARG B 134 18.05 -8.14 -6.25
N HIS B 135 17.78 -9.45 -6.29
CA HIS B 135 17.06 -10.07 -5.18
C HIS B 135 17.87 -9.97 -3.89
N PHE B 136 19.19 -10.16 -3.98
CA PHE B 136 20.04 -10.04 -2.81
C PHE B 136 20.20 -8.58 -2.38
N TYR B 137 20.42 -7.65 -3.33
CA TYR B 137 20.52 -6.24 -2.95
C TYR B 137 19.26 -5.80 -2.22
N HIS B 138 18.10 -6.16 -2.76
CA HIS B 138 16.83 -5.69 -2.20
C HIS B 138 16.57 -6.31 -0.84
N HIS B 139 16.84 -7.62 -0.69
CA HIS B 139 16.54 -8.29 0.55
C HIS B 139 17.50 -7.93 1.67
N ALA B 140 18.70 -7.46 1.34
CA ALA B 140 19.59 -6.95 2.39
C ALA B 140 18.86 -5.92 3.24
N GLY B 141 18.06 -5.08 2.60
CA GLY B 141 17.37 -4.03 3.34
C GLY B 141 16.33 -4.55 4.32
N TYR B 142 15.71 -5.69 4.01
CA TYR B 142 14.76 -6.26 4.95
C TYR B 142 15.47 -6.74 6.21
N ALA B 143 16.67 -7.31 6.06
CA ALA B 143 17.46 -7.66 7.25
C ALA B 143 17.74 -6.42 8.09
N GLN B 144 18.14 -5.32 7.43
CA GLN B 144 18.45 -4.09 8.15
C GLN B 144 17.27 -3.57 8.94
N LEU B 145 16.06 -3.73 8.41
CA LEU B 145 14.84 -3.12 8.96
C LEU B 145 14.01 -4.07 9.81
N MET B 146 14.39 -5.35 9.90
CA MET B 146 13.50 -6.32 10.54
C MET B 146 13.23 -5.98 12.00
N GLY B 147 14.27 -5.58 12.73
CA GLY B 147 14.10 -5.34 14.16
C GLY B 147 13.15 -4.19 14.46
N THR B 148 13.24 -3.11 13.68
CA THR B 148 12.40 -1.94 13.96
C THR B 148 11.07 -1.97 13.22
N GLU B 149 11.02 -2.52 12.01
CA GLU B 149 9.79 -2.50 11.24
C GLU B 149 8.95 -3.76 11.40
N MET B 150 9.55 -4.87 11.84
CA MET B 150 8.80 -6.10 12.13
C MET B 150 9.08 -6.60 13.55
N PRO B 151 8.89 -5.74 14.55
CA PRO B 151 9.27 -6.14 15.92
C PRO B 151 8.44 -7.30 16.47
N ASP B 152 7.26 -7.54 15.89
CA ASP B 152 6.39 -8.64 16.31
C ASP B 152 6.76 -9.97 15.66
N ARG B 153 7.83 -10.03 14.87
CA ARG B 153 8.20 -11.23 14.14
C ARG B 153 9.60 -11.70 14.56
N ALA B 154 9.83 -12.99 14.43
CA ALA B 154 11.10 -13.63 14.71
C ALA B 154 11.37 -14.67 13.63
N PRO B 155 12.62 -15.12 13.48
CA PRO B 155 12.91 -16.16 12.49
C PRO B 155 12.21 -17.48 12.80
N LEU B 156 11.96 -18.25 11.74
CA LEU B 156 11.43 -19.59 11.92
C LEU B 156 12.51 -20.55 12.43
N GLY B 157 13.73 -20.43 11.90
CA GLY B 157 14.82 -21.30 12.28
C GLY B 157 15.63 -21.78 11.10
N VAL B 158 15.48 -23.07 10.76
CA VAL B 158 16.17 -23.67 9.62
C VAL B 158 15.15 -23.95 8.52
N CYS B 159 15.51 -23.60 7.29
CA CYS B 159 14.65 -23.78 6.12
C CYS B 159 15.24 -24.86 5.23
N GLY B 160 14.43 -25.85 4.89
CA GLY B 160 14.76 -26.81 3.85
C GLY B 160 14.14 -26.35 2.55
N GLN B 161 14.97 -26.22 1.52
CA GLN B 161 14.60 -25.56 0.27
C GLN B 161 14.97 -26.41 -0.94
N VAL B 162 14.03 -26.56 -1.88
CA VAL B 162 14.19 -27.41 -3.05
C VAL B 162 13.69 -26.64 -4.27
N ILE B 163 14.48 -26.62 -5.34
CA ILE B 163 14.22 -25.74 -6.48
C ILE B 163 14.38 -26.52 -7.78
N PRO B 164 13.76 -26.01 -8.87
CA PRO B 164 13.81 -26.70 -10.17
C PRO B 164 14.98 -26.28 -11.06
N TRP B 165 15.04 -26.85 -12.27
CA TRP B 165 16.18 -26.74 -13.18
C TRP B 165 16.04 -25.63 -14.20
N ASN B 166 14.89 -24.95 -14.24
CA ASN B 166 14.65 -23.99 -15.32
C ASN B 166 15.45 -22.72 -15.14
N PHE B 167 15.52 -22.19 -13.92
CA PHE B 167 16.26 -20.96 -13.61
C PHE B 167 17.10 -21.24 -12.37
N PRO B 168 18.18 -22.03 -12.50
CA PRO B 168 18.87 -22.53 -11.30
C PRO B 168 19.33 -21.44 -10.33
N LEU B 169 20.12 -20.46 -10.81
CA LEU B 169 20.61 -19.42 -9.90
C LEU B 169 19.48 -18.52 -9.40
N LEU B 170 18.56 -18.14 -10.31
CA LEU B 170 17.50 -17.23 -9.90
C LEU B 170 16.57 -17.88 -8.89
N MET B 171 16.23 -19.16 -9.11
CA MET B 171 15.43 -19.90 -8.14
C MET B 171 16.13 -19.97 -6.79
N LEU B 172 17.46 -20.14 -6.81
CA LEU B 172 18.23 -20.12 -5.56
C LEU B 172 18.08 -18.77 -4.86
N ALA B 173 18.21 -17.67 -5.61
CA ALA B 173 18.10 -16.35 -5.00
C ALA B 173 16.72 -16.14 -4.38
N TRP B 174 15.66 -16.58 -5.06
CA TRP B 174 14.30 -16.41 -4.54
C TRP B 174 14.09 -17.18 -3.24
N LYS B 175 14.86 -18.25 -3.02
CA LYS B 175 14.78 -19.01 -1.77
C LYS B 175 15.70 -18.45 -0.68
N ILE B 176 16.97 -18.24 -1.00
CA ILE B 176 17.97 -18.00 0.04
C ILE B 176 17.89 -16.55 0.54
N ALA B 177 17.67 -15.58 -0.35
CA ALA B 177 17.69 -14.18 0.07
C ALA B 177 16.67 -13.86 1.15
N PRO B 178 15.38 -14.18 1.01
CA PRO B 178 14.44 -13.85 2.10
C PRO B 178 14.71 -14.66 3.34
N ALA B 179 15.11 -15.93 3.18
CA ALA B 179 15.34 -16.78 4.35
C ALA B 179 16.44 -16.20 5.22
N LEU B 180 17.56 -15.82 4.59
CA LEU B 180 18.65 -15.23 5.35
C LEU B 180 18.26 -13.85 5.90
N ALA B 181 17.50 -13.07 5.13
CA ALA B 181 17.15 -11.73 5.58
C ALA B 181 16.40 -11.78 6.91
N MET B 182 15.53 -12.77 7.06
CA MET B 182 14.69 -12.94 8.23
C MET B 182 15.35 -13.73 9.35
N GLY B 183 16.65 -13.99 9.24
CA GLY B 183 17.39 -14.58 10.34
C GLY B 183 17.33 -16.09 10.39
N ASN B 184 16.92 -16.73 9.30
CA ASN B 184 16.96 -18.19 9.20
C ASN B 184 18.26 -18.62 8.54
N THR B 185 18.59 -19.90 8.72
CA THR B 185 19.65 -20.57 7.98
C THR B 185 19.00 -21.57 7.02
N VAL B 186 19.78 -22.04 6.04
CA VAL B 186 19.19 -22.82 4.95
C VAL B 186 19.96 -24.10 4.65
N VAL B 187 19.21 -25.11 4.21
CA VAL B 187 19.74 -26.29 3.55
C VAL B 187 19.01 -26.36 2.21
N LEU B 188 19.73 -26.11 1.12
CA LEU B 188 19.10 -26.04 -0.19
C LEU B 188 19.70 -27.08 -1.12
N LYS B 189 18.83 -27.74 -1.88
CA LYS B 189 19.25 -28.69 -2.92
C LYS B 189 18.90 -28.13 -4.28
N PRO B 190 19.87 -27.93 -5.17
CA PRO B 190 19.52 -27.56 -6.55
C PRO B 190 18.95 -28.77 -7.28
N ALA B 191 18.29 -28.50 -8.40
CA ALA B 191 17.76 -29.60 -9.21
C ALA B 191 18.88 -30.56 -9.60
N GLU B 192 18.54 -31.86 -9.67
CA GLU B 192 19.53 -32.88 -10.04
C GLU B 192 20.26 -32.51 -11.33
N TRP B 193 19.52 -31.99 -12.32
CA TRP B 193 20.11 -31.72 -13.62
C TRP B 193 20.98 -30.47 -13.66
N THR B 194 20.83 -29.54 -12.71
CA THR B 194 21.49 -28.23 -12.82
C THR B 194 22.10 -27.78 -11.50
N PRO B 195 23.14 -28.47 -11.02
CA PRO B 195 23.72 -28.14 -9.72
C PRO B 195 24.77 -27.05 -9.73
N LEU B 196 25.29 -26.65 -10.89
CA LEU B 196 26.59 -25.96 -10.91
C LEU B 196 26.54 -24.54 -10.37
N THR B 197 25.55 -23.72 -10.77
CA THR B 197 25.56 -22.34 -10.25
C THR B 197 25.27 -22.31 -8.75
N ALA B 198 24.55 -23.30 -8.22
CA ALA B 198 24.37 -23.36 -6.77
C ALA B 198 25.68 -23.70 -6.08
N LEU B 199 26.50 -24.55 -6.71
CA LEU B 199 27.80 -24.87 -6.16
C LEU B 199 28.75 -23.67 -6.24
N LEU B 200 28.66 -22.87 -7.30
CA LEU B 200 29.44 -21.64 -7.35
C LEU B 200 28.95 -20.65 -6.30
N PHE B 201 27.63 -20.53 -6.13
CA PHE B 201 27.10 -19.72 -5.03
C PHE B 201 27.67 -20.17 -3.68
N ALA B 202 27.67 -21.48 -3.42
CA ALA B 202 28.30 -21.99 -2.20
C ALA B 202 29.75 -21.51 -2.10
N ASP B 203 30.47 -21.53 -3.21
CA ASP B 203 31.89 -21.23 -3.23
C ASP B 203 32.20 -19.74 -3.01
N ILE B 204 31.22 -18.85 -3.16
CA ILE B 204 31.42 -17.44 -2.85
C ILE B 204 30.91 -17.06 -1.47
N CYS B 205 30.29 -18.00 -0.73
CA CYS B 205 29.71 -17.65 0.56
C CYS B 205 30.79 -17.21 1.56
N GLY B 206 31.93 -17.91 1.59
CA GLY B 206 32.99 -17.49 2.49
C GLY B 206 33.45 -16.07 2.22
N GLN B 207 33.71 -15.75 0.95
CA GLN B 207 34.14 -14.39 0.59
C GLN B 207 33.12 -13.33 0.99
N ALA B 208 31.82 -13.66 0.95
CA ALA B 208 30.79 -12.71 1.34
C ALA B 208 30.66 -12.56 2.84
N GLY B 209 31.39 -13.36 3.63
CA GLY B 209 31.23 -13.31 5.06
C GLY B 209 30.07 -14.12 5.61
N VAL B 210 29.49 -15.03 4.83
CA VAL B 210 28.44 -15.91 5.33
C VAL B 210 29.03 -16.75 6.47
N PRO B 211 28.52 -16.66 7.69
CA PRO B 211 29.06 -17.50 8.77
C PRO B 211 28.87 -18.98 8.46
N ALA B 212 29.83 -19.80 8.91
CA ALA B 212 29.81 -21.23 8.62
C ALA B 212 28.51 -21.87 9.06
N GLY B 213 27.87 -22.61 8.15
CA GLY B 213 26.62 -23.28 8.44
C GLY B 213 25.36 -22.44 8.20
N VAL B 214 25.50 -21.15 7.89
CA VAL B 214 24.32 -20.34 7.60
C VAL B 214 23.72 -20.70 6.25
N VAL B 215 24.57 -21.07 5.29
CA VAL B 215 24.13 -21.61 4.01
C VAL B 215 24.76 -22.99 3.85
N ASN B 216 23.93 -24.00 3.54
CA ASN B 216 24.40 -25.34 3.24
C ASN B 216 23.75 -25.78 1.93
N ILE B 217 24.56 -26.33 1.02
CA ILE B 217 24.11 -26.77 -0.30
C ILE B 217 24.43 -28.25 -0.45
N VAL B 218 23.41 -29.07 -0.64
CA VAL B 218 23.60 -30.50 -0.87
C VAL B 218 23.00 -30.85 -2.23
N THR B 219 23.60 -31.80 -2.92
CA THR B 219 23.18 -32.15 -4.26
C THR B 219 22.61 -33.56 -4.31
N GLY B 220 21.73 -33.81 -5.26
CA GLY B 220 21.16 -35.14 -5.39
C GLY B 220 19.82 -35.10 -6.11
N ASP B 221 19.19 -36.28 -6.13
CA ASP B 221 17.94 -36.46 -6.86
C ASP B 221 16.75 -36.17 -5.94
N GLY B 222 15.56 -36.61 -6.35
CA GLY B 222 14.37 -36.37 -5.56
C GLY B 222 14.38 -37.05 -4.20
N ALA B 223 15.07 -38.18 -4.09
CA ALA B 223 15.23 -38.82 -2.78
C ALA B 223 15.91 -37.89 -1.79
N VAL B 224 16.94 -37.15 -2.25
CA VAL B 224 17.59 -36.17 -1.39
C VAL B 224 16.63 -35.02 -1.07
N GLY B 225 15.83 -34.60 -2.06
CA GLY B 225 14.80 -33.62 -1.76
C GLY B 225 13.86 -34.07 -0.66
N GLU B 226 13.44 -35.34 -0.71
CA GLU B 226 12.54 -35.85 0.32
C GLU B 226 13.22 -35.90 1.68
N MET B 227 14.52 -36.25 1.71
CA MET B 227 15.27 -36.21 2.98
C MET B 227 15.24 -34.82 3.59
N ILE B 228 15.44 -33.79 2.77
CA ILE B 228 15.44 -32.43 3.29
C ILE B 228 14.07 -32.05 3.83
N VAL B 229 13.02 -32.38 3.08
CA VAL B 229 11.67 -31.96 3.44
C VAL B 229 11.24 -32.58 4.76
N THR B 230 11.65 -33.83 5.01
CA THR B 230 11.29 -34.54 6.22
C THR B 230 12.31 -34.41 7.34
N ALA B 231 13.31 -33.54 7.17
CA ALA B 231 14.34 -33.35 8.17
C ALA B 231 13.85 -32.42 9.28
N GLN B 232 14.72 -32.19 10.27
CA GLN B 232 14.36 -31.37 11.43
C GLN B 232 14.47 -29.87 11.11
N VAL B 233 13.64 -29.44 10.17
CA VAL B 233 13.61 -28.06 9.71
C VAL B 233 12.30 -27.44 10.15
N ASP B 234 12.31 -26.11 10.28
CA ASP B 234 11.14 -25.35 10.69
C ASP B 234 10.29 -24.86 9.52
N LYS B 235 10.86 -24.86 8.32
CA LYS B 235 10.23 -24.30 7.14
C LYS B 235 10.65 -25.16 5.96
N VAL B 236 9.70 -25.46 5.07
CA VAL B 236 9.97 -26.11 3.79
C VAL B 236 9.50 -25.16 2.71
N ALA B 237 10.36 -24.85 1.75
CA ALA B 237 9.99 -23.99 0.64
C ALA B 237 10.34 -24.73 -0.64
N PHE B 238 9.36 -24.90 -1.51
CA PHE B 238 9.52 -25.74 -2.68
C PHE B 238 8.93 -25.05 -3.89
N THR B 239 9.66 -25.11 -5.00
CA THR B 239 9.14 -24.76 -6.32
C THR B 239 9.32 -25.97 -7.23
N GLY B 240 8.25 -26.37 -7.90
CA GLY B 240 8.30 -27.54 -8.75
C GLY B 240 6.88 -27.99 -9.09
N SER B 241 6.78 -29.25 -9.50
CA SER B 241 5.50 -29.74 -10.01
C SER B 241 4.45 -29.82 -8.91
N THR B 242 3.19 -29.64 -9.31
CA THR B 242 2.06 -29.78 -8.39
C THR B 242 2.05 -31.16 -7.75
N ALA B 243 2.36 -32.20 -8.52
CA ALA B 243 2.34 -33.56 -7.98
C ALA B 243 3.33 -33.70 -6.84
N VAL B 244 4.54 -33.18 -7.00
CA VAL B 244 5.51 -33.23 -5.90
C VAL B 244 5.04 -32.36 -4.75
N GLY B 245 4.44 -31.21 -5.06
CA GLY B 245 3.91 -30.35 -4.01
C GLY B 245 2.92 -31.08 -3.12
N ARG B 246 2.02 -31.87 -3.72
CA ARG B 246 1.08 -32.65 -2.92
C ARG B 246 1.81 -33.62 -2.01
N ARG B 247 2.81 -34.31 -2.54
CA ARG B 247 3.55 -35.26 -1.73
C ARG B 247 4.27 -34.56 -0.59
N ILE B 248 4.79 -33.36 -0.82
CA ILE B 248 5.45 -32.62 0.24
C ILE B 248 4.45 -32.20 1.31
N ARG B 249 3.25 -31.78 0.90
CA ARG B 249 2.23 -31.45 1.90
C ARG B 249 1.88 -32.66 2.75
N GLU B 250 1.77 -33.83 2.13
CA GLU B 250 1.50 -35.06 2.87
C GLU B 250 2.66 -35.42 3.79
N ALA B 251 3.90 -35.33 3.30
CA ALA B 251 5.03 -35.77 4.10
C ALA B 251 5.31 -34.85 5.29
N THR B 252 4.79 -33.63 5.27
CA THR B 252 5.00 -32.67 6.34
C THR B 252 3.78 -32.49 7.23
N ALA B 253 2.68 -33.19 6.96
CA ALA B 253 1.44 -32.97 7.68
C ALA B 253 1.62 -33.28 9.16
N GLY B 254 1.15 -32.37 10.02
CA GLY B 254 1.16 -32.56 11.45
C GLY B 254 2.50 -32.34 12.12
N THR B 255 3.52 -31.86 11.39
CA THR B 255 4.84 -31.67 11.97
C THR B 255 5.08 -30.28 12.52
N GLY B 256 4.15 -29.35 12.30
CA GLY B 256 4.35 -27.98 12.71
C GLY B 256 5.21 -27.16 11.77
N LYS B 257 5.60 -27.71 10.62
CA LYS B 257 6.46 -26.99 9.70
C LYS B 257 5.68 -25.95 8.92
N ALA B 258 6.27 -24.77 8.76
CA ALA B 258 5.77 -23.81 7.79
C ALA B 258 6.08 -24.34 6.40
N LEU B 259 5.17 -24.11 5.45
CA LEU B 259 5.30 -24.67 4.12
C LEU B 259 4.87 -23.62 3.10
N SER B 260 5.73 -23.40 2.09
CA SER B 260 5.34 -22.62 0.92
C SER B 260 5.59 -23.43 -0.34
N LEU B 261 4.67 -23.31 -1.31
CA LEU B 261 4.69 -24.12 -2.53
C LEU B 261 4.42 -23.22 -3.72
N GLU B 262 5.35 -23.19 -4.67
CA GLU B 262 5.18 -22.48 -5.94
C GLU B 262 5.16 -23.56 -7.01
N LEU B 263 3.97 -23.82 -7.58
CA LEU B 263 3.78 -25.04 -8.36
C LEU B 263 3.50 -24.78 -9.84
N GLY B 264 2.69 -25.63 -10.46
CA GLY B 264 2.45 -25.51 -11.88
C GLY B 264 1.45 -24.43 -12.24
N GLY B 265 1.14 -24.38 -13.54
CA GLY B 265 0.17 -23.43 -14.07
C GLY B 265 0.78 -22.33 -14.92
N LYS B 266 1.44 -22.70 -16.02
CA LYS B 266 1.90 -21.71 -16.99
C LYS B 266 0.71 -20.91 -17.49
N GLY B 267 0.90 -19.61 -17.61
CA GLY B 267 -0.20 -18.69 -17.57
C GLY B 267 -0.86 -18.37 -18.90
N PRO B 268 -2.15 -18.05 -18.83
CA PRO B 268 -2.88 -17.59 -20.01
C PRO B 268 -2.45 -16.19 -20.42
N TYR B 269 -2.61 -15.91 -21.70
CA TYR B 269 -2.08 -14.71 -22.34
C TYR B 269 -3.23 -14.21 -23.20
N VAL B 270 -4.00 -13.25 -22.67
CA VAL B 270 -5.29 -12.85 -23.23
C VAL B 270 -5.07 -11.66 -24.15
N VAL B 271 -5.35 -11.83 -25.43
CA VAL B 271 -5.13 -10.77 -26.43
C VAL B 271 -6.49 -10.33 -26.94
N CYS B 272 -6.91 -9.14 -26.53
CA CYS B 272 -8.20 -8.60 -26.94
C CYS B 272 -8.10 -7.98 -28.33
N ASP B 273 -9.28 -7.77 -28.94
CA ASP B 273 -9.37 -7.22 -30.28
C ASP B 273 -8.63 -5.89 -30.41
N ASP B 274 -8.59 -5.10 -29.34
CA ASP B 274 -7.96 -3.78 -29.38
C ASP B 274 -6.56 -3.77 -28.78
N ALA B 275 -5.91 -4.91 -28.68
CA ALA B 275 -4.53 -4.94 -28.23
C ALA B 275 -3.62 -4.27 -29.26
N ASP B 276 -2.47 -3.81 -28.75
CA ASP B 276 -1.33 -3.45 -29.59
C ASP B 276 -0.75 -4.77 -30.10
N ILE B 277 -1.14 -5.17 -31.31
CA ILE B 277 -0.85 -6.53 -31.78
C ILE B 277 0.65 -6.78 -31.88
N ASP B 278 1.39 -5.83 -32.46
CA ASP B 278 2.82 -6.06 -32.64
C ASP B 278 3.54 -6.18 -31.29
N SER B 279 3.16 -5.35 -30.31
CA SER B 279 3.76 -5.48 -28.99
C SER B 279 3.38 -6.78 -28.32
N ALA B 280 2.12 -7.21 -28.47
CA ALA B 280 1.71 -8.48 -27.87
C ALA B 280 2.42 -9.65 -28.53
N VAL B 281 2.62 -9.58 -29.85
CA VAL B 281 3.34 -10.64 -30.53
C VAL B 281 4.79 -10.69 -30.07
N GLU B 282 5.44 -9.52 -30.02
CA GLU B 282 6.84 -9.49 -29.62
C GLU B 282 7.01 -9.95 -28.18
N GLY B 283 6.09 -9.56 -27.29
CA GLY B 283 6.16 -10.04 -25.92
C GLY B 283 6.04 -11.55 -25.84
N LEU B 284 5.19 -12.13 -26.70
CA LEU B 284 4.94 -13.56 -26.67
C LEU B 284 6.12 -14.33 -27.25
N VAL B 285 6.66 -13.87 -28.38
CA VAL B 285 7.79 -14.57 -28.98
C VAL B 285 8.99 -14.52 -28.06
N ASP B 286 9.19 -13.38 -27.39
CA ASP B 286 10.28 -13.23 -26.44
C ASP B 286 10.13 -14.11 -25.21
N ALA B 287 8.94 -14.70 -24.99
CA ALA B 287 8.67 -15.54 -23.84
C ALA B 287 8.72 -17.04 -24.14
N ILE B 288 8.84 -17.44 -25.40
CA ILE B 288 8.72 -18.85 -25.77
C ILE B 288 9.78 -19.69 -25.06
N TRP B 289 11.03 -19.23 -25.09
CA TRP B 289 12.07 -19.99 -24.42
C TRP B 289 11.92 -19.93 -22.90
N PHE B 290 11.53 -18.76 -22.39
CA PHE B 290 11.46 -18.51 -20.95
C PHE B 290 10.45 -19.42 -20.26
N ASN B 291 9.31 -19.67 -20.91
CA ASN B 291 8.16 -20.32 -20.27
C ASN B 291 8.32 -21.84 -20.20
N GLN B 292 9.31 -22.27 -19.44
CA GLN B 292 9.57 -23.69 -19.27
C GLN B 292 9.73 -24.01 -17.81
N GLY B 293 9.39 -25.27 -17.45
CA GLY B 293 9.39 -25.73 -16.08
C GLY B 293 8.33 -25.00 -15.26
N GLN B 294 8.48 -25.06 -13.95
CA GLN B 294 7.54 -24.42 -13.05
C GLN B 294 8.09 -23.05 -12.68
N VAL B 295 7.50 -22.01 -13.23
CA VAL B 295 7.84 -20.62 -12.96
C VAL B 295 6.56 -19.84 -13.15
N ALA B 296 6.46 -18.69 -12.48
CA ALA B 296 5.27 -17.85 -12.62
C ALA B 296 5.41 -17.02 -13.90
N CYS B 297 4.86 -17.55 -14.99
CA CYS B 297 5.04 -16.98 -16.32
C CYS B 297 3.71 -16.94 -17.04
N ALA B 298 3.67 -16.25 -18.18
CA ALA B 298 2.47 -16.22 -18.99
C ALA B 298 2.84 -16.17 -20.47
N GLY B 299 2.01 -16.81 -21.28
CA GLY B 299 2.26 -16.90 -22.70
C GLY B 299 2.04 -18.29 -23.25
N SER B 300 2.10 -19.31 -22.41
CA SER B 300 2.03 -20.68 -22.94
C SER B 300 0.63 -21.02 -23.41
N ARG B 301 -0.39 -20.40 -22.82
CA ARG B 301 -1.78 -20.65 -23.19
C ARG B 301 -2.32 -19.36 -23.80
N LEU B 302 -2.38 -19.32 -25.13
CA LEU B 302 -2.74 -18.11 -25.85
C LEU B 302 -4.25 -18.08 -26.05
N LEU B 303 -4.89 -16.99 -25.61
CA LEU B 303 -6.32 -16.78 -25.79
C LEU B 303 -6.47 -15.51 -26.62
N VAL B 304 -6.90 -15.64 -27.87
CA VAL B 304 -6.94 -14.50 -28.78
CA VAL B 304 -6.94 -14.50 -28.78
C VAL B 304 -8.38 -14.24 -29.18
N GLN B 305 -8.80 -12.98 -29.12
CA GLN B 305 -10.16 -12.67 -29.53
C GLN B 305 -10.36 -12.95 -31.00
N GLU B 306 -11.57 -13.42 -31.36
CA GLU B 306 -11.82 -13.91 -32.70
C GLU B 306 -11.48 -12.87 -33.77
N GLY B 307 -11.79 -11.60 -33.50
CA GLY B 307 -11.62 -10.57 -34.51
C GLY B 307 -10.18 -10.38 -34.97
N ILE B 308 -9.21 -10.63 -34.09
CA ILE B 308 -7.81 -10.44 -34.44
C ILE B 308 -7.04 -11.74 -34.55
N ALA B 309 -7.70 -12.88 -34.35
CA ALA B 309 -6.98 -14.16 -34.24
C ALA B 309 -6.14 -14.45 -35.48
N ASP B 310 -6.69 -14.23 -36.68
CA ASP B 310 -5.95 -14.59 -37.89
C ASP B 310 -4.73 -13.70 -38.07
N VAL B 311 -4.91 -12.39 -37.94
CA VAL B 311 -3.78 -11.47 -38.07
C VAL B 311 -2.74 -11.72 -36.99
N PHE B 312 -3.20 -11.98 -35.76
CA PHE B 312 -2.26 -12.22 -34.67
C PHE B 312 -1.42 -13.46 -34.93
N HIS B 313 -2.07 -14.55 -35.35
CA HIS B 313 -1.32 -15.79 -35.60
C HIS B 313 -0.36 -15.62 -36.77
N ALA B 314 -0.79 -14.90 -37.81
CA ALA B 314 0.12 -14.67 -38.94
C ALA B 314 1.37 -13.91 -38.50
N LYS B 315 1.19 -12.88 -37.68
CA LYS B 315 2.35 -12.14 -37.19
C LYS B 315 3.19 -12.98 -36.25
N LEU B 316 2.53 -13.78 -35.41
CA LEU B 316 3.25 -14.65 -34.47
C LEU B 316 4.12 -15.66 -35.21
N ARG B 317 3.56 -16.31 -36.24
CA ARG B 317 4.36 -17.30 -36.99
C ARG B 317 5.57 -16.65 -37.65
N ALA B 318 5.38 -15.46 -38.23
CA ALA B 318 6.49 -14.76 -38.87
C ALA B 318 7.57 -14.39 -37.86
N ARG B 319 7.18 -13.93 -36.66
CA ARG B 319 8.17 -13.56 -35.66
C ARG B 319 8.86 -14.80 -35.11
N MET B 320 8.11 -15.90 -34.92
CA MET B 320 8.73 -17.15 -34.49
C MET B 320 9.81 -17.60 -35.46
N ASP B 321 9.58 -17.39 -36.77
CA ASP B 321 10.58 -17.78 -37.76
C ASP B 321 11.88 -17.01 -37.60
N SER B 322 11.84 -15.83 -37.00
CA SER B 322 13.06 -15.04 -36.81
C SER B 322 13.90 -15.51 -35.63
N LEU B 323 13.39 -16.40 -34.78
CA LEU B 323 14.14 -16.87 -33.62
C LEU B 323 15.30 -17.76 -34.06
N ARG B 324 16.47 -17.51 -33.49
CA ARG B 324 17.67 -18.24 -33.89
C ARG B 324 17.91 -19.36 -32.89
N ILE B 325 18.11 -20.58 -33.41
CA ILE B 325 18.29 -21.79 -32.61
C ILE B 325 19.71 -22.27 -32.79
N GLY B 326 20.38 -22.61 -31.69
CA GLY B 326 21.74 -23.14 -31.83
C GLY B 326 22.53 -23.00 -30.54
N ASP B 327 23.84 -22.92 -30.72
CA ASP B 327 24.84 -22.88 -29.65
C ASP B 327 24.46 -21.84 -28.61
N PRO B 328 24.06 -22.25 -27.40
CA PRO B 328 23.63 -21.24 -26.42
C PRO B 328 24.74 -20.32 -25.94
N LEU B 329 26.01 -20.63 -26.21
CA LEU B 329 27.08 -19.69 -25.90
C LEU B 329 27.19 -18.54 -26.88
N ASP B 330 26.47 -18.59 -28.00
CA ASP B 330 26.44 -17.49 -28.96
C ASP B 330 25.40 -16.47 -28.48
N LYS B 331 25.84 -15.22 -28.28
CA LYS B 331 24.95 -14.18 -27.79
C LYS B 331 23.81 -13.84 -28.74
N CYS B 332 23.89 -14.26 -30.00
CA CYS B 332 22.81 -14.00 -30.96
C CYS B 332 21.72 -15.05 -30.94
N ILE B 333 21.84 -16.05 -30.10
CA ILE B 333 20.94 -17.20 -30.10
C ILE B 333 19.75 -16.92 -29.20
N ASP B 334 18.55 -17.30 -29.65
CA ASP B 334 17.31 -17.11 -28.91
C ASP B 334 16.77 -18.39 -28.30
N ILE B 335 17.02 -19.54 -28.92
CA ILE B 335 16.47 -20.83 -28.51
C ILE B 335 17.66 -21.72 -28.25
N GLY B 336 17.84 -22.14 -27.00
CA GLY B 336 18.98 -22.95 -26.61
C GLY B 336 18.70 -24.43 -26.69
N ALA B 337 19.48 -25.19 -25.92
CA ALA B 337 19.33 -26.64 -25.86
C ALA B 337 18.33 -27.01 -24.78
N MET B 338 17.54 -28.04 -25.05
CA MET B 338 16.69 -28.58 -23.99
C MET B 338 17.57 -29.08 -22.87
N VAL B 339 17.05 -28.97 -21.63
CA VAL B 339 17.88 -29.13 -20.42
C VAL B 339 18.46 -30.53 -20.30
N HIS B 340 17.77 -31.53 -20.82
CA HIS B 340 18.11 -32.92 -20.58
C HIS B 340 17.35 -33.76 -21.59
N PRO B 341 17.90 -34.89 -22.02
CA PRO B 341 17.13 -35.77 -22.91
C PRO B 341 15.77 -36.17 -22.37
N ASP B 342 15.61 -36.27 -21.04
CA ASP B 342 14.29 -36.59 -20.49
C ASP B 342 13.28 -35.50 -20.80
N GLN B 343 13.73 -34.24 -20.83
CA GLN B 343 12.81 -33.14 -21.12
C GLN B 343 12.49 -33.08 -22.61
N LEU B 344 13.49 -33.34 -23.45
CA LEU B 344 13.23 -33.48 -24.88
C LEU B 344 12.20 -34.57 -25.14
N ALA B 345 12.31 -35.71 -24.44
CA ALA B 345 11.33 -36.76 -24.62
C ALA B 345 9.94 -36.29 -24.17
N ARG B 346 9.88 -35.54 -23.07
CA ARG B 346 8.60 -35.01 -22.60
C ARG B 346 7.93 -34.17 -23.67
N VAL B 347 8.65 -33.27 -24.32
CA VAL B 347 8.00 -32.41 -25.31
C VAL B 347 7.60 -33.22 -26.53
N ARG B 348 8.49 -34.09 -27.02
CA ARG B 348 8.15 -34.93 -28.17
CA ARG B 348 8.15 -34.93 -28.17
C ARG B 348 6.91 -35.78 -27.88
N ASP B 349 6.81 -36.31 -26.65
CA ASP B 349 5.69 -37.18 -26.32
C ASP B 349 4.39 -36.39 -26.23
N MET B 350 4.44 -35.19 -25.65
CA MET B 350 3.29 -34.30 -25.61
C MET B 350 2.78 -34.01 -27.02
N VAL B 351 3.67 -33.62 -27.91
CA VAL B 351 3.28 -33.34 -29.29
C VAL B 351 2.72 -34.60 -29.95
N ALA B 352 3.33 -35.77 -29.70
CA ALA B 352 2.84 -37.00 -30.29
C ALA B 352 1.44 -37.36 -29.79
N ALA B 353 1.12 -37.00 -28.55
CA ALA B 353 -0.17 -37.35 -27.96
C ALA B 353 -1.30 -36.46 -28.46
N ASN B 354 -0.98 -35.27 -28.97
CA ASN B 354 -2.01 -34.33 -29.41
C ASN B 354 -2.52 -34.72 -30.78
N THR B 355 -3.85 -34.71 -30.94
CA THR B 355 -4.46 -34.91 -32.24
C THR B 355 -5.26 -33.70 -32.72
N ASP B 356 -5.41 -32.67 -31.91
CA ASP B 356 -6.25 -31.52 -32.24
C ASP B 356 -5.41 -30.35 -32.75
N GLY B 357 -6.08 -29.48 -33.50
CA GLY B 357 -5.45 -28.24 -33.90
C GLY B 357 -4.43 -28.40 -35.02
N GLU B 358 -3.58 -27.39 -35.11
CA GLU B 358 -2.64 -27.22 -36.21
C GLU B 358 -1.28 -26.92 -35.62
N VAL B 359 -0.27 -27.71 -35.99
CA VAL B 359 1.08 -27.57 -35.42
C VAL B 359 1.93 -26.77 -36.38
N TYR B 360 2.54 -25.71 -35.86
CA TYR B 360 3.50 -24.91 -36.62
C TYR B 360 4.83 -24.98 -35.88
N GLN B 361 5.87 -25.45 -36.57
CA GLN B 361 7.22 -25.48 -36.02
C GLN B 361 8.18 -24.80 -36.97
N THR B 362 9.13 -24.05 -36.41
CA THR B 362 9.99 -23.21 -37.24
C THR B 362 11.17 -23.97 -37.83
N ALA B 363 11.46 -25.17 -37.35
CA ALA B 363 12.53 -25.98 -37.87
C ALA B 363 12.23 -27.44 -37.53
N VAL B 364 13.00 -28.32 -38.13
CA VAL B 364 12.93 -29.74 -37.77
C VAL B 364 13.69 -29.95 -36.46
N PRO B 365 13.13 -30.67 -35.49
CA PRO B 365 13.89 -31.01 -34.29
C PRO B 365 15.17 -31.74 -34.64
N ALA B 366 16.25 -31.44 -33.91
CA ALA B 366 17.56 -31.99 -34.25
C ALA B 366 18.42 -32.02 -32.99
N GLY B 367 18.92 -33.20 -32.61
CA GLY B 367 19.77 -33.29 -31.45
C GLY B 367 19.04 -32.83 -30.20
N CYS B 368 19.75 -32.06 -29.37
CA CYS B 368 19.19 -31.52 -28.13
C CYS B 368 18.32 -30.29 -28.36
N TYR B 369 17.97 -29.95 -29.60
CA TYR B 369 17.29 -28.70 -29.92
C TYR B 369 15.86 -28.99 -30.35
N TYR B 370 14.90 -28.48 -29.58
CA TYR B 370 13.51 -28.58 -30.03
C TYR B 370 13.04 -27.21 -30.49
N PRO B 371 12.32 -27.12 -31.62
CA PRO B 371 12.01 -25.81 -32.20
C PRO B 371 10.82 -25.14 -31.52
N PRO B 372 10.77 -23.81 -31.56
CA PRO B 372 9.54 -23.09 -31.20
C PRO B 372 8.34 -23.66 -31.93
N THR B 373 7.27 -23.91 -31.19
CA THR B 373 6.13 -24.64 -31.69
C THR B 373 4.85 -23.93 -31.25
N LEU B 374 3.94 -23.72 -32.21
CA LEU B 374 2.63 -23.15 -31.95
C LEU B 374 1.60 -24.19 -32.36
N ILE B 375 0.73 -24.55 -31.43
CA ILE B 375 -0.39 -25.45 -31.70
C ILE B 375 -1.65 -24.61 -31.58
N SER B 376 -2.26 -24.30 -32.72
CA SER B 376 -3.38 -23.37 -32.76
C SER B 376 -4.66 -24.08 -33.19
N GLY B 377 -5.77 -23.34 -33.14
CA GLY B 377 -7.03 -23.90 -33.56
C GLY B 377 -7.65 -24.88 -32.58
N LEU B 378 -7.21 -24.85 -31.32
CA LEU B 378 -7.74 -25.75 -30.31
C LEU B 378 -9.07 -25.23 -29.79
N ALA B 379 -9.92 -26.16 -29.35
CA ALA B 379 -11.15 -25.76 -28.68
C ALA B 379 -10.83 -25.36 -27.25
N PRO B 380 -11.65 -24.49 -26.64
CA PRO B 380 -11.38 -24.07 -25.27
C PRO B 380 -11.27 -25.20 -24.25
N ALA B 381 -11.79 -26.39 -24.56
CA ALA B 381 -11.74 -27.53 -23.65
C ALA B 381 -10.93 -28.67 -24.24
N SER B 382 -9.81 -28.35 -24.87
CA SER B 382 -8.88 -29.26 -25.51
C SER B 382 -7.86 -29.79 -24.51
N PRO B 383 -7.39 -31.02 -24.71
CA PRO B 383 -6.37 -31.57 -23.80
C PRO B 383 -5.18 -30.64 -23.61
N LEU B 384 -4.70 -29.99 -24.66
CA LEU B 384 -3.54 -29.14 -24.53
C LEU B 384 -3.85 -27.85 -23.79
N MET B 385 -5.08 -27.33 -23.92
CA MET B 385 -5.39 -26.05 -23.27
C MET B 385 -5.34 -26.17 -21.75
N GLN B 386 -5.62 -27.36 -21.21
CA GLN B 386 -5.69 -27.57 -19.77
C GLN B 386 -4.57 -28.44 -19.20
N GLN B 387 -3.95 -29.29 -20.00
CA GLN B 387 -2.94 -30.19 -19.47
C GLN B 387 -1.58 -29.50 -19.41
N GLU B 388 -0.60 -30.21 -18.87
CA GLU B 388 0.72 -29.66 -18.66
C GLU B 388 1.42 -29.40 -19.99
N ILE B 389 2.25 -28.36 -20.02
CA ILE B 389 2.96 -27.98 -21.23
C ILE B 389 4.45 -28.18 -21.02
N PHE B 390 5.12 -28.76 -22.02
CA PHE B 390 6.54 -28.97 -21.99
C PHE B 390 7.17 -28.32 -23.22
N GLY B 391 8.39 -27.84 -23.05
CA GLY B 391 9.18 -27.35 -24.16
C GLY B 391 8.81 -25.95 -24.57
N PRO B 392 9.42 -25.48 -25.65
CA PRO B 392 9.12 -24.15 -26.20
C PRO B 392 7.85 -24.16 -27.05
N VAL B 393 6.72 -24.45 -26.40
CA VAL B 393 5.46 -24.74 -27.07
C VAL B 393 4.36 -23.80 -26.55
N LEU B 394 3.64 -23.18 -27.48
CA LEU B 394 2.47 -22.36 -27.18
C LEU B 394 1.25 -23.10 -27.70
N VAL B 395 0.15 -23.03 -26.96
CA VAL B 395 -1.12 -23.60 -27.40
C VAL B 395 -2.17 -22.48 -27.40
N SER B 396 -3.04 -22.46 -28.41
CA SER B 396 -3.90 -21.30 -28.58
C SER B 396 -5.34 -21.69 -28.88
N THR B 397 -6.26 -20.89 -28.35
CA THR B 397 -7.67 -20.97 -28.68
C THR B 397 -8.18 -19.55 -28.85
N THR B 398 -9.43 -19.41 -29.31
CA THR B 398 -10.03 -18.10 -29.48
C THR B 398 -11.18 -17.90 -28.50
N PHE B 399 -11.59 -16.63 -28.37
CA PHE B 399 -12.75 -16.29 -27.56
C PHE B 399 -13.55 -15.20 -28.25
N ARG B 400 -14.83 -15.16 -27.95
CA ARG B 400 -15.72 -14.19 -28.59
C ARG B 400 -15.88 -12.91 -27.80
N THR B 401 -16.02 -13.01 -26.48
CA THR B 401 -16.26 -11.88 -25.60
C THR B 401 -15.25 -11.92 -24.46
N PRO B 402 -14.98 -10.77 -23.84
CA PRO B 402 -14.09 -10.79 -22.66
C PRO B 402 -14.58 -11.70 -21.56
N ALA B 403 -15.90 -11.79 -21.34
CA ALA B 403 -16.42 -12.73 -20.35
C ALA B 403 -16.03 -14.17 -20.70
N GLU B 404 -16.05 -14.51 -21.99
CA GLU B 404 -15.63 -15.84 -22.41
C GLU B 404 -14.13 -16.03 -22.19
N ALA B 405 -13.33 -14.99 -22.43
CA ALA B 405 -11.90 -15.09 -22.14
C ALA B 405 -11.67 -15.42 -20.67
N VAL B 406 -12.42 -14.77 -19.78
CA VAL B 406 -12.25 -15.01 -18.35
C VAL B 406 -12.63 -16.45 -18.01
N GLU B 407 -13.74 -16.93 -18.56
CA GLU B 407 -14.17 -18.30 -18.32
C GLU B 407 -13.10 -19.29 -18.77
N ILE B 408 -12.54 -19.09 -19.96
CA ILE B 408 -11.53 -20.01 -20.49
C ILE B 408 -10.28 -19.95 -19.64
N ALA B 409 -9.82 -18.74 -19.34
CA ALA B 409 -8.58 -18.57 -18.58
C ALA B 409 -8.68 -19.19 -17.20
N ASN B 410 -9.87 -19.15 -16.60
CA ASN B 410 -10.08 -19.69 -15.26
C ASN B 410 -10.52 -21.15 -15.26
N ASN B 411 -10.63 -21.78 -16.43
CA ASN B 411 -11.12 -23.16 -16.52
C ASN B 411 -9.98 -24.15 -16.31
N THR B 412 -9.26 -24.00 -15.20
CA THR B 412 -8.11 -24.82 -14.89
C THR B 412 -8.07 -25.01 -13.39
N ALA B 413 -7.31 -26.01 -12.97
CA ALA B 413 -7.05 -26.20 -11.55
C ALA B 413 -6.00 -25.24 -11.03
N TYR B 414 -5.41 -24.43 -11.91
CA TYR B 414 -4.29 -23.58 -11.55
C TYR B 414 -4.70 -22.12 -11.39
N GLY B 415 -3.74 -21.33 -10.89
CA GLY B 415 -3.89 -19.90 -10.83
C GLY B 415 -2.58 -19.31 -10.37
N LEU B 416 -1.70 -18.96 -11.31
CA LEU B 416 -0.38 -18.45 -10.97
C LEU B 416 -0.23 -17.10 -11.62
N ALA B 417 0.37 -17.00 -12.79
CA ALA B 417 0.50 -15.73 -13.50
C ALA B 417 -0.40 -15.72 -14.73
N ALA B 418 -0.69 -14.51 -15.21
CA ALA B 418 -1.52 -14.30 -16.39
C ALA B 418 -1.17 -12.94 -16.98
N SER B 419 -1.42 -12.80 -18.28
CA SER B 419 -1.15 -11.56 -19.02
C SER B 419 -2.41 -11.15 -19.78
N VAL B 420 -2.69 -9.85 -19.81
CA VAL B 420 -3.84 -9.30 -20.51
C VAL B 420 -3.39 -8.15 -21.39
N TRP B 421 -3.79 -8.17 -22.67
CA TRP B 421 -3.38 -7.16 -23.64
C TRP B 421 -4.61 -6.44 -24.18
N SER B 422 -4.68 -5.14 -23.93
CA SER B 422 -5.72 -4.30 -24.50
C SER B 422 -5.23 -2.87 -24.37
N GLU B 423 -5.53 -2.06 -25.37
CA GLU B 423 -5.16 -0.66 -25.29
C GLU B 423 -6.16 0.16 -24.48
N ASN B 424 -7.34 -0.39 -24.19
CA ASN B 424 -8.41 0.37 -23.53
C ASN B 424 -8.25 0.33 -22.00
N VAL B 425 -8.37 1.50 -21.37
CA VAL B 425 -8.14 1.59 -19.92
C VAL B 425 -9.19 0.81 -19.15
N ASN B 426 -10.43 0.79 -19.62
CA ASN B 426 -11.47 0.08 -18.87
C ASN B 426 -11.31 -1.43 -18.99
N LEU B 427 -11.15 -1.93 -20.22
CA LEU B 427 -11.14 -3.37 -20.44
C LEU B 427 -9.98 -4.03 -19.71
N ALA B 428 -8.79 -3.45 -19.82
CA ALA B 428 -7.60 -4.07 -19.23
C ALA B 428 -7.74 -4.16 -17.72
N LEU B 429 -8.13 -3.07 -17.08
CA LEU B 429 -8.29 -3.05 -15.63
C LEU B 429 -9.58 -3.72 -15.16
N ASP B 430 -10.52 -3.99 -16.07
CA ASP B 430 -11.69 -4.79 -15.71
C ASP B 430 -11.39 -6.28 -15.75
N LEU B 431 -10.59 -6.72 -16.73
CA LEU B 431 -10.27 -8.15 -16.86
C LEU B 431 -9.36 -8.62 -15.76
N ALA B 432 -8.34 -7.83 -15.40
CA ALA B 432 -7.31 -8.29 -14.47
C ALA B 432 -7.85 -8.83 -13.15
N PRO B 433 -8.72 -8.13 -12.40
CA PRO B 433 -9.22 -8.71 -11.14
C PRO B 433 -10.06 -9.95 -11.34
N LYS B 434 -10.63 -10.16 -12.52
CA LYS B 434 -11.49 -11.32 -12.74
C LYS B 434 -10.72 -12.60 -12.97
N LEU B 435 -9.43 -12.51 -13.27
CA LEU B 435 -8.61 -13.69 -13.49
C LEU B 435 -8.18 -14.31 -12.17
N VAL B 436 -8.26 -15.64 -12.10
CA VAL B 436 -7.78 -16.37 -10.93
C VAL B 436 -6.27 -16.52 -11.07
N ALA B 437 -5.51 -15.82 -10.23
CA ALA B 437 -4.08 -15.67 -10.46
C ALA B 437 -3.50 -14.92 -9.27
N GLY B 438 -2.22 -15.14 -9.04
CA GLY B 438 -1.48 -14.33 -8.08
C GLY B 438 -0.72 -13.20 -8.72
N ILE B 439 -0.54 -13.24 -10.05
CA ILE B 439 0.13 -12.17 -10.78
C ILE B 439 -0.64 -11.93 -12.07
N VAL B 440 -0.95 -10.66 -12.37
CA VAL B 440 -1.50 -10.31 -13.68
C VAL B 440 -0.70 -9.15 -14.25
N TRP B 441 -0.16 -9.33 -15.46
CA TRP B 441 0.56 -8.27 -16.17
C TRP B 441 -0.35 -7.68 -17.24
N ILE B 442 -0.49 -6.36 -17.23
CA ILE B 442 -1.22 -5.63 -18.27
C ILE B 442 -0.22 -5.17 -19.31
N ASN B 443 -0.45 -5.55 -20.57
CA ASN B 443 0.41 -5.15 -21.70
C ASN B 443 1.88 -5.48 -21.45
N GLY B 444 2.11 -6.66 -20.90
CA GLY B 444 3.45 -7.20 -20.73
C GLY B 444 3.32 -8.62 -20.27
N THR B 445 4.48 -9.28 -20.13
CA THR B 445 4.48 -10.61 -19.53
C THR B 445 5.83 -10.85 -18.88
N ASN B 446 5.83 -11.74 -17.88
CA ASN B 446 7.05 -12.22 -17.26
C ASN B 446 7.87 -11.09 -16.64
N MET B 447 7.18 -10.07 -16.14
CA MET B 447 7.83 -8.97 -15.45
C MET B 447 8.08 -9.37 -14.00
N MET B 448 9.32 -9.26 -13.55
CA MET B 448 9.72 -9.74 -12.23
C MET B 448 10.57 -8.70 -11.52
N ASP B 449 10.31 -8.51 -10.23
CA ASP B 449 11.15 -7.64 -9.41
C ASP B 449 11.15 -8.13 -7.97
N ALA B 450 12.29 -7.90 -7.31
CA ALA B 450 12.47 -8.35 -5.92
C ALA B 450 11.40 -7.78 -4.99
N ALA B 451 10.84 -6.62 -5.31
CA ALA B 451 9.85 -6.00 -4.44
C ALA B 451 8.42 -6.44 -4.73
N ALA B 452 8.18 -7.13 -5.85
CA ALA B 452 6.85 -7.50 -6.27
C ALA B 452 6.60 -8.97 -5.96
N PRO B 453 5.66 -9.30 -5.09
CA PRO B 453 5.48 -10.71 -4.70
C PRO B 453 4.85 -11.52 -5.82
N PHE B 454 5.20 -12.81 -5.85
CA PHE B 454 4.61 -13.74 -6.80
C PHE B 454 4.31 -15.05 -6.12
N GLY B 455 3.21 -15.68 -6.52
CA GLY B 455 2.80 -16.93 -5.92
C GLY B 455 1.42 -17.29 -6.44
N GLY B 456 0.97 -18.48 -6.05
CA GLY B 456 -0.21 -19.07 -6.64
C GLY B 456 -1.41 -19.14 -5.71
N VAL B 457 -2.55 -19.45 -6.34
CA VAL B 457 -3.76 -19.89 -5.64
C VAL B 457 -4.16 -21.24 -6.22
N ARG B 458 -5.26 -21.82 -5.73
CA ARG B 458 -5.70 -23.13 -6.19
C ARG B 458 -4.51 -24.11 -6.19
N GLU B 459 -4.36 -24.91 -7.25
CA GLU B 459 -3.33 -25.92 -7.26
C GLU B 459 -1.97 -25.40 -7.71
N SER B 460 -1.85 -24.09 -7.94
CA SER B 460 -0.53 -23.52 -8.13
C SER B 460 0.22 -23.30 -6.82
N GLY B 461 -0.39 -23.63 -5.69
CA GLY B 461 0.32 -23.56 -4.43
C GLY B 461 -0.15 -22.47 -3.50
N PHE B 462 0.74 -22.03 -2.61
CA PHE B 462 0.41 -20.99 -1.65
C PHE B 462 1.69 -20.36 -1.13
N GLY B 463 1.56 -19.18 -0.52
CA GLY B 463 2.69 -18.38 -0.15
C GLY B 463 3.11 -17.45 -1.28
N ARG B 464 3.93 -16.47 -0.93
CA ARG B 464 4.40 -15.47 -1.87
C ARG B 464 5.89 -15.25 -1.68
N GLU B 465 6.58 -15.04 -2.80
CA GLU B 465 8.02 -14.79 -2.80
C GLU B 465 8.29 -13.40 -3.36
N GLY B 466 9.07 -12.63 -2.62
CA GLY B 466 9.35 -11.25 -2.99
C GLY B 466 8.58 -10.27 -2.12
N GLY B 467 9.17 -9.09 -1.93
CA GLY B 467 8.52 -7.98 -1.26
C GLY B 467 8.35 -8.16 0.24
N TRP B 468 7.78 -7.12 0.84
CA TRP B 468 7.37 -7.21 2.25
C TRP B 468 6.47 -8.42 2.45
N GLU B 469 5.62 -8.70 1.46
CA GLU B 469 4.62 -9.76 1.55
C GLU B 469 5.26 -11.15 1.65
N GLY B 470 6.46 -11.32 1.09
CA GLY B 470 7.12 -12.62 1.18
C GLY B 470 7.78 -12.90 2.51
N LEU B 471 7.91 -11.89 3.38
CA LEU B 471 8.68 -12.09 4.61
C LEU B 471 7.89 -12.83 5.66
N ALA B 472 6.56 -12.71 5.67
CA ALA B 472 5.76 -13.40 6.69
C ALA B 472 6.01 -14.90 6.67
N GLY B 473 6.19 -15.46 5.48
CA GLY B 473 6.42 -16.89 5.34
C GLY B 473 7.78 -17.36 5.81
N TYR B 474 8.69 -16.44 6.14
CA TYR B 474 9.99 -16.78 6.71
C TYR B 474 10.10 -16.37 8.17
N THR B 475 8.98 -16.06 8.81
CA THR B 475 8.98 -15.62 10.20
C THR B 475 7.84 -16.29 10.96
N ARG B 476 7.89 -16.14 12.27
CA ARG B 476 6.86 -16.58 13.20
C ARG B 476 6.60 -15.41 14.12
N PRO B 477 5.48 -15.40 14.83
CA PRO B 477 5.28 -14.39 15.87
C PRO B 477 6.40 -14.45 16.90
N ALA B 478 6.91 -13.27 17.28
CA ALA B 478 7.97 -13.23 18.28
C ALA B 478 7.47 -13.69 19.64
N ILE B 479 6.20 -13.45 19.95
CA ILE B 479 5.58 -13.88 21.20
C ILE B 479 4.71 -15.09 20.89
N ALA B 480 5.00 -16.23 21.51
CA ALA B 480 4.24 -17.44 21.23
C ALA B 480 2.85 -17.33 21.83
N THR B 481 1.85 -17.82 21.10
CA THR B 481 0.54 -18.07 21.68
C THR B 481 0.36 -19.57 21.83
N LYS B 482 -0.46 -19.96 22.79
CA LYS B 482 -0.72 -21.37 23.07
C LYS B 482 -2.22 -21.61 22.97
N SER B 483 -2.60 -22.64 22.22
CA SER B 483 -4.00 -22.99 22.10
C SER B 483 -4.48 -23.57 23.43
N PRO B 484 -5.70 -23.25 23.87
CA PRO B 484 -6.19 -23.86 25.11
C PRO B 484 -6.35 -25.36 24.94
N ALA B 485 -6.24 -26.07 26.06
CA ALA B 485 -6.43 -27.50 26.05
C ALA B 485 -7.87 -27.83 25.68
N ALA B 486 -8.05 -28.99 25.03
CA ALA B 486 -9.39 -29.48 24.78
C ALA B 486 -10.15 -29.64 26.10
N VAL B 487 -11.47 -29.54 26.02
CA VAL B 487 -12.36 -29.67 27.17
C VAL B 487 -13.40 -30.75 26.86
N ALA B 488 -13.52 -31.73 27.74
CA ALA B 488 -14.52 -32.77 27.55
C ALA B 488 -15.89 -32.23 27.93
N ALA B 489 -16.89 -32.53 27.10
CA ALA B 489 -18.25 -32.13 27.40
C ALA B 489 -18.68 -32.69 28.75
N TYR B 490 -19.46 -31.90 29.48
CA TYR B 490 -20.01 -32.40 30.73
C TYR B 490 -21.05 -33.48 30.47
N THR B 491 -21.20 -34.37 31.44
CA THR B 491 -22.13 -35.49 31.37
C THR B 491 -23.30 -35.25 32.32
N GLY B 492 -24.33 -36.08 32.16
CA GLY B 492 -25.54 -35.94 32.94
C GLY B 492 -26.36 -37.20 32.86
N ASP B 493 -27.48 -37.20 33.59
CA ASP B 493 -28.22 -38.45 33.81
C ASP B 493 -28.84 -38.98 32.51
N GLY B 494 -29.42 -38.10 31.71
CA GLY B 494 -30.05 -38.49 30.47
C GLY B 494 -31.57 -38.41 30.44
N ALA B 495 -32.18 -37.66 31.34
CA ALA B 495 -33.63 -37.58 31.38
C ALA B 495 -34.16 -36.86 30.14
N ALA B 496 -35.42 -37.13 29.81
CA ALA B 496 -36.05 -36.52 28.65
C ALA B 496 -36.47 -35.10 28.97
N ASP B 497 -36.43 -34.25 27.93
CA ASP B 497 -36.74 -32.83 28.06
C ASP B 497 -38.17 -32.61 27.59
N GLY B 498 -39.03 -32.16 28.51
CA GLY B 498 -40.41 -31.85 28.14
C GLY B 498 -40.58 -30.56 27.37
N LEU B 499 -39.52 -29.75 27.27
CA LEU B 499 -39.52 -28.50 26.55
C LEU B 499 -38.73 -28.65 25.24
N ASP B 500 -38.97 -27.72 24.32
CA ASP B 500 -38.31 -27.72 23.02
C ASP B 500 -37.03 -26.92 23.13
N ARG B 501 -35.92 -27.61 23.36
CA ARG B 501 -34.61 -26.97 23.54
C ARG B 501 -33.53 -27.63 22.70
N THR B 502 -33.90 -28.17 21.55
CA THR B 502 -32.95 -28.83 20.65
C THR B 502 -32.55 -27.82 19.58
N ALA B 503 -31.30 -27.38 19.64
CA ALA B 503 -30.78 -26.46 18.63
C ALA B 503 -30.50 -27.21 17.33
N LYS B 504 -30.45 -26.46 16.24
CA LYS B 504 -30.25 -26.99 14.90
C LYS B 504 -28.96 -26.45 14.30
N LEU B 505 -28.84 -26.50 12.97
CA LEU B 505 -27.72 -25.94 12.24
C LEU B 505 -28.18 -24.65 11.56
N TYR B 506 -27.22 -23.86 11.10
CA TYR B 506 -27.52 -22.60 10.40
C TYR B 506 -26.79 -22.63 9.07
N ILE B 507 -27.55 -22.80 7.99
CA ILE B 507 -26.98 -22.97 6.65
C ILE B 507 -27.81 -22.17 5.67
N GLY B 508 -27.16 -21.36 4.84
CA GLY B 508 -27.88 -20.68 3.77
C GLY B 508 -28.96 -19.75 4.24
N GLY B 509 -28.72 -19.02 5.32
CA GLY B 509 -29.68 -18.04 5.78
C GLY B 509 -30.83 -18.57 6.59
N LYS B 510 -30.82 -19.86 6.93
CA LYS B 510 -31.93 -20.37 7.75
C LYS B 510 -31.46 -21.56 8.57
N GLN B 511 -32.23 -21.84 9.62
CA GLN B 511 -31.93 -23.00 10.44
C GLN B 511 -32.33 -24.27 9.69
N THR B 512 -31.59 -25.35 9.93
CA THR B 512 -31.91 -26.60 9.27
C THR B 512 -31.62 -27.76 10.21
N ARG B 513 -32.39 -28.84 10.03
CA ARG B 513 -32.17 -30.05 10.80
C ARG B 513 -30.86 -30.72 10.35
N PRO B 514 -30.16 -31.41 11.25
CA PRO B 514 -29.00 -32.18 10.82
C PRO B 514 -29.45 -33.33 9.92
N ASP B 515 -28.74 -33.51 8.80
CA ASP B 515 -29.09 -34.57 7.85
C ASP B 515 -29.14 -35.93 8.53
N GLY B 516 -28.22 -36.19 9.46
CA GLY B 516 -28.16 -37.48 10.12
C GLY B 516 -29.23 -37.68 11.18
N GLY B 517 -29.88 -36.61 11.62
CA GLY B 517 -31.00 -36.69 12.54
C GLY B 517 -30.64 -36.75 14.00
N TYR B 518 -29.36 -36.79 14.36
CA TYR B 518 -28.98 -37.00 15.74
C TYR B 518 -28.61 -35.70 16.43
N SER B 519 -28.95 -35.63 17.71
CA SER B 519 -28.49 -34.55 18.59
CA SER B 519 -28.50 -34.55 18.59
C SER B 519 -28.03 -35.18 19.88
N ARG B 520 -27.12 -34.47 20.58
CA ARG B 520 -26.65 -34.92 21.87
C ARG B 520 -27.16 -33.98 22.96
N ALA B 521 -27.38 -34.52 24.15
CA ALA B 521 -27.72 -33.68 25.29
C ALA B 521 -26.51 -32.85 25.72
N VAL B 522 -26.78 -31.61 26.11
CA VAL B 522 -25.77 -30.69 26.62
C VAL B 522 -26.04 -30.47 28.10
N TYR B 523 -25.03 -30.69 28.94
CA TYR B 523 -25.19 -30.54 30.38
C TYR B 523 -24.25 -29.48 30.91
N GLY B 524 -24.64 -28.85 32.01
CA GLY B 524 -23.78 -27.95 32.73
C GLY B 524 -22.84 -28.68 33.65
N PRO B 525 -22.00 -27.90 34.34
CA PRO B 525 -20.93 -28.51 35.15
C PRO B 525 -21.42 -29.40 36.27
N LYS B 526 -22.64 -29.18 36.77
CA LYS B 526 -23.20 -30.00 37.83
C LYS B 526 -24.23 -31.00 37.33
N GLY B 527 -24.36 -31.17 36.02
CA GLY B 527 -25.23 -32.18 35.45
C GLY B 527 -26.61 -31.72 35.05
N LYS B 528 -26.90 -30.42 35.11
CA LYS B 528 -28.19 -29.91 34.70
C LYS B 528 -28.33 -30.00 33.18
N LEU B 529 -29.44 -30.55 32.70
CA LEU B 529 -29.69 -30.59 31.27
C LEU B 529 -29.97 -29.18 30.76
N LEU B 530 -29.14 -28.70 29.83
CA LEU B 530 -29.33 -27.37 29.26
C LEU B 530 -30.08 -27.37 27.95
N GLY B 531 -30.07 -28.48 27.24
CA GLY B 531 -30.66 -28.56 25.91
C GLY B 531 -29.95 -29.64 25.12
N HIS B 532 -30.24 -29.64 23.82
CA HIS B 532 -29.62 -30.58 22.89
C HIS B 532 -29.03 -29.80 21.72
N ALA B 533 -27.96 -30.36 21.14
CA ALA B 533 -27.31 -29.76 19.98
C ALA B 533 -27.14 -30.81 18.89
N SER B 534 -27.31 -30.40 17.64
CA SER B 534 -27.24 -31.32 16.52
C SER B 534 -25.84 -31.88 16.32
N LEU B 535 -25.78 -33.11 15.80
CA LEU B 535 -24.52 -33.72 15.35
C LEU B 535 -24.50 -33.63 13.82
N SER B 536 -23.72 -32.68 13.31
CA SER B 536 -23.61 -32.45 11.88
CA SER B 536 -23.66 -32.49 11.87
C SER B 536 -22.84 -33.59 11.21
N ASN B 537 -23.03 -33.73 9.91
CA ASN B 537 -22.39 -34.79 9.15
C ASN B 537 -21.87 -34.22 7.83
N ARG B 538 -21.35 -35.11 6.97
CA ARG B 538 -20.72 -34.65 5.74
C ARG B 538 -21.73 -34.04 4.79
N LYS B 539 -22.96 -34.55 4.80
CA LYS B 539 -24.01 -33.97 3.98
C LYS B 539 -24.34 -32.54 4.43
N ASP B 540 -24.37 -32.29 5.74
CA ASP B 540 -24.58 -30.92 6.20
C ASP B 540 -23.47 -30.01 5.69
N LEU B 541 -22.23 -30.49 5.74
CA LEU B 541 -21.11 -29.71 5.20
C LEU B 541 -21.32 -29.44 3.71
N ARG B 542 -21.75 -30.46 2.96
CA ARG B 542 -22.02 -30.29 1.53
C ARG B 542 -23.05 -29.20 1.29
N ASN B 543 -24.13 -29.23 2.08
CA ASN B 543 -25.15 -28.20 1.98
C ASN B 543 -24.60 -26.82 2.32
N ALA B 544 -23.71 -26.74 3.32
CA ALA B 544 -23.10 -25.47 3.64
C ALA B 544 -22.20 -24.96 2.51
N VAL B 545 -21.44 -25.86 1.87
CA VAL B 545 -20.59 -25.45 0.77
C VAL B 545 -21.43 -24.95 -0.39
N GLU B 546 -22.52 -25.66 -0.71
CA GLU B 546 -23.43 -25.18 -1.74
C GLU B 546 -23.97 -23.80 -1.39
N ALA B 547 -24.26 -23.56 -0.10
CA ALA B 547 -24.78 -22.25 0.27
C ALA B 547 -23.70 -21.18 0.12
N MET B 548 -22.45 -21.52 0.44
CA MET B 548 -21.37 -20.56 0.23
C MET B 548 -21.15 -20.28 -1.26
N ASN B 549 -21.37 -21.27 -2.12
CA ASN B 549 -21.26 -21.02 -3.55
C ASN B 549 -22.34 -20.07 -4.02
N ALA B 550 -23.57 -20.23 -3.51
CA ALA B 550 -24.64 -19.30 -3.88
C ALA B 550 -24.36 -17.88 -3.41
N ALA B 551 -23.49 -17.72 -2.41
CA ALA B 551 -23.15 -16.42 -1.84
C ALA B 551 -21.85 -15.85 -2.41
N SER B 552 -21.46 -16.27 -3.61
CA SER B 552 -20.20 -15.78 -4.19
C SER B 552 -20.20 -14.26 -4.35
N GLY B 553 -21.38 -13.64 -4.47
CA GLY B 553 -21.42 -12.19 -4.59
C GLY B 553 -20.85 -11.46 -3.39
N TRP B 554 -20.83 -12.11 -2.22
CA TRP B 554 -20.25 -11.50 -1.04
C TRP B 554 -18.80 -11.14 -1.27
N SER B 555 -18.07 -11.98 -2.04
CA SER B 555 -16.66 -11.76 -2.30
C SER B 555 -16.41 -10.61 -3.27
N ARG B 556 -17.46 -10.03 -3.84
CA ARG B 556 -17.33 -8.87 -4.72
C ARG B 556 -17.96 -7.60 -4.16
N THR B 557 -18.37 -7.61 -2.89
CA THR B 557 -18.96 -6.46 -2.24
C THR B 557 -17.88 -5.41 -1.91
N THR B 558 -18.34 -4.20 -1.58
CA THR B 558 -17.43 -3.17 -1.11
C THR B 558 -17.05 -3.40 0.36
N GLY B 559 -15.87 -2.90 0.74
CA GLY B 559 -15.52 -2.90 2.15
C GLY B 559 -16.54 -2.17 3.02
N HIS B 560 -17.09 -1.07 2.50
CA HIS B 560 -18.09 -0.31 3.25
C HIS B 560 -19.30 -1.17 3.59
N LEU B 561 -19.80 -1.94 2.62
CA LEU B 561 -20.96 -2.79 2.88
C LEU B 561 -20.64 -3.82 3.94
N ARG B 562 -19.48 -4.47 3.83
CA ARG B 562 -19.14 -5.50 4.80
C ARG B 562 -18.96 -4.91 6.19
N ALA B 563 -18.34 -3.73 6.28
CA ALA B 563 -18.23 -3.03 7.56
C ALA B 563 -19.60 -2.82 8.19
N GLN B 564 -20.57 -2.36 7.40
CA GLN B 564 -21.91 -2.12 7.93
C GLN B 564 -22.52 -3.38 8.52
N ILE B 565 -22.35 -4.52 7.86
CA ILE B 565 -22.90 -5.78 8.35
C ILE B 565 -22.24 -6.17 9.66
N LEU B 566 -20.92 -6.08 9.71
CA LEU B 566 -20.19 -6.41 10.93
C LEU B 566 -20.58 -5.48 12.07
N TYR B 567 -20.76 -4.18 11.78
CA TYR B 567 -21.25 -3.26 12.80
C TYR B 567 -22.61 -3.69 13.34
N PHE B 568 -23.49 -4.16 12.46
CA PHE B 568 -24.80 -4.64 12.90
C PHE B 568 -24.66 -5.85 13.81
N ILE B 569 -23.80 -6.80 13.44
CA ILE B 569 -23.60 -7.99 14.26
C ILE B 569 -23.13 -7.57 15.66
N GLY B 570 -22.15 -6.68 15.71
CA GLY B 570 -21.66 -6.19 16.98
C GLY B 570 -22.73 -5.51 17.80
N GLU B 571 -23.57 -4.70 17.15
CA GLU B 571 -24.64 -4.02 17.87
C GLU B 571 -25.69 -5.01 18.37
N ASN B 572 -26.03 -6.01 17.54
CA ASN B 572 -27.08 -6.95 17.94
C ASN B 572 -26.59 -7.93 18.98
N LEU B 573 -25.30 -8.31 18.96
CA LEU B 573 -24.76 -9.06 20.09
C LEU B 573 -24.77 -8.22 21.36
N SER B 574 -24.41 -6.94 21.25
CA SER B 574 -24.42 -6.05 22.42
CA SER B 574 -24.42 -6.07 22.43
C SER B 574 -25.81 -6.01 23.06
N ALA B 575 -26.85 -5.93 22.23
CA ALA B 575 -28.21 -5.87 22.74
C ALA B 575 -28.60 -7.12 23.52
N ARG B 576 -27.93 -8.24 23.29
CA ARG B 576 -28.22 -9.48 24.01
C ARG B 576 -27.05 -9.90 24.89
N ALA B 577 -26.26 -8.93 25.36
CA ALA B 577 -25.01 -9.25 26.06
C ALA B 577 -25.25 -10.09 27.30
N ASP B 578 -26.24 -9.71 28.12
CA ASP B 578 -26.51 -10.47 29.34
C ASP B 578 -26.93 -11.89 29.04
N GLU B 579 -27.79 -12.07 28.04
CA GLU B 579 -28.24 -13.39 27.66
C GLU B 579 -27.07 -14.28 27.26
N PHE B 580 -26.14 -13.77 26.47
CA PHE B 580 -24.99 -14.57 26.06
C PHE B 580 -24.07 -14.88 27.23
N ALA B 581 -23.87 -13.91 28.14
CA ALA B 581 -23.05 -14.19 29.30
C ALA B 581 -23.69 -15.27 30.15
N ASN B 582 -25.01 -15.23 30.29
CA ASN B 582 -25.73 -16.24 31.07
C ASN B 582 -25.62 -17.62 30.43
N ARG B 583 -25.70 -17.70 29.11
CA ARG B 583 -25.55 -18.99 28.44
C ARG B 583 -24.15 -19.57 28.64
N ILE B 584 -23.14 -18.71 28.56
CA ILE B 584 -21.76 -19.16 28.77
C ILE B 584 -21.60 -19.68 30.19
N LYS B 585 -22.16 -18.96 31.18
CA LYS B 585 -22.02 -19.41 32.55
C LYS B 585 -22.78 -20.69 32.81
N ASP B 586 -23.96 -20.84 32.20
CA ASP B 586 -24.71 -22.09 32.31
C ASP B 586 -23.86 -23.27 31.84
N MET B 587 -23.14 -23.10 30.73
CA MET B 587 -22.39 -24.20 30.14
C MET B 587 -21.07 -24.46 30.84
N THR B 588 -20.39 -23.40 31.32
CA THR B 588 -19.02 -23.54 31.82
C THR B 588 -18.89 -23.38 33.32
N GLY B 589 -19.89 -22.83 33.99
CA GLY B 589 -19.78 -22.50 35.39
C GLY B 589 -18.98 -21.24 35.68
N LYS B 590 -18.49 -20.56 34.66
CA LYS B 590 -17.68 -19.35 34.83
C LYS B 590 -18.39 -18.16 34.21
N ASP B 591 -18.26 -17.01 34.86
CA ASP B 591 -18.92 -15.79 34.39
C ASP B 591 -18.53 -15.50 32.94
N GLY B 592 -19.52 -15.13 32.13
CA GLY B 592 -19.33 -14.90 30.72
C GLY B 592 -19.21 -13.47 30.26
N LYS B 593 -19.25 -12.49 31.17
CA LYS B 593 -19.31 -11.10 30.76
C LYS B 593 -18.07 -10.67 29.98
N ALA B 594 -16.87 -11.01 30.47
CA ALA B 594 -15.66 -10.59 29.78
C ALA B 594 -15.54 -11.24 28.41
N GLU B 595 -15.97 -12.50 28.29
CA GLU B 595 -15.94 -13.16 26.99
C GLU B 595 -16.89 -12.49 26.01
N VAL B 596 -18.06 -12.07 26.47
CA VAL B 596 -19.00 -11.38 25.60
C VAL B 596 -18.45 -10.02 25.20
N ALA B 597 -17.86 -9.29 26.15
CA ALA B 597 -17.27 -7.99 25.81
C ALA B 597 -16.16 -8.13 24.79
N ALA B 598 -15.29 -9.13 24.94
CA ALA B 598 -14.24 -9.37 23.96
C ALA B 598 -14.82 -9.70 22.60
N SER B 599 -15.90 -10.48 22.57
CA SER B 599 -16.50 -10.87 21.29
C SER B 599 -17.03 -9.65 20.56
N ILE B 600 -17.68 -8.74 21.30
CA ILE B 600 -18.14 -7.49 20.71
C ILE B 600 -16.95 -6.69 20.19
N ASP B 601 -15.85 -6.66 20.95
CA ASP B 601 -14.67 -5.93 20.50
C ASP B 601 -14.12 -6.53 19.21
N ARG B 602 -14.06 -7.86 19.09
CA ARG B 602 -13.57 -8.49 17.87
C ARG B 602 -14.43 -8.10 16.68
N LEU B 603 -15.76 -8.03 16.87
CA LEU B 603 -16.66 -7.65 15.79
C LEU B 603 -16.40 -6.21 15.36
N PHE B 604 -16.25 -5.30 16.31
CA PHE B 604 -15.99 -3.91 15.96
C PHE B 604 -14.60 -3.71 15.34
N SER B 605 -13.61 -4.51 15.74
CA SER B 605 -12.29 -4.44 15.10
C SER B 605 -12.36 -4.95 13.66
N ALA B 606 -13.13 -6.03 13.43
CA ALA B 606 -13.28 -6.54 12.07
C ALA B 606 -14.08 -5.56 11.22
N ALA B 607 -15.13 -4.97 11.78
CA ALA B 607 -15.86 -3.93 11.06
C ALA B 607 -14.92 -2.80 10.66
N ALA B 608 -14.06 -2.39 11.58
CA ALA B 608 -13.10 -1.32 11.30
C ALA B 608 -12.20 -1.68 10.13
N TRP B 609 -11.69 -2.92 10.12
CA TRP B 609 -10.72 -3.34 9.11
C TRP B 609 -11.34 -3.57 7.74
N ALA B 610 -12.66 -3.78 7.66
CA ALA B 610 -13.24 -4.29 6.42
C ALA B 610 -12.94 -3.40 5.22
N ASP B 611 -12.80 -2.09 5.43
CA ASP B 611 -12.49 -1.16 4.34
C ASP B 611 -11.15 -0.44 4.53
N LYS B 612 -10.21 -1.08 5.24
CA LYS B 612 -8.94 -0.47 5.60
C LYS B 612 -7.72 -1.37 5.40
N TYR B 613 -7.87 -2.56 4.84
CA TYR B 613 -6.75 -3.50 4.69
C TYR B 613 -6.19 -3.28 3.29
N ASP B 614 -5.28 -2.33 3.17
CA ASP B 614 -4.96 -1.76 1.86
C ASP B 614 -3.93 -2.63 1.14
N GLY B 615 -4.07 -2.68 -0.20
CA GLY B 615 -3.02 -3.20 -1.04
C GLY B 615 -1.81 -2.27 -1.04
N GLN B 616 -0.69 -2.76 -1.58
CA GLN B 616 0.58 -2.04 -1.51
C GLN B 616 1.13 -1.79 -2.91
N VAL B 617 1.50 -0.53 -3.19
CA VAL B 617 2.00 -0.13 -4.50
C VAL B 617 3.52 -0.25 -4.49
N LYS B 618 4.07 -1.02 -5.42
CA LYS B 618 5.50 -1.25 -5.53
C LYS B 618 6.08 -0.41 -6.66
N GLY B 619 7.01 0.47 -6.32
CA GLY B 619 7.88 1.03 -7.34
C GLY B 619 8.80 -0.07 -7.81
N VAL B 620 8.93 -0.19 -9.13
CA VAL B 620 9.78 -1.22 -9.72
C VAL B 620 10.69 -0.54 -10.72
N PRO B 621 11.90 -1.04 -10.93
CA PRO B 621 12.81 -0.44 -11.90
C PRO B 621 12.44 -0.76 -13.34
N LEU B 622 11.35 -1.47 -13.55
CA LEU B 622 10.83 -1.80 -14.86
C LEU B 622 9.77 -0.77 -15.26
N ARG B 623 9.05 -1.06 -16.33
CA ARG B 623 7.95 -0.21 -16.76
C ARG B 623 6.83 -0.23 -15.73
N GLY B 624 6.37 0.95 -15.31
CA GLY B 624 5.13 1.01 -14.55
C GLY B 624 5.30 0.73 -13.06
N VAL B 625 4.23 0.22 -12.46
CA VAL B 625 4.16 -0.08 -11.03
C VAL B 625 3.49 -1.43 -10.87
N ALA B 626 3.74 -2.06 -9.73
CA ALA B 626 3.12 -3.33 -9.41
C ALA B 626 2.20 -3.10 -8.22
N LEU B 627 0.93 -3.46 -8.37
CA LEU B 627 -0.08 -3.23 -7.33
C LEU B 627 -0.33 -4.56 -6.63
N ALA B 628 0.23 -4.72 -5.43
CA ALA B 628 0.06 -5.96 -4.66
C ALA B 628 -1.26 -5.82 -3.89
N MET B 629 -2.34 -6.21 -4.53
N MET B 629 -2.34 -6.23 -4.55
CA MET B 629 -3.67 -6.01 -3.97
CA MET B 629 -3.70 -6.10 -4.04
C MET B 629 -4.07 -7.18 -3.10
C MET B 629 -4.00 -7.19 -3.02
N LYS B 630 -4.99 -6.91 -2.17
CA LYS B 630 -5.56 -7.90 -1.27
C LYS B 630 -6.88 -8.36 -1.86
N GLU B 631 -7.09 -9.68 -1.92
CA GLU B 631 -8.32 -10.28 -2.40
CA GLU B 631 -8.35 -10.26 -2.37
C GLU B 631 -8.77 -11.34 -1.40
N PRO B 632 -10.05 -11.71 -1.40
CA PRO B 632 -10.50 -12.79 -0.52
C PRO B 632 -9.88 -14.12 -0.92
N VAL B 633 -9.72 -14.99 0.07
CA VAL B 633 -9.38 -16.39 -0.19
C VAL B 633 -10.55 -17.10 -0.86
N GLY B 634 -11.77 -16.81 -0.43
CA GLY B 634 -12.95 -17.42 -1.02
C GLY B 634 -13.84 -18.03 0.04
N LYS B 635 -13.82 -19.36 0.12
CA LYS B 635 -14.65 -20.14 1.03
C LYS B 635 -13.73 -20.84 2.02
N ILE B 636 -13.98 -20.62 3.31
CA ILE B 636 -13.12 -21.13 4.38
C ILE B 636 -13.95 -22.01 5.30
N GLY B 637 -13.46 -23.21 5.58
CA GLY B 637 -14.03 -24.06 6.62
C GLY B 637 -13.19 -23.92 7.87
N ILE B 638 -13.87 -23.74 9.00
CA ILE B 638 -13.21 -23.38 10.26
C ILE B 638 -13.71 -24.29 11.36
N LEU B 639 -12.78 -24.87 12.14
CA LEU B 639 -13.15 -25.65 13.32
C LEU B 639 -12.67 -24.90 14.55
N CYS B 640 -13.64 -24.55 15.46
CA CYS B 640 -13.41 -23.68 16.62
C CYS B 640 -12.96 -24.49 17.83
N PRO B 641 -12.18 -23.90 18.73
CA PRO B 641 -11.77 -24.63 19.93
C PRO B 641 -12.94 -24.89 20.87
N ASP B 642 -12.73 -25.84 21.79
CA ASP B 642 -13.72 -26.08 22.84
C ASP B 642 -13.89 -24.83 23.70
N ALA B 643 -12.79 -24.27 24.17
CA ALA B 643 -12.83 -23.13 25.06
C ALA B 643 -13.35 -21.89 24.32
N ALA B 644 -13.88 -20.94 25.10
CA ALA B 644 -14.44 -19.70 24.58
C ALA B 644 -15.57 -20.02 23.60
N PRO B 645 -16.71 -20.51 24.10
CA PRO B 645 -17.78 -20.99 23.20
C PRO B 645 -18.32 -19.92 22.27
N LEU B 646 -18.31 -18.66 22.69
CA LEU B 646 -18.69 -17.55 21.81
C LEU B 646 -17.49 -16.87 21.18
N LEU B 647 -16.48 -16.53 21.97
CA LEU B 647 -15.37 -15.72 21.50
C LEU B 647 -14.53 -16.45 20.46
N GLY B 648 -14.37 -17.76 20.59
CA GLY B 648 -13.62 -18.50 19.59
C GLY B 648 -14.28 -18.45 18.23
N LEU B 649 -15.60 -18.66 18.21
CA LEU B 649 -16.35 -18.59 16.96
C LEU B 649 -16.32 -17.19 16.37
N VAL B 650 -16.63 -16.18 17.18
CA VAL B 650 -16.72 -14.81 16.67
C VAL B 650 -15.36 -14.33 16.18
N SER B 651 -14.29 -14.68 16.91
CA SER B 651 -12.94 -14.22 16.57
C SER B 651 -12.47 -14.75 15.23
N LEU B 652 -12.89 -15.95 14.86
CA LEU B 652 -12.47 -16.50 13.58
C LEU B 652 -13.40 -16.05 12.46
N MET B 653 -14.71 -15.98 12.77
CA MET B 653 -15.71 -15.58 11.79
C MET B 653 -15.51 -14.14 11.33
N ALA B 654 -15.34 -13.22 12.30
CA ALA B 654 -15.45 -11.80 12.00
C ALA B 654 -14.38 -11.29 11.04
N PRO B 655 -13.08 -11.48 11.28
CA PRO B 655 -12.10 -11.01 10.29
C PRO B 655 -12.21 -11.73 8.97
N ALA B 656 -12.66 -13.00 8.99
CA ALA B 656 -12.77 -13.73 7.74
C ALA B 656 -13.84 -13.10 6.84
N ILE B 657 -15.03 -12.83 7.39
CA ILE B 657 -16.05 -12.23 6.52
C ILE B 657 -15.73 -10.78 6.21
N ALA B 658 -14.99 -10.10 7.10
CA ALA B 658 -14.63 -8.70 6.84
C ALA B 658 -13.80 -8.57 5.58
N MET B 659 -12.99 -9.58 5.28
CA MET B 659 -12.13 -9.59 4.11
C MET B 659 -12.84 -10.15 2.89
N GLY B 660 -14.14 -10.42 2.98
CA GLY B 660 -14.88 -10.84 1.82
C GLY B 660 -14.99 -12.33 1.61
N ASN B 661 -14.63 -13.14 2.59
CA ASN B 661 -14.79 -14.58 2.46
C ASN B 661 -16.17 -15.00 2.97
N ARG B 662 -16.60 -16.17 2.53
CA ARG B 662 -17.71 -16.88 3.15
C ARG B 662 -17.15 -18.02 3.98
N VAL B 663 -17.82 -18.34 5.07
CA VAL B 663 -17.26 -19.26 6.06
C VAL B 663 -18.31 -20.27 6.50
N THR B 664 -17.81 -21.46 6.84
CA THR B 664 -18.57 -22.48 7.55
C THR B 664 -17.78 -22.85 8.79
N LEU B 665 -18.36 -22.63 9.97
CA LEU B 665 -17.68 -22.85 11.24
C LEU B 665 -18.28 -24.05 11.95
N ALA B 666 -17.42 -24.95 12.43
CA ALA B 666 -17.82 -25.97 13.39
C ALA B 666 -17.59 -25.38 14.77
N ALA B 667 -18.69 -25.09 15.47
CA ALA B 667 -18.64 -24.46 16.78
C ALA B 667 -18.01 -25.38 17.81
N SER B 668 -17.66 -24.79 18.95
CA SER B 668 -17.13 -25.52 20.10
C SER B 668 -17.86 -26.85 20.31
N GLU B 669 -17.11 -27.95 20.21
CA GLU B 669 -17.73 -29.26 20.40
C GLU B 669 -18.28 -29.41 21.82
N ALA B 670 -17.51 -28.96 22.82
CA ALA B 670 -17.93 -29.12 24.21
C ALA B 670 -19.10 -28.22 24.57
N PHE B 671 -19.14 -27.00 24.01
CA PHE B 671 -20.05 -25.95 24.48
C PHE B 671 -20.76 -25.28 23.31
N PRO B 672 -21.65 -26.00 22.62
CA PRO B 672 -22.18 -25.48 21.35
C PRO B 672 -23.27 -24.43 21.47
N LEU B 673 -23.87 -24.20 22.63
CA LEU B 673 -25.13 -23.46 22.68
C LEU B 673 -24.97 -21.95 22.58
N ALA B 674 -23.78 -21.40 22.80
CA ALA B 674 -23.59 -19.98 22.52
C ALA B 674 -23.65 -19.72 21.03
N ALA B 675 -23.03 -20.59 20.23
CA ALA B 675 -23.08 -20.43 18.78
C ALA B 675 -24.49 -20.58 18.25
N THR B 676 -25.28 -21.49 18.81
CA THR B 676 -26.64 -21.65 18.29
C THR B 676 -27.51 -20.46 18.69
N ASP B 677 -27.30 -19.88 19.88
CA ASP B 677 -27.95 -18.62 20.22
C ASP B 677 -27.54 -17.51 19.26
N PHE B 678 -26.35 -17.61 18.67
CA PHE B 678 -25.85 -16.58 17.76
C PHE B 678 -26.59 -16.58 16.42
N TYR B 679 -27.30 -17.65 16.08
CA TYR B 679 -28.05 -17.68 14.81
C TYR B 679 -28.99 -16.49 14.72
N GLN B 680 -29.68 -16.17 15.81
CA GLN B 680 -30.60 -15.03 15.81
C GLN B 680 -29.86 -13.73 15.53
N VAL B 681 -28.65 -13.59 16.05
CA VAL B 681 -27.87 -12.38 15.81
C VAL B 681 -27.55 -12.24 14.33
N LEU B 682 -27.16 -13.34 13.69
CA LEU B 682 -26.89 -13.31 12.25
C LEU B 682 -28.14 -12.88 11.48
N ASP B 683 -29.30 -13.46 11.83
CA ASP B 683 -30.55 -13.14 11.14
CA ASP B 683 -30.55 -13.14 11.14
C ASP B 683 -30.92 -11.67 11.33
N THR B 684 -30.87 -11.19 12.58
CA THR B 684 -31.25 -9.81 12.87
C THR B 684 -30.31 -8.82 12.20
N SER B 685 -29.07 -9.23 11.94
CA SER B 685 -28.07 -8.36 11.35
C SER B 685 -28.07 -8.38 9.82
N ASP B 686 -28.99 -9.12 9.20
CA ASP B 686 -29.08 -9.19 7.73
C ASP B 686 -27.79 -9.70 7.09
N VAL B 687 -27.16 -10.69 7.72
CA VAL B 687 -26.01 -11.33 7.11
C VAL B 687 -26.53 -12.08 5.89
N PRO B 688 -26.02 -11.82 4.69
CA PRO B 688 -26.56 -12.50 3.51
C PRO B 688 -26.44 -14.01 3.64
N ALA B 689 -27.43 -14.70 3.08
CA ALA B 689 -27.49 -16.15 3.16
C ALA B 689 -26.22 -16.78 2.61
N GLY B 690 -25.66 -17.74 3.35
CA GLY B 690 -24.50 -18.46 2.90
C GLY B 690 -23.17 -17.82 3.25
N VAL B 691 -23.17 -16.59 3.74
CA VAL B 691 -21.93 -15.92 4.11
C VAL B 691 -21.37 -16.49 5.42
N VAL B 692 -22.24 -16.77 6.39
CA VAL B 692 -21.87 -17.42 7.65
C VAL B 692 -22.76 -18.65 7.80
N ASN B 693 -22.14 -19.82 7.89
CA ASN B 693 -22.86 -21.05 8.17
C ASN B 693 -22.23 -21.71 9.37
N ILE B 694 -23.05 -22.30 10.24
CA ILE B 694 -22.55 -22.85 11.49
C ILE B 694 -23.03 -24.30 11.64
N LEU B 695 -22.09 -25.20 11.92
CA LEU B 695 -22.36 -26.59 12.23
C LEU B 695 -21.96 -26.86 13.68
N THR B 696 -22.71 -27.73 14.34
CA THR B 696 -22.35 -28.20 15.67
C THR B 696 -22.09 -29.70 15.58
N GLY B 697 -21.35 -30.21 16.56
CA GLY B 697 -21.19 -31.65 16.64
C GLY B 697 -19.75 -32.04 16.86
N ALA B 698 -19.44 -33.28 16.54
CA ALA B 698 -18.15 -33.86 16.87
C ALA B 698 -17.13 -33.53 15.79
N HIS B 699 -16.04 -32.88 16.18
CA HIS B 699 -15.03 -32.50 15.19
C HIS B 699 -14.30 -33.69 14.59
N ALA B 700 -14.31 -34.85 15.28
CA ALA B 700 -13.79 -36.06 14.66
C ALA B 700 -14.60 -36.46 13.43
N ASP B 701 -15.87 -36.04 13.36
CA ASP B 701 -16.70 -36.32 12.19
C ASP B 701 -16.44 -35.31 11.08
N LEU B 702 -15.98 -34.11 11.42
CA LEU B 702 -15.99 -33.01 10.47
C LEU B 702 -14.62 -32.58 9.98
N ALA B 703 -13.55 -32.85 10.73
CA ALA B 703 -12.25 -32.30 10.40
C ALA B 703 -11.76 -32.78 9.05
N GLU B 704 -11.75 -34.10 8.83
CA GLU B 704 -11.30 -34.61 7.53
C GLU B 704 -12.19 -34.18 6.38
N PRO B 705 -13.53 -34.26 6.46
CA PRO B 705 -14.36 -33.78 5.36
C PRO B 705 -14.13 -32.32 5.03
N MET B 706 -13.95 -31.47 6.03
CA MET B 706 -13.70 -30.06 5.73
C MET B 706 -12.32 -29.88 5.08
N ALA B 707 -11.30 -30.59 5.57
CA ALA B 707 -9.97 -30.40 5.01
C ALA B 707 -9.86 -31.01 3.61
N ARG B 708 -10.64 -32.05 3.35
CA ARG B 708 -10.57 -32.70 2.05
C ARG B 708 -11.36 -31.94 0.99
N HIS B 709 -12.41 -31.22 1.40
CA HIS B 709 -13.42 -30.76 0.44
C HIS B 709 -12.79 -30.00 -0.71
N LEU B 710 -13.06 -30.48 -1.92
CA LEU B 710 -12.43 -29.89 -3.10
C LEU B 710 -13.02 -28.53 -3.47
N ASP B 711 -14.12 -28.11 -2.84
CA ASP B 711 -14.74 -26.81 -3.15
C ASP B 711 -14.49 -25.78 -2.04
N LEU B 712 -13.58 -26.07 -1.11
CA LEU B 712 -13.14 -25.11 -0.11
C LEU B 712 -11.73 -24.61 -0.45
N ASP B 713 -11.53 -23.31 -0.24
CA ASP B 713 -10.26 -22.68 -0.56
C ASP B 713 -9.28 -22.67 0.61
N ALA B 714 -9.78 -22.84 1.84
CA ALA B 714 -8.89 -22.90 2.99
C ALA B 714 -9.60 -23.67 4.10
N VAL B 715 -8.80 -24.26 4.98
CA VAL B 715 -9.32 -24.91 6.17
C VAL B 715 -8.53 -24.40 7.38
N TRP B 716 -9.23 -23.91 8.40
CA TRP B 716 -8.61 -23.48 9.64
C TRP B 716 -9.06 -24.47 10.71
N GLY B 717 -8.13 -25.29 11.18
CA GLY B 717 -8.45 -26.26 12.21
C GLY B 717 -7.86 -25.84 13.53
N LEU B 718 -8.65 -25.21 14.39
CA LEU B 718 -8.13 -24.72 15.67
C LEU B 718 -8.57 -25.58 16.85
N SER B 719 -9.01 -26.81 16.58
CA SER B 719 -9.38 -27.74 17.64
C SER B 719 -8.58 -29.04 17.57
N GLY B 720 -7.40 -29.02 16.95
CA GLY B 720 -6.62 -30.24 16.81
C GLY B 720 -6.80 -30.88 15.44
N HIS B 721 -6.46 -32.16 15.38
CA HIS B 721 -6.53 -32.94 14.14
C HIS B 721 -5.57 -32.41 13.08
N ALA B 722 -4.42 -31.86 13.49
CA ALA B 722 -3.58 -31.13 12.55
C ALA B 722 -3.02 -32.04 11.45
N GLN B 723 -2.57 -33.25 11.80
CA GLN B 723 -2.03 -34.16 10.79
C GLN B 723 -3.09 -34.53 9.77
N VAL B 724 -4.28 -34.94 10.24
CA VAL B 724 -5.34 -35.33 9.33
C VAL B 724 -5.74 -34.15 8.45
N ILE B 725 -5.87 -32.95 9.03
CA ILE B 725 -6.28 -31.78 8.24
C ILE B 725 -5.22 -31.45 7.19
N GLU B 726 -3.96 -31.37 7.60
CA GLU B 726 -2.91 -30.97 6.67
C GLU B 726 -2.72 -32.01 5.56
N ALA B 727 -2.83 -33.31 5.88
CA ALA B 727 -2.69 -34.33 4.85
C ALA B 727 -3.86 -34.28 3.86
N ALA B 728 -5.07 -34.15 4.37
CA ALA B 728 -6.25 -34.10 3.49
C ALA B 728 -6.26 -32.85 2.62
N SER B 729 -5.68 -31.76 3.09
CA SER B 729 -5.68 -30.53 2.33
C SER B 729 -4.91 -30.66 1.02
N ALA B 730 -4.06 -31.69 0.89
CA ALA B 730 -3.30 -31.89 -0.33
C ALA B 730 -4.19 -32.20 -1.52
N GLY B 731 -5.44 -32.61 -1.29
CA GLY B 731 -6.34 -32.92 -2.40
C GLY B 731 -6.44 -31.80 -3.42
N ASN B 732 -6.77 -30.59 -2.96
CA ASN B 732 -6.78 -29.43 -3.84
C ASN B 732 -5.75 -28.38 -3.43
N LEU B 733 -4.83 -28.73 -2.53
CA LEU B 733 -3.79 -27.81 -2.07
C LEU B 733 -4.36 -26.51 -1.50
N LYS B 734 -5.55 -26.60 -0.89
CA LYS B 734 -6.09 -25.47 -0.18
C LYS B 734 -5.12 -25.01 0.91
N ARG B 735 -5.22 -23.72 1.24
CA ARG B 735 -4.45 -23.22 2.37
C ARG B 735 -4.97 -23.85 3.65
N SER B 736 -4.07 -24.02 4.62
CA SER B 736 -4.46 -24.59 5.90
C SER B 736 -3.76 -23.84 7.02
N TRP B 737 -4.48 -23.67 8.13
CA TRP B 737 -3.95 -23.07 9.34
C TRP B 737 -4.40 -23.95 10.49
N THR B 738 -3.45 -24.48 11.26
CA THR B 738 -3.79 -25.36 12.37
C THR B 738 -3.32 -24.79 13.71
N GLY B 739 -3.18 -23.48 13.78
CA GLY B 739 -2.88 -22.82 15.03
C GLY B 739 -1.41 -22.50 15.15
N PRO B 740 -0.97 -22.06 16.34
CA PRO B 740 -1.80 -21.94 17.55
C PRO B 740 -2.83 -20.81 17.50
N PHE B 741 -3.87 -20.95 18.31
CA PHE B 741 -4.92 -19.95 18.38
C PHE B 741 -5.43 -19.89 19.80
N ASP B 742 -5.28 -18.73 20.44
CA ASP B 742 -5.77 -18.50 21.79
C ASP B 742 -6.90 -17.49 21.66
N PRO B 743 -8.17 -17.88 21.84
CA PRO B 743 -9.27 -16.91 21.70
C PRO B 743 -9.14 -15.70 22.60
N ALA B 744 -8.47 -15.83 23.75
CA ALA B 744 -8.29 -14.68 24.63
C ALA B 744 -7.29 -13.67 24.09
N HIS B 745 -6.51 -14.04 23.07
CA HIS B 745 -5.53 -13.17 22.44
C HIS B 745 -6.19 -12.53 21.23
N ASP B 746 -5.92 -11.25 20.97
CA ASP B 746 -6.47 -10.59 19.79
C ASP B 746 -5.61 -10.97 18.59
N HIS B 747 -6.08 -11.95 17.81
CA HIS B 747 -5.39 -12.41 16.61
C HIS B 747 -5.83 -11.66 15.35
N THR B 748 -6.62 -10.59 15.48
CA THR B 748 -7.32 -10.01 14.32
C THR B 748 -6.39 -9.78 13.13
N ARG B 749 -5.29 -9.07 13.37
CA ARG B 749 -4.41 -8.67 12.27
C ARG B 749 -3.83 -9.89 11.56
N ASP B 750 -3.35 -10.88 12.33
CA ASP B 750 -2.84 -12.11 11.73
C ASP B 750 -3.92 -12.85 10.95
N ILE B 751 -5.16 -12.88 11.46
CA ILE B 751 -6.24 -13.57 10.76
C ILE B 751 -6.54 -12.91 9.41
N LEU B 752 -6.40 -11.58 9.32
CA LEU B 752 -6.60 -10.91 8.04
C LEU B 752 -5.67 -11.49 6.97
N SER B 753 -4.43 -11.81 7.37
CA SER B 753 -3.49 -12.41 6.43
C SER B 753 -3.91 -13.84 6.05
N HIS B 754 -4.37 -14.64 7.03
CA HIS B 754 -4.91 -15.96 6.70
C HIS B 754 -6.10 -15.87 5.76
N ALA B 755 -6.83 -14.75 5.81
CA ALA B 755 -8.10 -14.61 5.12
C ALA B 755 -7.97 -13.89 3.78
N THR B 756 -6.76 -13.57 3.33
CA THR B 756 -6.60 -12.84 2.07
C THR B 756 -5.52 -13.51 1.24
N GLU B 757 -5.60 -13.27 -0.07
CA GLU B 757 -4.56 -13.59 -1.02
C GLU B 757 -3.99 -12.27 -1.57
N VAL B 758 -2.73 -12.30 -1.94
CA VAL B 758 -2.10 -11.17 -2.61
C VAL B 758 -2.11 -11.44 -4.10
N LYS B 759 -2.72 -10.52 -4.86
CA LYS B 759 -2.72 -10.56 -6.31
C LYS B 759 -1.99 -9.32 -6.80
N THR B 760 -0.87 -9.50 -7.48
CA THR B 760 -0.04 -8.39 -7.90
C THR B 760 -0.35 -8.07 -9.36
N ILE B 761 -0.89 -6.88 -9.61
CA ILE B 761 -1.28 -6.43 -10.94
C ILE B 761 -0.25 -5.41 -11.41
N TRP B 762 0.40 -5.68 -12.53
CA TRP B 762 1.41 -4.77 -13.08
C TRP B 762 0.75 -3.88 -14.12
N VAL B 763 0.83 -2.57 -13.91
CA VAL B 763 0.15 -1.63 -14.80
C VAL B 763 1.16 -0.61 -15.33
N PRO B 764 0.94 -0.08 -16.53
CA PRO B 764 1.75 1.03 -17.02
C PRO B 764 1.68 2.21 -16.05
N TYR B 765 2.75 3.00 -16.03
CA TYR B 765 2.80 4.17 -15.16
C TYR B 765 3.96 5.06 -15.59
N GLY B 766 3.70 6.36 -15.69
CA GLY B 766 4.70 7.31 -16.17
C GLY B 766 5.64 7.89 -15.11
N ALA B 767 5.73 7.24 -13.96
CA ALA B 767 6.74 7.59 -12.96
C ALA B 767 7.31 6.32 -12.33
#